data_2YXC
# 
_entry.id   2YXC 
# 
_audit_conform.dict_name       mmcif_pdbx.dic 
_audit_conform.dict_version    5.409 
_audit_conform.dict_location   http://mmcif.pdb.org/dictionaries/ascii/mmcif_pdbx.dic 
# 
loop_
_database_2.database_id 
_database_2.database_code 
_database_2.pdbx_database_accession 
_database_2.pdbx_DOI 
PDB   2YXC         pdb_00002yxc 10.2210/pdb2yxc/pdb 
RCSB  RCSB027252   ?            ?                   
WWPDB D_1000027252 ?            ?                   
# 
loop_
_pdbx_audit_revision_history.ordinal 
_pdbx_audit_revision_history.data_content_type 
_pdbx_audit_revision_history.major_revision 
_pdbx_audit_revision_history.minor_revision 
_pdbx_audit_revision_history.revision_date 
_pdbx_audit_revision_history.part_number 
1 'Structure model' 1 0 2008-04-29 ? 
2 'Structure model' 1 1 2011-07-13 ? 
3 'Structure model' 1 2 2021-11-10 ? 
4 'Structure model' 1 3 2023-10-25 ? 
5 'Structure model' 1 4 2024-10-30 ? 
6 'Structure model' 2 0 2025-12-24 ? 
# 
_pdbx_audit_revision_details.ordinal             1 
_pdbx_audit_revision_details.revision_ordinal    1 
_pdbx_audit_revision_details.data_content_type   'Structure model' 
_pdbx_audit_revision_details.provider            repository 
_pdbx_audit_revision_details.type                'Initial release' 
_pdbx_audit_revision_details.description         ? 
_pdbx_audit_revision_details.details             ? 
# 
loop_
_pdbx_audit_revision_group.ordinal 
_pdbx_audit_revision_group.revision_ordinal 
_pdbx_audit_revision_group.data_content_type 
_pdbx_audit_revision_group.group 
1  2 'Structure model' 'Version format compliance' 
2  3 'Structure model' 'Database references'       
3  3 'Structure model' 'Derived calculations'      
4  4 'Structure model' 'Data collection'           
5  4 'Structure model' 'Refinement description'    
6  5 'Structure model' 'Structure summary'         
7  6 'Structure model' 'Atomic model'              
8  6 'Structure model' 'Data collection'           
9  6 'Structure model' 'Derived calculations'      
10 6 'Structure model' 'Non-polymer description'   
11 6 'Structure model' 'Structure summary'         
# 
loop_
_pdbx_audit_revision_category.ordinal 
_pdbx_audit_revision_category.revision_ordinal 
_pdbx_audit_revision_category.data_content_type 
_pdbx_audit_revision_category.category 
1  3 'Structure model' database_2                    
2  3 'Structure model' pdbx_struct_conn_angle        
3  3 'Structure model' struct_conn                   
4  3 'Structure model' struct_conn_type              
5  3 'Structure model' struct_ref_seq_dif            
6  3 'Structure model' struct_site                   
7  4 'Structure model' chem_comp_atom                
8  4 'Structure model' chem_comp_bond                
9  4 'Structure model' pdbx_initial_refinement_model 
10 5 'Structure model' pdbx_entry_details            
11 5 'Structure model' pdbx_modification_feature     
12 6 'Structure model' atom_site                     
13 6 'Structure model' chem_comp                     
14 6 'Structure model' chem_comp_atom                
15 6 'Structure model' chem_comp_bond                
16 6 'Structure model' entity                        
17 6 'Structure model' pdbx_entity_nonpoly           
18 6 'Structure model' pdbx_modification_feature     
19 6 'Structure model' pdbx_nonpoly_scheme           
20 6 'Structure model' pdbx_struct_conn_angle        
21 6 'Structure model' struct_conn                   
22 6 'Structure model' struct_site                   
# 
loop_
_pdbx_audit_revision_item.ordinal 
_pdbx_audit_revision_item.revision_ordinal 
_pdbx_audit_revision_item.data_content_type 
_pdbx_audit_revision_item.item 
1  3 'Structure model' '_database_2.pdbx_DOI'                        
2  3 'Structure model' '_database_2.pdbx_database_accession'         
3  3 'Structure model' '_pdbx_struct_conn_angle.ptnr1_auth_comp_id'  
4  3 'Structure model' '_pdbx_struct_conn_angle.ptnr1_auth_seq_id'   
5  3 'Structure model' '_pdbx_struct_conn_angle.ptnr1_label_asym_id' 
6  3 'Structure model' '_pdbx_struct_conn_angle.ptnr1_label_atom_id' 
7  3 'Structure model' '_pdbx_struct_conn_angle.ptnr1_label_comp_id' 
8  3 'Structure model' '_pdbx_struct_conn_angle.ptnr1_label_seq_id'  
9  3 'Structure model' '_pdbx_struct_conn_angle.ptnr2_auth_seq_id'   
10 3 'Structure model' '_pdbx_struct_conn_angle.ptnr2_label_asym_id' 
11 3 'Structure model' '_pdbx_struct_conn_angle.ptnr3_auth_comp_id'  
12 3 'Structure model' '_pdbx_struct_conn_angle.ptnr3_auth_seq_id'   
13 3 'Structure model' '_pdbx_struct_conn_angle.ptnr3_label_asym_id' 
14 3 'Structure model' '_pdbx_struct_conn_angle.ptnr3_label_atom_id' 
15 3 'Structure model' '_pdbx_struct_conn_angle.ptnr3_label_comp_id' 
16 3 'Structure model' '_pdbx_struct_conn_angle.ptnr3_label_seq_id'  
17 3 'Structure model' '_pdbx_struct_conn_angle.value'               
18 3 'Structure model' '_struct_conn.conn_type_id'                   
19 3 'Structure model' '_struct_conn.id'                             
20 3 'Structure model' '_struct_conn.pdbx_dist_value'                
21 3 'Structure model' '_struct_conn.pdbx_leaving_atom_flag'         
22 3 'Structure model' '_struct_conn.ptnr1_auth_comp_id'             
23 3 'Structure model' '_struct_conn.ptnr1_auth_seq_id'              
24 3 'Structure model' '_struct_conn.ptnr1_label_asym_id'            
25 3 'Structure model' '_struct_conn.ptnr1_label_atom_id'            
26 3 'Structure model' '_struct_conn.ptnr1_label_comp_id'            
27 3 'Structure model' '_struct_conn.ptnr1_label_seq_id'             
28 3 'Structure model' '_struct_conn.ptnr2_auth_comp_id'             
29 3 'Structure model' '_struct_conn.ptnr2_auth_seq_id'              
30 3 'Structure model' '_struct_conn.ptnr2_label_asym_id'            
31 3 'Structure model' '_struct_conn.ptnr2_label_atom_id'            
32 3 'Structure model' '_struct_conn.ptnr2_label_comp_id'            
33 3 'Structure model' '_struct_conn.ptnr2_label_seq_id'             
34 3 'Structure model' '_struct_conn_type.id'                        
35 3 'Structure model' '_struct_ref_seq_dif.details'                 
36 3 'Structure model' '_struct_site.pdbx_auth_asym_id'              
37 3 'Structure model' '_struct_site.pdbx_auth_comp_id'              
38 3 'Structure model' '_struct_site.pdbx_auth_seq_id'               
39 6 'Structure model' '_atom_site.B_iso_or_equiv'                   
40 6 'Structure model' '_atom_site.Cartn_x'                          
41 6 'Structure model' '_atom_site.Cartn_y'                          
42 6 'Structure model' '_atom_site.Cartn_z'                          
43 6 'Structure model' '_atom_site.auth_atom_id'                     
44 6 'Structure model' '_atom_site.auth_comp_id'                     
45 6 'Structure model' '_atom_site.label_atom_id'                    
46 6 'Structure model' '_atom_site.label_comp_id'                    
47 6 'Structure model' '_atom_site.type_symbol'                      
48 6 'Structure model' '_chem_comp.formula'                          
49 6 'Structure model' '_chem_comp.formula_weight'                   
50 6 'Structure model' '_chem_comp.id'                               
51 6 'Structure model' '_chem_comp.name'                             
52 6 'Structure model' '_chem_comp.pdbx_synonyms'                    
53 6 'Structure model' '_entity.formula_weight'                      
54 6 'Structure model' '_entity.pdbx_description'                    
55 6 'Structure model' '_pdbx_entity_nonpoly.comp_id'                
56 6 'Structure model' '_pdbx_entity_nonpoly.name'                   
57 6 'Structure model' '_pdbx_modification_feature.auth_comp_id'     
58 6 'Structure model' '_pdbx_modification_feature.label_comp_id'    
59 6 'Structure model' '_pdbx_modification_feature.ref_comp_id'      
60 6 'Structure model' '_pdbx_nonpoly_scheme.mon_id'                 
61 6 'Structure model' '_pdbx_nonpoly_scheme.pdb_mon_id'             
62 6 'Structure model' '_pdbx_struct_conn_angle.ptnr1_auth_comp_id'  
63 6 'Structure model' '_pdbx_struct_conn_angle.ptnr1_label_comp_id' 
64 6 'Structure model' '_pdbx_struct_conn_angle.ptnr2_auth_comp_id'  
65 6 'Structure model' '_pdbx_struct_conn_angle.ptnr2_label_comp_id' 
66 6 'Structure model' '_pdbx_struct_conn_angle.ptnr3_auth_comp_id'  
67 6 'Structure model' '_pdbx_struct_conn_angle.ptnr3_label_comp_id' 
68 6 'Structure model' '_struct_conn.ptnr2_auth_comp_id'             
69 6 'Structure model' '_struct_conn.ptnr2_label_comp_id'            
70 6 'Structure model' '_struct_site.details'                        
71 6 'Structure model' '_struct_site.pdbx_auth_comp_id'              
# 
_pdbx_database_status.status_code                     REL 
_pdbx_database_status.entry_id                        2YXC 
_pdbx_database_status.recvd_initial_deposition_date   2007-04-26 
_pdbx_database_status.deposit_site                    PDBJ 
_pdbx_database_status.process_site                    PDBJ 
_pdbx_database_status.status_code_sf                  REL 
_pdbx_database_status.status_code_mr                  ? 
_pdbx_database_status.SG_entry                        ? 
_pdbx_database_status.pdb_format_compatible           Y 
_pdbx_database_status.status_code_cs                  ? 
_pdbx_database_status.status_code_nmr_data            ? 
_pdbx_database_status.methods_development_category    ? 
# 
loop_
_audit_author.name 
_audit_author.pdbx_ordinal 
'Higuchi, Y.' 1 
'Komori, H.'  2 
# 
_citation.id                        primary 
_citation.title                     
'Strategic roles of axial histidines in structure formation and redox regulation of tetraheme cytochrome c3.' 
_citation.journal_abbrev            Biochemistry 
_citation.journal_volume            47 
_citation.page_first                9405 
_citation.page_last                 9415 
_citation.year                      2008 
_citation.journal_id_ASTM           BICHAW 
_citation.country                   US 
_citation.journal_id_ISSN           0006-2960 
_citation.journal_id_CSD            0033 
_citation.book_publisher            ? 
_citation.pdbx_database_id_PubMed   18702516 
_citation.pdbx_database_id_DOI      10.1021/bi8005708 
# 
loop_
_citation_author.citation_id 
_citation_author.name 
_citation_author.ordinal 
_citation_author.identifier_ORCID 
primary 'Takayama, Y.'  1 ? 
primary 'Werbeck, N.D.' 2 ? 
primary 'Komori, H.'    3 ? 
primary 'Morita, K.'    4 ? 
primary 'Ozawa, K.'     5 ? 
primary 'Higuchi, Y.'   6 ? 
primary 'Akutsu, H.'    7 ? 
# 
loop_
_entity.id 
_entity.type 
_entity.src_method 
_entity.pdbx_description 
_entity.formula_weight 
_entity.pdbx_number_of_molecules 
_entity.pdbx_ec 
_entity.pdbx_mutation 
_entity.pdbx_fragment 
_entity.details 
1 polymer     man 'Cytochrome c3' 11551.331 1   ? H25M ? ? 
2 non-polymer syn 'HEME C'        618.503   4   ? ?    ? ? 
3 water       nat water           18.015    208 ? ?    ? ? 
# 
_entity_poly.entity_id                      1 
_entity_poly.type                           'polypeptide(L)' 
_entity_poly.nstd_linkage                   no 
_entity_poly.nstd_monomer                   no 
_entity_poly.pdbx_seq_one_letter_code       
;APKAPADGLKMDKTKQPVVFNHSTMKAVKCGDCHHPVNGKEDYQKCATAGCHDNMDKKDKSAKGYYHAMHDKGTKFKSCV
GCHLETAGADAAKKKELTGCKGSKCHS
;
_entity_poly.pdbx_seq_one_letter_code_can   
;APKAPADGLKMDKTKQPVVFNHSTMKAVKCGDCHHPVNGKEDYQKCATAGCHDNMDKKDKSAKGYYHAMHDKGTKFKSCV
GCHLETAGADAAKKKELTGCKGSKCHS
;
_entity_poly.pdbx_strand_id                 A 
_entity_poly.pdbx_target_identifier         ? 
# 
loop_
_pdbx_entity_nonpoly.entity_id 
_pdbx_entity_nonpoly.name 
_pdbx_entity_nonpoly.comp_id 
2 'HEME C' HEC 
3 water    HOH 
# 
loop_
_entity_poly_seq.entity_id 
_entity_poly_seq.num 
_entity_poly_seq.mon_id 
_entity_poly_seq.hetero 
1 1   ALA n 
1 2   PRO n 
1 3   LYS n 
1 4   ALA n 
1 5   PRO n 
1 6   ALA n 
1 7   ASP n 
1 8   GLY n 
1 9   LEU n 
1 10  LYS n 
1 11  MET n 
1 12  ASP n 
1 13  LYS n 
1 14  THR n 
1 15  LYS n 
1 16  GLN n 
1 17  PRO n 
1 18  VAL n 
1 19  VAL n 
1 20  PHE n 
1 21  ASN n 
1 22  HIS n 
1 23  SER n 
1 24  THR n 
1 25  MET n 
1 26  LYS n 
1 27  ALA n 
1 28  VAL n 
1 29  LYS n 
1 30  CYS n 
1 31  GLY n 
1 32  ASP n 
1 33  CYS n 
1 34  HIS n 
1 35  HIS n 
1 36  PRO n 
1 37  VAL n 
1 38  ASN n 
1 39  GLY n 
1 40  LYS n 
1 41  GLU n 
1 42  ASP n 
1 43  TYR n 
1 44  GLN n 
1 45  LYS n 
1 46  CYS n 
1 47  ALA n 
1 48  THR n 
1 49  ALA n 
1 50  GLY n 
1 51  CYS n 
1 52  HIS n 
1 53  ASP n 
1 54  ASN n 
1 55  MET n 
1 56  ASP n 
1 57  LYS n 
1 58  LYS n 
1 59  ASP n 
1 60  LYS n 
1 61  SER n 
1 62  ALA n 
1 63  LYS n 
1 64  GLY n 
1 65  TYR n 
1 66  TYR n 
1 67  HIS n 
1 68  ALA n 
1 69  MET n 
1 70  HIS n 
1 71  ASP n 
1 72  LYS n 
1 73  GLY n 
1 74  THR n 
1 75  LYS n 
1 76  PHE n 
1 77  LYS n 
1 78  SER n 
1 79  CYS n 
1 80  VAL n 
1 81  GLY n 
1 82  CYS n 
1 83  HIS n 
1 84  LEU n 
1 85  GLU n 
1 86  THR n 
1 87  ALA n 
1 88  GLY n 
1 89  ALA n 
1 90  ASP n 
1 91  ALA n 
1 92  ALA n 
1 93  LYS n 
1 94  LYS n 
1 95  LYS n 
1 96  GLU n 
1 97  LEU n 
1 98  THR n 
1 99  GLY n 
1 100 CYS n 
1 101 LYS n 
1 102 GLY n 
1 103 SER n 
1 104 LYS n 
1 105 CYS n 
1 106 HIS n 
1 107 SER n 
# 
_entity_src_gen.entity_id                          1 
_entity_src_gen.pdbx_src_id                        1 
_entity_src_gen.pdbx_alt_source_flag               sample 
_entity_src_gen.pdbx_seq_type                      ? 
_entity_src_gen.pdbx_beg_seq_num                   ? 
_entity_src_gen.pdbx_end_seq_num                   ? 
_entity_src_gen.gene_src_common_name               ? 
_entity_src_gen.gene_src_genus                     Desulfovibrio 
_entity_src_gen.pdbx_gene_src_gene                 ? 
_entity_src_gen.gene_src_species                   'Desulfovibrio vulgaris' 
_entity_src_gen.gene_src_strain                    'Miyazaki F' 
_entity_src_gen.gene_src_tissue                    ? 
_entity_src_gen.gene_src_tissue_fraction           ? 
_entity_src_gen.gene_src_details                   ? 
_entity_src_gen.pdbx_gene_src_fragment             ? 
_entity_src_gen.pdbx_gene_src_scientific_name      
;Desulfovibrio vulgaris str. 'Miyazaki F'
;
_entity_src_gen.pdbx_gene_src_ncbi_taxonomy_id     883 
_entity_src_gen.pdbx_gene_src_variant              ? 
_entity_src_gen.pdbx_gene_src_cell_line            ? 
_entity_src_gen.pdbx_gene_src_atcc                 ? 
_entity_src_gen.pdbx_gene_src_organ                ? 
_entity_src_gen.pdbx_gene_src_organelle            ? 
_entity_src_gen.pdbx_gene_src_cell                 ? 
_entity_src_gen.pdbx_gene_src_cellular_location    ? 
_entity_src_gen.host_org_common_name               ? 
_entity_src_gen.pdbx_host_org_scientific_name      'Shewanella oneidensis' 
_entity_src_gen.pdbx_host_org_ncbi_taxonomy_id     70863 
_entity_src_gen.host_org_genus                     Shewanella 
_entity_src_gen.pdbx_host_org_gene                 ? 
_entity_src_gen.pdbx_host_org_organ                ? 
_entity_src_gen.host_org_species                   ? 
_entity_src_gen.pdbx_host_org_tissue               ? 
_entity_src_gen.pdbx_host_org_tissue_fraction      ? 
_entity_src_gen.pdbx_host_org_strain               TSP-C 
_entity_src_gen.pdbx_host_org_variant              ? 
_entity_src_gen.pdbx_host_org_cell_line            ? 
_entity_src_gen.pdbx_host_org_atcc                 ? 
_entity_src_gen.pdbx_host_org_culture_collection   ? 
_entity_src_gen.pdbx_host_org_cell                 ? 
_entity_src_gen.pdbx_host_org_organelle            ? 
_entity_src_gen.pdbx_host_org_cellular_location    ? 
_entity_src_gen.pdbx_host_org_vector_type          plasmid 
_entity_src_gen.pdbx_host_org_vector               ? 
_entity_src_gen.host_org_details                   ? 
_entity_src_gen.expression_system_id               ? 
_entity_src_gen.plasmid_name                       pKF19k 
_entity_src_gen.plasmid_details                    ? 
_entity_src_gen.pdbx_description                   ? 
# 
loop_
_chem_comp.id 
_chem_comp.type 
_chem_comp.mon_nstd_flag 
_chem_comp.name 
_chem_comp.pdbx_synonyms 
_chem_comp.formula 
_chem_comp.formula_weight 
ALA 'L-peptide linking' y ALANINE         ? 'C3 H7 N O2'       89.093  
ASN 'L-peptide linking' y ASPARAGINE      ? 'C4 H8 N2 O3'      132.118 
ASP 'L-peptide linking' y 'ASPARTIC ACID' ? 'C4 H7 N O4'       133.103 
CYS 'L-peptide linking' y CYSTEINE        ? 'C3 H7 N O2 S'     121.158 
GLN 'L-peptide linking' y GLUTAMINE       ? 'C5 H10 N2 O3'     146.144 
GLU 'L-peptide linking' y 'GLUTAMIC ACID' ? 'C5 H9 N O4'       147.129 
GLY 'peptide linking'   y GLYCINE         ? 'C2 H5 N O2'       75.067  
HEC non-polymer         . 'HEME C'        ? 'C34 H34 Fe N4 O4' 618.503 
HIS 'L-peptide linking' y HISTIDINE       ? 'C6 H10 N3 O2 1'   156.162 
HOH non-polymer         . WATER           ? 'H2 O'             18.015  
LEU 'L-peptide linking' y LEUCINE         ? 'C6 H13 N O2'      131.173 
LYS 'L-peptide linking' y LYSINE          ? 'C6 H15 N2 O2 1'   147.195 
MET 'L-peptide linking' y METHIONINE      ? 'C5 H11 N O2 S'    149.211 
PHE 'L-peptide linking' y PHENYLALANINE   ? 'C9 H11 N O2'      165.189 
PRO 'L-peptide linking' y PROLINE         ? 'C5 H9 N O2'       115.130 
SER 'L-peptide linking' y SERINE          ? 'C3 H7 N O3'       105.093 
THR 'L-peptide linking' y THREONINE       ? 'C4 H9 N O3'       119.119 
TYR 'L-peptide linking' y TYROSINE        ? 'C9 H11 N O3'      181.189 
VAL 'L-peptide linking' y VALINE          ? 'C5 H11 N O2'      117.146 
# 
loop_
_pdbx_poly_seq_scheme.asym_id 
_pdbx_poly_seq_scheme.entity_id 
_pdbx_poly_seq_scheme.seq_id 
_pdbx_poly_seq_scheme.mon_id 
_pdbx_poly_seq_scheme.ndb_seq_num 
_pdbx_poly_seq_scheme.pdb_seq_num 
_pdbx_poly_seq_scheme.auth_seq_num 
_pdbx_poly_seq_scheme.pdb_mon_id 
_pdbx_poly_seq_scheme.auth_mon_id 
_pdbx_poly_seq_scheme.pdb_strand_id 
_pdbx_poly_seq_scheme.pdb_ins_code 
_pdbx_poly_seq_scheme.hetero 
A 1 1   ALA 1   1   1   ALA ALA A . n 
A 1 2   PRO 2   2   2   PRO PRO A . n 
A 1 3   LYS 3   3   3   LYS LYS A . n 
A 1 4   ALA 4   4   4   ALA ALA A . n 
A 1 5   PRO 5   5   5   PRO PRO A . n 
A 1 6   ALA 6   6   6   ALA ALA A . n 
A 1 7   ASP 7   7   7   ASP ASP A . n 
A 1 8   GLY 8   8   8   GLY GLY A . n 
A 1 9   LEU 9   9   9   LEU LEU A . n 
A 1 10  LYS 10  10  10  LYS LYS A . n 
A 1 11  MET 11  11  11  MET MET A . n 
A 1 12  ASP 12  12  12  ASP ASP A . n 
A 1 13  LYS 13  13  13  LYS LYS A . n 
A 1 14  THR 14  14  14  THR THR A . n 
A 1 15  LYS 15  15  15  LYS LYS A . n 
A 1 16  GLN 16  16  16  GLN GLN A . n 
A 1 17  PRO 17  17  17  PRO PRO A . n 
A 1 18  VAL 18  18  18  VAL VAL A . n 
A 1 19  VAL 19  19  19  VAL VAL A . n 
A 1 20  PHE 20  20  20  PHE PHE A . n 
A 1 21  ASN 21  21  21  ASN ASN A . n 
A 1 22  HIS 22  22  22  HIS HIS A . n 
A 1 23  SER 23  23  23  SER SER A . n 
A 1 24  THR 24  24  24  THR THR A . n 
A 1 25  MET 25  25  25  MET MET A . n 
A 1 26  LYS 26  26  26  LYS LYS A . n 
A 1 27  ALA 27  27  27  ALA ALA A . n 
A 1 28  VAL 28  28  28  VAL VAL A . n 
A 1 29  LYS 29  29  29  LYS LYS A . n 
A 1 30  CYS 30  30  30  CYS CYS A . n 
A 1 31  GLY 31  31  31  GLY GLY A . n 
A 1 32  ASP 32  32  32  ASP ASP A . n 
A 1 33  CYS 33  33  33  CYS CYS A . n 
A 1 34  HIS 34  34  34  HIS HIS A . n 
A 1 35  HIS 35  35  35  HIS HIS A . n 
A 1 36  PRO 36  36  36  PRO PRO A . n 
A 1 37  VAL 37  37  37  VAL VAL A . n 
A 1 38  ASN 38  38  38  ASN ASN A . n 
A 1 39  GLY 39  39  39  GLY GLY A . n 
A 1 40  LYS 40  40  40  LYS LYS A . n 
A 1 41  GLU 41  41  41  GLU GLU A . n 
A 1 42  ASP 42  42  42  ASP ASP A . n 
A 1 43  TYR 43  43  43  TYR TYR A . n 
A 1 44  GLN 44  44  44  GLN GLN A . n 
A 1 45  LYS 45  45  45  LYS LYS A . n 
A 1 46  CYS 46  46  46  CYS CYS A . n 
A 1 47  ALA 47  47  47  ALA ALA A . n 
A 1 48  THR 48  48  48  THR THR A . n 
A 1 49  ALA 49  49  49  ALA ALA A . n 
A 1 50  GLY 50  50  50  GLY GLY A . n 
A 1 51  CYS 51  51  51  CYS CYS A . n 
A 1 52  HIS 52  52  52  HIS HIS A . n 
A 1 53  ASP 53  53  53  ASP ASP A . n 
A 1 54  ASN 54  54  54  ASN ASN A . n 
A 1 55  MET 55  55  55  MET MET A . n 
A 1 56  ASP 56  56  56  ASP ASP A . n 
A 1 57  LYS 57  57  57  LYS LYS A . n 
A 1 58  LYS 58  58  58  LYS LYS A . n 
A 1 59  ASP 59  59  59  ASP ASP A . n 
A 1 60  LYS 60  60  60  LYS LYS A . n 
A 1 61  SER 61  61  61  SER SER A . n 
A 1 62  ALA 62  62  62  ALA ALA A . n 
A 1 63  LYS 63  63  63  LYS LYS A . n 
A 1 64  GLY 64  64  64  GLY GLY A . n 
A 1 65  TYR 65  65  65  TYR TYR A . n 
A 1 66  TYR 66  66  66  TYR TYR A . n 
A 1 67  HIS 67  67  67  HIS HIS A . n 
A 1 68  ALA 68  68  68  ALA ALA A . n 
A 1 69  MET 69  69  69  MET MET A . n 
A 1 70  HIS 70  70  70  HIS HIS A . n 
A 1 71  ASP 71  71  71  ASP ASP A . n 
A 1 72  LYS 72  72  72  LYS LYS A . n 
A 1 73  GLY 73  73  73  GLY GLY A . n 
A 1 74  THR 74  74  74  THR THR A . n 
A 1 75  LYS 75  75  75  LYS LYS A . n 
A 1 76  PHE 76  76  76  PHE PHE A . n 
A 1 77  LYS 77  77  77  LYS LYS A . n 
A 1 78  SER 78  78  78  SER SER A . n 
A 1 79  CYS 79  79  79  CYS CYS A . n 
A 1 80  VAL 80  80  80  VAL VAL A . n 
A 1 81  GLY 81  81  81  GLY GLY A . n 
A 1 82  CYS 82  82  82  CYS CYS A . n 
A 1 83  HIS 83  83  83  HIS HIS A . n 
A 1 84  LEU 84  84  84  LEU LEU A . n 
A 1 85  GLU 85  85  85  GLU GLU A . n 
A 1 86  THR 86  86  86  THR THR A . n 
A 1 87  ALA 87  87  87  ALA ALA A . n 
A 1 88  GLY 88  88  88  GLY GLY A . n 
A 1 89  ALA 89  89  89  ALA ALA A . n 
A 1 90  ASP 90  90  90  ASP ASP A . n 
A 1 91  ALA 91  91  91  ALA ALA A . n 
A 1 92  ALA 92  92  92  ALA ALA A . n 
A 1 93  LYS 93  93  93  LYS LYS A . n 
A 1 94  LYS 94  94  94  LYS LYS A . n 
A 1 95  LYS 95  95  95  LYS LYS A . n 
A 1 96  GLU 96  96  96  GLU GLU A . n 
A 1 97  LEU 97  97  97  LEU LEU A . n 
A 1 98  THR 98  98  98  THR THR A . n 
A 1 99  GLY 99  99  99  GLY GLY A . n 
A 1 100 CYS 100 100 100 CYS CYS A . n 
A 1 101 LYS 101 101 101 LYS LYS A . n 
A 1 102 GLY 102 102 102 GLY GLY A . n 
A 1 103 SER 103 103 103 SER SER A . n 
A 1 104 LYS 104 104 104 LYS LYS A . n 
A 1 105 CYS 105 105 105 CYS CYS A . n 
A 1 106 HIS 106 106 106 HIS HIS A . n 
A 1 107 SER 107 107 107 SER SER A . n 
# 
loop_
_pdbx_nonpoly_scheme.asym_id 
_pdbx_nonpoly_scheme.entity_id 
_pdbx_nonpoly_scheme.mon_id 
_pdbx_nonpoly_scheme.ndb_seq_num 
_pdbx_nonpoly_scheme.pdb_seq_num 
_pdbx_nonpoly_scheme.auth_seq_num 
_pdbx_nonpoly_scheme.pdb_mon_id 
_pdbx_nonpoly_scheme.auth_mon_id 
_pdbx_nonpoly_scheme.pdb_strand_id 
_pdbx_nonpoly_scheme.pdb_ins_code 
B 2 HEC 1   1004 1004 HEC HEM A . 
C 2 HEC 1   1002 1002 HEC HEM A . 
D 2 HEC 1   1001 1001 HEC HEM A . 
E 2 HEC 1   1003 1003 HEC HEM A . 
F 3 HOH 1   1005 2001 HOH HOH A . 
F 3 HOH 2   1006 2002 HOH HOH A . 
F 3 HOH 3   1007 2003 HOH HOH A . 
F 3 HOH 4   1008 2004 HOH HOH A . 
F 3 HOH 5   1009 2005 HOH HOH A . 
F 3 HOH 6   1010 2006 HOH HOH A . 
F 3 HOH 7   1011 2007 HOH HOH A . 
F 3 HOH 8   1012 2008 HOH HOH A . 
F 3 HOH 9   1013 2009 HOH HOH A . 
F 3 HOH 10  1014 2010 HOH HOH A . 
F 3 HOH 11  1015 2011 HOH HOH A . 
F 3 HOH 12  1016 2012 HOH HOH A . 
F 3 HOH 13  1017 2013 HOH HOH A . 
F 3 HOH 14  1018 2014 HOH HOH A . 
F 3 HOH 15  1019 2015 HOH HOH A . 
F 3 HOH 16  1020 2016 HOH HOH A . 
F 3 HOH 17  1021 2017 HOH HOH A . 
F 3 HOH 18  1022 2018 HOH HOH A . 
F 3 HOH 19  1023 2019 HOH HOH A . 
F 3 HOH 20  1024 2020 HOH HOH A . 
F 3 HOH 21  1025 2021 HOH HOH A . 
F 3 HOH 22  1026 2022 HOH HOH A . 
F 3 HOH 23  1027 2023 HOH HOH A . 
F 3 HOH 24  1028 2024 HOH HOH A . 
F 3 HOH 25  1029 2025 HOH HOH A . 
F 3 HOH 26  1030 2026 HOH HOH A . 
F 3 HOH 27  1031 2027 HOH HOH A . 
F 3 HOH 28  1032 2028 HOH HOH A . 
F 3 HOH 29  1033 2029 HOH HOH A . 
F 3 HOH 30  1034 2030 HOH HOH A . 
F 3 HOH 31  1035 2031 HOH HOH A . 
F 3 HOH 32  1036 2032 HOH HOH A . 
F 3 HOH 33  1037 2033 HOH HOH A . 
F 3 HOH 34  1038 2034 HOH HOH A . 
F 3 HOH 35  1039 2035 HOH HOH A . 
F 3 HOH 36  1040 2036 HOH HOH A . 
F 3 HOH 37  1041 2037 HOH HOH A . 
F 3 HOH 38  1042 2038 HOH HOH A . 
F 3 HOH 39  1043 2039 HOH HOH A . 
F 3 HOH 40  1044 2040 HOH HOH A . 
F 3 HOH 41  1045 2041 HOH HOH A . 
F 3 HOH 42  1046 2042 HOH HOH A . 
F 3 HOH 43  1047 2043 HOH HOH A . 
F 3 HOH 44  1048 2044 HOH HOH A . 
F 3 HOH 45  1049 2045 HOH HOH A . 
F 3 HOH 46  1050 2046 HOH HOH A . 
F 3 HOH 47  1051 2047 HOH HOH A . 
F 3 HOH 48  1052 2048 HOH HOH A . 
F 3 HOH 49  1053 2049 HOH HOH A . 
F 3 HOH 50  1054 2050 HOH HOH A . 
F 3 HOH 51  1055 2051 HOH HOH A . 
F 3 HOH 52  1056 2052 HOH HOH A . 
F 3 HOH 53  1057 2053 HOH HOH A . 
F 3 HOH 54  1058 2054 HOH HOH A . 
F 3 HOH 55  1059 2055 HOH HOH A . 
F 3 HOH 56  1060 2056 HOH HOH A . 
F 3 HOH 57  1061 2057 HOH HOH A . 
F 3 HOH 58  1062 2058 HOH HOH A . 
F 3 HOH 59  1063 2059 HOH HOH A . 
F 3 HOH 60  1064 2060 HOH HOH A . 
F 3 HOH 61  1065 2061 HOH HOH A . 
F 3 HOH 62  1066 2062 HOH HOH A . 
F 3 HOH 63  1067 2063 HOH HOH A . 
F 3 HOH 64  1068 2064 HOH HOH A . 
F 3 HOH 65  1069 2065 HOH HOH A . 
F 3 HOH 66  1070 2066 HOH HOH A . 
F 3 HOH 67  1071 2067 HOH HOH A . 
F 3 HOH 68  1072 2068 HOH HOH A . 
F 3 HOH 69  1073 2069 HOH HOH A . 
F 3 HOH 70  1074 2070 HOH HOH A . 
F 3 HOH 71  1075 2071 HOH HOH A . 
F 3 HOH 72  1076 2072 HOH HOH A . 
F 3 HOH 73  1077 2073 HOH HOH A . 
F 3 HOH 74  1078 2074 HOH HOH A . 
F 3 HOH 75  1079 2075 HOH HOH A . 
F 3 HOH 76  1080 2076 HOH HOH A . 
F 3 HOH 77  1081 2077 HOH HOH A . 
F 3 HOH 78  1082 2078 HOH HOH A . 
F 3 HOH 79  1083 2079 HOH HOH A . 
F 3 HOH 80  1084 2080 HOH HOH A . 
F 3 HOH 81  1085 2081 HOH HOH A . 
F 3 HOH 82  1086 2082 HOH HOH A . 
F 3 HOH 83  1087 2083 HOH HOH A . 
F 3 HOH 84  1088 2084 HOH HOH A . 
F 3 HOH 85  1089 2085 HOH HOH A . 
F 3 HOH 86  1090 2086 HOH HOH A . 
F 3 HOH 87  1091 2087 HOH HOH A . 
F 3 HOH 88  1092 2088 HOH HOH A . 
F 3 HOH 89  1093 2089 HOH HOH A . 
F 3 HOH 90  1094 2090 HOH HOH A . 
F 3 HOH 91  1095 2091 HOH HOH A . 
F 3 HOH 92  1096 2092 HOH HOH A . 
F 3 HOH 93  1097 2093 HOH HOH A . 
F 3 HOH 94  1098 2094 HOH HOH A . 
F 3 HOH 95  1099 2095 HOH HOH A . 
F 3 HOH 96  1100 2096 HOH HOH A . 
F 3 HOH 97  1101 2097 HOH HOH A . 
F 3 HOH 98  1102 2098 HOH HOH A . 
F 3 HOH 99  1103 2099 HOH HOH A . 
F 3 HOH 100 1104 2100 HOH HOH A . 
F 3 HOH 101 1105 2101 HOH HOH A . 
F 3 HOH 102 1106 2102 HOH HOH A . 
F 3 HOH 103 1107 2103 HOH HOH A . 
F 3 HOH 104 1108 2104 HOH HOH A . 
F 3 HOH 105 1109 2105 HOH HOH A . 
F 3 HOH 106 1110 2106 HOH HOH A . 
F 3 HOH 107 1111 2107 HOH HOH A . 
F 3 HOH 108 1112 2108 HOH HOH A . 
F 3 HOH 109 1113 2109 HOH HOH A . 
F 3 HOH 110 1114 2110 HOH HOH A . 
F 3 HOH 111 1115 2111 HOH HOH A . 
F 3 HOH 112 1116 2112 HOH HOH A . 
F 3 HOH 113 1117 2113 HOH HOH A . 
F 3 HOH 114 1118 2114 HOH HOH A . 
F 3 HOH 115 1119 2115 HOH HOH A . 
F 3 HOH 116 1120 2116 HOH HOH A . 
F 3 HOH 117 1121 2117 HOH HOH A . 
F 3 HOH 118 1122 2118 HOH HOH A . 
F 3 HOH 119 1123 2119 HOH HOH A . 
F 3 HOH 120 1124 2120 HOH HOH A . 
F 3 HOH 121 1125 2121 HOH HOH A . 
F 3 HOH 122 1126 2122 HOH HOH A . 
F 3 HOH 123 1127 2123 HOH HOH A . 
F 3 HOH 124 1128 2124 HOH HOH A . 
F 3 HOH 125 1129 2125 HOH HOH A . 
F 3 HOH 126 1130 2126 HOH HOH A . 
F 3 HOH 127 1131 2127 HOH HOH A . 
F 3 HOH 128 1132 2128 HOH HOH A . 
F 3 HOH 129 1133 2129 HOH HOH A . 
F 3 HOH 130 1134 2130 HOH HOH A . 
F 3 HOH 131 1135 2131 HOH HOH A . 
F 3 HOH 132 1136 2132 HOH HOH A . 
F 3 HOH 133 1137 2133 HOH HOH A . 
F 3 HOH 134 1138 2134 HOH HOH A . 
F 3 HOH 135 1139 2135 HOH HOH A . 
F 3 HOH 136 1140 2136 HOH HOH A . 
F 3 HOH 137 1141 2137 HOH HOH A . 
F 3 HOH 138 1142 2138 HOH HOH A . 
F 3 HOH 139 1143 2139 HOH HOH A . 
F 3 HOH 140 1144 2140 HOH HOH A . 
F 3 HOH 141 1145 2141 HOH HOH A . 
F 3 HOH 142 1146 2142 HOH HOH A . 
F 3 HOH 143 1147 2143 HOH HOH A . 
F 3 HOH 144 1148 2144 HOH HOH A . 
F 3 HOH 145 1149 2145 HOH HOH A . 
F 3 HOH 146 1150 2146 HOH HOH A . 
F 3 HOH 147 1151 2147 HOH HOH A . 
F 3 HOH 148 1152 2148 HOH HOH A . 
F 3 HOH 149 1153 2149 HOH HOH A . 
F 3 HOH 150 1154 2150 HOH HOH A . 
F 3 HOH 151 1155 2151 HOH HOH A . 
F 3 HOH 152 1156 2152 HOH HOH A . 
F 3 HOH 153 1157 2153 HOH HOH A . 
F 3 HOH 154 1158 2154 HOH HOH A . 
F 3 HOH 155 1159 2155 HOH HOH A . 
F 3 HOH 156 1160 2156 HOH HOH A . 
F 3 HOH 157 1161 2157 HOH HOH A . 
F 3 HOH 158 1162 2158 HOH HOH A . 
F 3 HOH 159 1163 2159 HOH HOH A . 
F 3 HOH 160 1164 2160 HOH HOH A . 
F 3 HOH 161 1165 2161 HOH HOH A . 
F 3 HOH 162 1166 2162 HOH HOH A . 
F 3 HOH 163 1167 2163 HOH HOH A . 
F 3 HOH 164 1168 2164 HOH HOH A . 
F 3 HOH 165 1169 2165 HOH HOH A . 
F 3 HOH 166 1170 2166 HOH HOH A . 
F 3 HOH 167 1171 2167 HOH HOH A . 
F 3 HOH 168 1172 2168 HOH HOH A . 
F 3 HOH 169 1173 2169 HOH HOH A . 
F 3 HOH 170 1174 2170 HOH HOH A . 
F 3 HOH 171 1175 2171 HOH HOH A . 
F 3 HOH 172 1176 2172 HOH HOH A . 
F 3 HOH 173 1177 2173 HOH HOH A . 
F 3 HOH 174 1178 2174 HOH HOH A . 
F 3 HOH 175 1179 2175 HOH HOH A . 
F 3 HOH 176 1180 2176 HOH HOH A . 
F 3 HOH 177 1181 2177 HOH HOH A . 
F 3 HOH 178 1182 2178 HOH HOH A . 
F 3 HOH 179 1183 2179 HOH HOH A . 
F 3 HOH 180 1184 2180 HOH HOH A . 
F 3 HOH 181 1185 2181 HOH HOH A . 
F 3 HOH 182 1186 2182 HOH HOH A . 
F 3 HOH 183 1187 2183 HOH HOH A . 
F 3 HOH 184 1188 2184 HOH HOH A . 
F 3 HOH 185 1189 2185 HOH HOH A . 
F 3 HOH 186 1190 2186 HOH HOH A . 
F 3 HOH 187 1191 2187 HOH HOH A . 
F 3 HOH 188 1192 2188 HOH HOH A . 
F 3 HOH 189 1193 2189 HOH HOH A . 
F 3 HOH 190 1194 2190 HOH HOH A . 
F 3 HOH 191 1195 2191 HOH HOH A . 
F 3 HOH 192 1196 2192 HOH HOH A . 
F 3 HOH 193 1197 2193 HOH HOH A . 
F 3 HOH 194 1198 2194 HOH HOH A . 
F 3 HOH 195 1199 2195 HOH HOH A . 
F 3 HOH 196 1200 2196 HOH HOH A . 
F 3 HOH 197 1201 2197 HOH HOH A . 
F 3 HOH 198 1202 2198 HOH HOH A . 
F 3 HOH 199 1203 2199 HOH HOH A . 
F 3 HOH 200 1204 2200 HOH HOH A . 
F 3 HOH 201 1205 2201 HOH HOH A . 
F 3 HOH 202 1206 2202 HOH HOH A . 
F 3 HOH 203 1207 2203 HOH HOH A . 
F 3 HOH 204 1208 2204 HOH HOH A . 
F 3 HOH 205 1209 2205 HOH HOH A . 
F 3 HOH 206 1210 2206 HOH HOH A . 
F 3 HOH 207 1211 2207 HOH HOH A . 
F 3 HOH 208 1212 2208 HOH HOH A . 
# 
_software.name             CNS 
_software.classification   refinement 
_software.version          1.1 
_software.citation_id      ? 
_software.pdbx_ordinal     1 
# 
_cell.entry_id           2YXC 
_cell.length_a           51.942 
_cell.length_b           67.156 
_cell.length_c           34.574 
_cell.angle_alpha        90.00 
_cell.angle_beta         90.00 
_cell.angle_gamma        90.00 
_cell.Z_PDB              4 
_cell.pdbx_unique_axis   ? 
_cell.length_a_esd       ? 
_cell.length_b_esd       ? 
_cell.length_c_esd       ? 
_cell.angle_alpha_esd    ? 
_cell.angle_beta_esd     ? 
_cell.angle_gamma_esd    ? 
# 
_symmetry.entry_id                         2YXC 
_symmetry.space_group_name_H-M             'P 21 21 21' 
_symmetry.pdbx_full_space_group_name_H-M   ? 
_symmetry.cell_setting                     ? 
_symmetry.Int_Tables_number                19 
_symmetry.space_group_name_Hall            ? 
# 
_exptl.entry_id          2YXC 
_exptl.method            'X-RAY DIFFRACTION' 
_exptl.crystals_number   1 
# 
_exptl_crystal.id                    1 
_exptl_crystal.density_meas          ? 
_exptl_crystal.density_Matthews      2.61 
_exptl_crystal.density_percent_sol   52.86 
_exptl_crystal.description           ? 
_exptl_crystal.F_000                 ? 
_exptl_crystal.preparation           ? 
# 
_exptl_crystal_grow.crystal_id      1 
_exptl_crystal_grow.method          'VAPOR DIFFUSION' 
_exptl_crystal_grow.temp            277 
_exptl_crystal_grow.temp_details    ? 
_exptl_crystal_grow.pH              7.0 
_exptl_crystal_grow.pdbx_details    'pH 7.0, VAPOR DIFFUSION, temperature 277K' 
_exptl_crystal_grow.pdbx_pH_range   . 
# 
_diffrn.id                     1 
_diffrn.ambient_temp           100 
_diffrn.ambient_temp_details   ? 
_diffrn.crystal_id             1 
# 
_diffrn_detector.diffrn_id              1 
_diffrn_detector.detector               'IMAGE PLATE' 
_diffrn_detector.type                   'RIGAKU RAXIS' 
_diffrn_detector.pdbx_collection_date   2005-04-26 
_diffrn_detector.details                ? 
# 
_diffrn_radiation.diffrn_id                        1 
_diffrn_radiation.wavelength_id                    1 
_diffrn_radiation.pdbx_monochromatic_or_laue_m_l   M 
_diffrn_radiation.monochromator                    ? 
_diffrn_radiation.pdbx_diffrn_protocol             'SINGLE WAVELENGTH' 
_diffrn_radiation.pdbx_scattering_type             x-ray 
# 
_diffrn_radiation_wavelength.id           1 
_diffrn_radiation_wavelength.wavelength   1.5418 
_diffrn_radiation_wavelength.wt           1.0 
# 
_diffrn_source.diffrn_id                   1 
_diffrn_source.source                      'ROTATING ANODE' 
_diffrn_source.type                        RIGAKU 
_diffrn_source.pdbx_synchrotron_site       ? 
_diffrn_source.pdbx_synchrotron_beamline   ? 
_diffrn_source.pdbx_wavelength             ? 
_diffrn_source.pdbx_wavelength_list        1.5418 
# 
_reflns.entry_id                     2YXC 
_reflns.observed_criterion_sigma_I   ? 
_reflns.observed_criterion_sigma_F   ? 
_reflns.d_resolution_low             12.23 
_reflns.d_resolution_high            1.5 
_reflns.number_obs                   18745 
_reflns.number_all                   ? 
_reflns.percent_possible_obs         ? 
_reflns.pdbx_Rmerge_I_obs            ? 
_reflns.pdbx_Rsym_value              ? 
_reflns.pdbx_netI_over_sigmaI        ? 
_reflns.B_iso_Wilson_estimate        14.8 
_reflns.pdbx_redundancy              ? 
_reflns.R_free_details               ? 
_reflns.limit_h_max                  ? 
_reflns.limit_h_min                  ? 
_reflns.limit_k_max                  ? 
_reflns.limit_k_min                  ? 
_reflns.limit_l_max                  ? 
_reflns.limit_l_min                  ? 
_reflns.observed_criterion_F_max     ? 
_reflns.observed_criterion_F_min     ? 
_reflns.pdbx_chi_squared             ? 
_reflns.pdbx_scaling_rejects         ? 
_reflns.pdbx_diffrn_id               1 
_reflns.pdbx_ordinal                 1 
# 
_refine.entry_id                                 2YXC 
_refine.ls_number_reflns_obs                     18745 
_refine.ls_number_reflns_all                     ? 
_refine.pdbx_ls_sigma_I                          ? 
_refine.pdbx_ls_sigma_F                          0.0 
_refine.pdbx_data_cutoff_high_absF               780091.66 
_refine.pdbx_data_cutoff_low_absF                0.000000 
_refine.pdbx_data_cutoff_high_rms_absF           ? 
_refine.ls_d_res_low                             12.23 
_refine.ls_d_res_high                            1.50 
_refine.ls_percent_reflns_obs                    93.7 
_refine.ls_R_factor_obs                          0.178 
_refine.ls_R_factor_all                          ? 
_refine.ls_R_factor_R_work                       0.178 
_refine.ls_R_factor_R_free                       0.195 
_refine.ls_R_factor_R_free_error                 0.005 
_refine.ls_R_factor_R_free_error_details         ? 
_refine.ls_percent_reflns_R_free                 6.9 
_refine.ls_number_reflns_R_free                  1286 
_refine.ls_number_parameters                     ? 
_refine.ls_number_restraints                     ? 
_refine.occupancy_min                            ? 
_refine.occupancy_max                            ? 
_refine.correlation_coeff_Fo_to_Fc               ? 
_refine.correlation_coeff_Fo_to_Fc_free          ? 
_refine.B_iso_mean                               12.1 
_refine.aniso_B[1][1]                            -1.74 
_refine.aniso_B[2][2]                            1.49 
_refine.aniso_B[3][3]                            0.25 
_refine.aniso_B[1][2]                            0.00 
_refine.aniso_B[1][3]                            0.00 
_refine.aniso_B[2][3]                            0.00 
_refine.solvent_model_details                    'FLAT MODEL' 
_refine.solvent_model_param_ksol                 0.380368 
_refine.solvent_model_param_bsol                 48.6859 
_refine.pdbx_solvent_vdw_probe_radii             ? 
_refine.pdbx_solvent_ion_probe_radii             ? 
_refine.pdbx_solvent_shrinkage_radii             ? 
_refine.pdbx_ls_cross_valid_method               THROUGHOUT 
_refine.details                                  ? 
_refine.pdbx_starting_model                      1J0O 
_refine.pdbx_method_to_determine_struct          'MOLECULAR REPLACEMENT' 
_refine.pdbx_isotropic_thermal_model             RESTRAINED 
_refine.pdbx_stereochemistry_target_values       ? 
_refine.pdbx_stereochem_target_val_spec_case     ? 
_refine.pdbx_R_Free_selection_details            RANDOM 
_refine.pdbx_overall_ESU_R                       ? 
_refine.pdbx_overall_ESU_R_Free                  ? 
_refine.overall_SU_ML                            ? 
_refine.overall_SU_B                             ? 
_refine.ls_redundancy_reflns_obs                 ? 
_refine.B_iso_min                                ? 
_refine.B_iso_max                                ? 
_refine.overall_SU_R_Cruickshank_DPI             ? 
_refine.overall_SU_R_free                        ? 
_refine.ls_wR_factor_R_free                      ? 
_refine.ls_wR_factor_R_work                      ? 
_refine.overall_FOM_free_R_set                   ? 
_refine.overall_FOM_work_R_set                   ? 
_refine.pdbx_overall_phase_error                 ? 
_refine.pdbx_refine_id                           'X-RAY DIFFRACTION' 
_refine.pdbx_diffrn_id                           1 
_refine.pdbx_TLS_residual_ADP_flag               ? 
_refine.pdbx_overall_SU_R_free_Cruickshank_DPI   ? 
_refine.pdbx_overall_SU_R_Blow_DPI               ? 
_refine.pdbx_overall_SU_R_free_Blow_DPI          ? 
# 
_refine_analyze.entry_id                        2YXC 
_refine_analyze.Luzzati_coordinate_error_obs    0.15 
_refine_analyze.Luzzati_sigma_a_obs             -0.01 
_refine_analyze.Luzzati_d_res_low_obs           5.00 
_refine_analyze.Luzzati_coordinate_error_free   0.17 
_refine_analyze.Luzzati_sigma_a_free            ? 
_refine_analyze.Luzzati_d_res_low_free          ? 
_refine_analyze.number_disordered_residues      ? 
_refine_analyze.occupancy_sum_hydrogen          ? 
_refine_analyze.occupancy_sum_non_hydrogen      ? 
_refine_analyze.pdbx_Luzzati_d_res_high_obs     ? 
_refine_analyze.pdbx_refine_id                  'X-RAY DIFFRACTION' 
# 
_refine_hist.pdbx_refine_id                   'X-RAY DIFFRACTION' 
_refine_hist.cycle_id                         LAST 
_refine_hist.pdbx_number_atoms_protein        799 
_refine_hist.pdbx_number_atoms_nucleic_acid   0 
_refine_hist.pdbx_number_atoms_ligand         172 
_refine_hist.number_atoms_solvent             208 
_refine_hist.number_atoms_total               1179 
_refine_hist.d_res_high                       1.50 
_refine_hist.d_res_low                        12.23 
# 
loop_
_refine_ls_restr.type 
_refine_ls_restr.dev_ideal 
_refine_ls_restr.dev_ideal_target 
_refine_ls_restr.weight 
_refine_ls_restr.number 
_refine_ls_restr.pdbx_refine_id 
_refine_ls_restr.pdbx_restraint_function 
c_bond_d                0.015 ?    ? ? 'X-RAY DIFFRACTION' ? 
c_bond_d_na             ?     ?    ? ? 'X-RAY DIFFRACTION' ? 
c_bond_d_prot           ?     ?    ? ? 'X-RAY DIFFRACTION' ? 
c_angle_d               ?     ?    ? ? 'X-RAY DIFFRACTION' ? 
c_angle_d_na            ?     ?    ? ? 'X-RAY DIFFRACTION' ? 
c_angle_d_prot          ?     ?    ? ? 'X-RAY DIFFRACTION' ? 
c_angle_deg             4.5   ?    ? ? 'X-RAY DIFFRACTION' ? 
c_angle_deg_na          ?     ?    ? ? 'X-RAY DIFFRACTION' ? 
c_angle_deg_prot        ?     ?    ? ? 'X-RAY DIFFRACTION' ? 
c_dihedral_angle_d      21.9  ?    ? ? 'X-RAY DIFFRACTION' ? 
c_dihedral_angle_d_na   ?     ?    ? ? 'X-RAY DIFFRACTION' ? 
c_dihedral_angle_d_prot ?     ?    ? ? 'X-RAY DIFFRACTION' ? 
c_improper_angle_d      0.81  ?    ? ? 'X-RAY DIFFRACTION' ? 
c_improper_angle_d_na   ?     ?    ? ? 'X-RAY DIFFRACTION' ? 
c_improper_angle_d_prot ?     ?    ? ? 'X-RAY DIFFRACTION' ? 
c_mcbond_it             0.82  1.50 ? ? 'X-RAY DIFFRACTION' ? 
c_mcangle_it            1.18  2.00 ? ? 'X-RAY DIFFRACTION' ? 
c_scbond_it             1.49  2.00 ? ? 'X-RAY DIFFRACTION' ? 
c_scangle_it            2.07  2.50 ? ? 'X-RAY DIFFRACTION' ? 
# 
_refine_ls_shell.pdbx_total_number_of_bins_used   6 
_refine_ls_shell.d_res_high                       1.50 
_refine_ls_shell.d_res_low                        1.59 
_refine_ls_shell.number_reflns_R_work             2714 
_refine_ls_shell.R_factor_R_work                  0.258 
_refine_ls_shell.percent_reflns_obs               89.8 
_refine_ls_shell.R_factor_R_free                  0.263 
_refine_ls_shell.R_factor_R_free_error            0.018 
_refine_ls_shell.percent_reflns_R_free            7.1 
_refine_ls_shell.number_reflns_R_free             207 
_refine_ls_shell.number_reflns_all                ? 
_refine_ls_shell.R_factor_all                     ? 
_refine_ls_shell.number_reflns_obs                ? 
_refine_ls_shell.redundancy_reflns_obs            ? 
_refine_ls_shell.pdbx_refine_id                   'X-RAY DIFFRACTION' 
# 
loop_
_pdbx_xplor_file.serial_no 
_pdbx_xplor_file.param_file 
_pdbx_xplor_file.topol_file 
_pdbx_xplor_file.pdbx_refine_id 
1 protein_rep.param  protein.top 'X-RAY DIFFRACTION' 
2 water_rep.param    water.top   'X-RAY DIFFRACTION' 
3 19x_mod.heme.param h19.hem.top 'X-RAY DIFFRACTION' 
# 
_struct.entry_id                  2YXC 
_struct.title                     'The H25M mutant of tetraheme cytochrome c3 from Desulfovibrio Vulgaris Miyazaki F' 
_struct.pdbx_model_details        ? 
_struct.pdbx_CASP_flag            ? 
_struct.pdbx_model_type_details   ? 
# 
_struct_keywords.entry_id        2YXC 
_struct_keywords.pdbx_keywords   'ELECTRON TRANSPORT' 
_struct_keywords.text            'electron transport' 
# 
loop_
_struct_asym.id 
_struct_asym.pdbx_blank_PDB_chainid_flag 
_struct_asym.pdbx_modified 
_struct_asym.entity_id 
_struct_asym.details 
A N N 1 ? 
B N N 2 ? 
C N N 2 ? 
D N N 2 ? 
E N N 2 ? 
F N N 3 ? 
# 
_struct_ref.id                         1 
_struct_ref.db_name                    UNP 
_struct_ref.db_code                    CYC3_DESVM 
_struct_ref.pdbx_db_accession          P00132 
_struct_ref.entity_id                  1 
_struct_ref.pdbx_seq_one_letter_code   
;APKAPADGLKMDKTKQPVVFNHSTHKAVKCGDCHHPVNGKEDYQKCATAGCHDNMDKKDKSAKGYYHAMHDKGTKFKSCV
GCHLETAGADAAKKKELTGCKGSKCHS
;
_struct_ref.pdbx_align_begin           24 
_struct_ref.pdbx_db_isoform            ? 
# 
_struct_ref_seq.align_id                      1 
_struct_ref_seq.ref_id                        1 
_struct_ref_seq.pdbx_PDB_id_code              2YXC 
_struct_ref_seq.pdbx_strand_id                A 
_struct_ref_seq.seq_align_beg                 1 
_struct_ref_seq.pdbx_seq_align_beg_ins_code   ? 
_struct_ref_seq.seq_align_end                 107 
_struct_ref_seq.pdbx_seq_align_end_ins_code   ? 
_struct_ref_seq.pdbx_db_accession             P00132 
_struct_ref_seq.db_align_beg                  24 
_struct_ref_seq.pdbx_db_align_beg_ins_code    ? 
_struct_ref_seq.db_align_end                  130 
_struct_ref_seq.pdbx_db_align_end_ins_code    ? 
_struct_ref_seq.pdbx_auth_seq_align_beg       1 
_struct_ref_seq.pdbx_auth_seq_align_end       107 
# 
_struct_ref_seq_dif.align_id                     1 
_struct_ref_seq_dif.pdbx_pdb_id_code             2YXC 
_struct_ref_seq_dif.mon_id                       MET 
_struct_ref_seq_dif.pdbx_pdb_strand_id           A 
_struct_ref_seq_dif.seq_num                      25 
_struct_ref_seq_dif.pdbx_pdb_ins_code            ? 
_struct_ref_seq_dif.pdbx_seq_db_name             UNP 
_struct_ref_seq_dif.pdbx_seq_db_accession_code   P00132 
_struct_ref_seq_dif.db_mon_id                    HIS 
_struct_ref_seq_dif.pdbx_seq_db_seq_num          48 
_struct_ref_seq_dif.details                      'engineered mutation' 
_struct_ref_seq_dif.pdbx_auth_seq_num            25 
_struct_ref_seq_dif.pdbx_ordinal                 1 
# 
_pdbx_struct_assembly.id                   1 
_pdbx_struct_assembly.details              author_and_software_defined_assembly 
_pdbx_struct_assembly.method_details       PISA 
_pdbx_struct_assembly.oligomeric_details   monomeric 
_pdbx_struct_assembly.oligomeric_count     1 
# 
_pdbx_struct_assembly_gen.assembly_id       1 
_pdbx_struct_assembly_gen.oper_expression   1 
_pdbx_struct_assembly_gen.asym_id_list      A,B,C,D,E,F 
# 
_pdbx_struct_oper_list.id                   1 
_pdbx_struct_oper_list.type                 'identity operation' 
_pdbx_struct_oper_list.name                 1_555 
_pdbx_struct_oper_list.symmetry_operation   x,y,z 
_pdbx_struct_oper_list.matrix[1][1]         1.0000000000 
_pdbx_struct_oper_list.matrix[1][2]         0.0000000000 
_pdbx_struct_oper_list.matrix[1][3]         0.0000000000 
_pdbx_struct_oper_list.vector[1]            0.0000000000 
_pdbx_struct_oper_list.matrix[2][1]         0.0000000000 
_pdbx_struct_oper_list.matrix[2][2]         1.0000000000 
_pdbx_struct_oper_list.matrix[2][3]         0.0000000000 
_pdbx_struct_oper_list.vector[2]            0.0000000000 
_pdbx_struct_oper_list.matrix[3][1]         0.0000000000 
_pdbx_struct_oper_list.matrix[3][2]         0.0000000000 
_pdbx_struct_oper_list.matrix[3][3]         1.0000000000 
_pdbx_struct_oper_list.vector[3]            0.0000000000 
# 
_struct_biol.id        1 
_struct_biol.details   ? 
# 
loop_
_struct_conf.conf_type_id 
_struct_conf.id 
_struct_conf.pdbx_PDB_helix_id 
_struct_conf.beg_label_comp_id 
_struct_conf.beg_label_asym_id 
_struct_conf.beg_label_seq_id 
_struct_conf.pdbx_beg_PDB_ins_code 
_struct_conf.end_label_comp_id 
_struct_conf.end_label_asym_id 
_struct_conf.end_label_seq_id 
_struct_conf.pdbx_end_PDB_ins_code 
_struct_conf.beg_auth_comp_id 
_struct_conf.beg_auth_asym_id 
_struct_conf.beg_auth_seq_id 
_struct_conf.end_auth_comp_id 
_struct_conf.end_auth_asym_id 
_struct_conf.end_auth_seq_id 
_struct_conf.pdbx_PDB_helix_class 
_struct_conf.details 
_struct_conf.pdbx_PDB_helix_length 
HELX_P HELX_P1 1 ASN A 21 ? LYS A 26 ? ASN A 21 LYS A 26 5 ? 6  
HELX_P HELX_P2 2 LYS A 29 ? HIS A 34 ? LYS A 29 HIS A 34 1 ? 6  
HELX_P HELX_P3 3 GLY A 64 ? ASP A 71 ? GLY A 64 ASP A 71 1 ? 8  
HELX_P HELX_P4 4 SER A 78 ? GLY A 88 ? SER A 78 GLY A 88 1 ? 11 
HELX_P HELX_P5 5 ASP A 90 ? GLY A 99 ? ASP A 90 GLY A 99 1 ? 10 
# 
_struct_conf_type.id          HELX_P 
_struct_conf_type.criteria    ? 
_struct_conf_type.reference   ? 
# 
loop_
_struct_conn.id 
_struct_conn.conn_type_id 
_struct_conn.pdbx_leaving_atom_flag 
_struct_conn.pdbx_PDB_id 
_struct_conn.ptnr1_label_asym_id 
_struct_conn.ptnr1_label_comp_id 
_struct_conn.ptnr1_label_seq_id 
_struct_conn.ptnr1_label_atom_id 
_struct_conn.pdbx_ptnr1_label_alt_id 
_struct_conn.pdbx_ptnr1_PDB_ins_code 
_struct_conn.pdbx_ptnr1_standard_comp_id 
_struct_conn.ptnr1_symmetry 
_struct_conn.ptnr2_label_asym_id 
_struct_conn.ptnr2_label_comp_id 
_struct_conn.ptnr2_label_seq_id 
_struct_conn.ptnr2_label_atom_id 
_struct_conn.pdbx_ptnr2_label_alt_id 
_struct_conn.pdbx_ptnr2_PDB_ins_code 
_struct_conn.ptnr1_auth_asym_id 
_struct_conn.ptnr1_auth_comp_id 
_struct_conn.ptnr1_auth_seq_id 
_struct_conn.ptnr2_auth_asym_id 
_struct_conn.ptnr2_auth_comp_id 
_struct_conn.ptnr2_auth_seq_id 
_struct_conn.ptnr2_symmetry 
_struct_conn.pdbx_ptnr3_label_atom_id 
_struct_conn.pdbx_ptnr3_label_seq_id 
_struct_conn.pdbx_ptnr3_label_comp_id 
_struct_conn.pdbx_ptnr3_label_asym_id 
_struct_conn.pdbx_ptnr3_label_alt_id 
_struct_conn.pdbx_ptnr3_PDB_ins_code 
_struct_conn.details 
_struct_conn.pdbx_dist_value 
_struct_conn.pdbx_value_order 
_struct_conn.pdbx_role 
covale1 covale none ? A CYS 30  SG  ? ? ? 1_555 D HEC . CAB ? ? A CYS 30  A HEC 1001 1_555 ? ? ? ? ? ? ? 1.835 ? ? 
covale2 covale none ? A CYS 33  SG  ? ? ? 1_555 D HEC . CAC ? ? A CYS 33  A HEC 1001 1_555 ? ? ? ? ? ? ? 1.837 ? ? 
covale3 covale none ? A CYS 46  SG  ? ? ? 1_555 C HEC . CAB ? ? A CYS 46  A HEC 1002 1_555 ? ? ? ? ? ? ? 1.839 ? ? 
covale4 covale none ? A CYS 51  SG  ? ? ? 1_555 C HEC . CAC ? ? A CYS 51  A HEC 1002 1_555 ? ? ? ? ? ? ? 1.839 ? ? 
covale5 covale none ? A CYS 79  SG  ? ? ? 1_555 E HEC . CAB ? ? A CYS 79  A HEC 1003 1_555 ? ? ? ? ? ? ? 1.835 ? ? 
covale6 covale none ? A CYS 82  SG  ? ? ? 1_555 E HEC . CAC ? ? A CYS 82  A HEC 1003 1_555 ? ? ? ? ? ? ? 1.828 ? ? 
covale7 covale none ? A CYS 100 SG  ? ? ? 1_555 B HEC . CAB ? ? A CYS 100 A HEC 1004 1_555 ? ? ? ? ? ? ? 1.828 ? ? 
covale8 covale none ? A CYS 105 SG  ? ? ? 1_555 B HEC . CAC ? ? A CYS 105 A HEC 1004 1_555 ? ? ? ? ? ? ? 1.839 ? ? 
metalc1 metalc ?    ? A HIS 22  NE2 ? ? ? 1_555 D HEC . FE  ? ? A HIS 22  A HEC 1001 1_555 ? ? ? ? ? ? ? 1.990 ? ? 
metalc2 metalc ?    ? A MET 25  SD  ? ? ? 1_555 E HEC . FE  ? ? A MET 25  A HEC 1003 1_555 ? ? ? ? ? ? ? 2.344 ? ? 
metalc3 metalc ?    ? A HIS 34  NE2 ? ? ? 1_555 D HEC . FE  ? ? A HIS 34  A HEC 1001 1_555 ? ? ? ? ? ? ? 1.968 ? ? 
metalc4 metalc ?    ? A HIS 35  NE2 ? ? ? 1_555 C HEC . FE  ? ? A HIS 35  A HEC 1002 1_555 ? ? ? ? ? ? ? 1.972 ? ? 
metalc5 metalc ?    ? A HIS 52  NE2 ? ? ? 1_555 C HEC . FE  ? ? A HIS 52  A HEC 1002 1_555 ? ? ? ? ? ? ? 1.971 ? ? 
metalc6 metalc ?    ? A HIS 70  NE2 ? ? ? 1_555 B HEC . FE  ? ? A HIS 70  A HEC 1004 1_555 ? ? ? ? ? ? ? 1.977 ? ? 
metalc7 metalc ?    ? A HIS 83  NE2 ? ? ? 1_555 E HEC . FE  ? ? A HIS 83  A HEC 1003 1_555 ? ? ? ? ? ? ? 2.002 ? ? 
metalc8 metalc ?    ? A HIS 106 NE2 ? ? ? 1_555 B HEC . FE  ? ? A HIS 106 A HEC 1004 1_555 ? ? ? ? ? ? ? 1.985 ? ? 
# 
loop_
_struct_conn_type.id 
_struct_conn_type.criteria 
_struct_conn_type.reference 
covale ? ? 
metalc ? ? 
# 
loop_
_pdbx_struct_conn_angle.id 
_pdbx_struct_conn_angle.ptnr1_label_atom_id 
_pdbx_struct_conn_angle.ptnr1_label_alt_id 
_pdbx_struct_conn_angle.ptnr1_label_asym_id 
_pdbx_struct_conn_angle.ptnr1_label_comp_id 
_pdbx_struct_conn_angle.ptnr1_label_seq_id 
_pdbx_struct_conn_angle.ptnr1_auth_atom_id 
_pdbx_struct_conn_angle.ptnr1_auth_asym_id 
_pdbx_struct_conn_angle.ptnr1_auth_comp_id 
_pdbx_struct_conn_angle.ptnr1_auth_seq_id 
_pdbx_struct_conn_angle.ptnr1_PDB_ins_code 
_pdbx_struct_conn_angle.ptnr1_symmetry 
_pdbx_struct_conn_angle.ptnr2_label_atom_id 
_pdbx_struct_conn_angle.ptnr2_label_alt_id 
_pdbx_struct_conn_angle.ptnr2_label_asym_id 
_pdbx_struct_conn_angle.ptnr2_label_comp_id 
_pdbx_struct_conn_angle.ptnr2_label_seq_id 
_pdbx_struct_conn_angle.ptnr2_auth_atom_id 
_pdbx_struct_conn_angle.ptnr2_auth_asym_id 
_pdbx_struct_conn_angle.ptnr2_auth_comp_id 
_pdbx_struct_conn_angle.ptnr2_auth_seq_id 
_pdbx_struct_conn_angle.ptnr2_PDB_ins_code 
_pdbx_struct_conn_angle.ptnr2_symmetry 
_pdbx_struct_conn_angle.ptnr3_label_atom_id 
_pdbx_struct_conn_angle.ptnr3_label_alt_id 
_pdbx_struct_conn_angle.ptnr3_label_asym_id 
_pdbx_struct_conn_angle.ptnr3_label_comp_id 
_pdbx_struct_conn_angle.ptnr3_label_seq_id 
_pdbx_struct_conn_angle.ptnr3_auth_atom_id 
_pdbx_struct_conn_angle.ptnr3_auth_asym_id 
_pdbx_struct_conn_angle.ptnr3_auth_comp_id 
_pdbx_struct_conn_angle.ptnr3_auth_seq_id 
_pdbx_struct_conn_angle.ptnr3_PDB_ins_code 
_pdbx_struct_conn_angle.ptnr3_symmetry 
_pdbx_struct_conn_angle.value 
_pdbx_struct_conn_angle.value_esd 
1  NE2 ? A HIS 22 ? A HIS 22   ? 1_555 FE ? D HEC . ? A HEC 1001 ? 1_555 NA  ? D HEC .   ? A HEC 1001 ? 1_555 92.2  ? 
2  NE2 ? A HIS 22 ? A HIS 22   ? 1_555 FE ? D HEC . ? A HEC 1001 ? 1_555 NB  ? D HEC .   ? A HEC 1001 ? 1_555 89.7  ? 
3  NA  ? D HEC .  ? A HEC 1001 ? 1_555 FE ? D HEC . ? A HEC 1001 ? 1_555 NB  ? D HEC .   ? A HEC 1001 ? 1_555 90.6  ? 
4  NE2 ? A HIS 22 ? A HIS 22   ? 1_555 FE ? D HEC . ? A HEC 1001 ? 1_555 NC  ? D HEC .   ? A HEC 1001 ? 1_555 90.8  ? 
5  NA  ? D HEC .  ? A HEC 1001 ? 1_555 FE ? D HEC . ? A HEC 1001 ? 1_555 NC  ? D HEC .   ? A HEC 1001 ? 1_555 177.0 ? 
6  NB  ? D HEC .  ? A HEC 1001 ? 1_555 FE ? D HEC . ? A HEC 1001 ? 1_555 NC  ? D HEC .   ? A HEC 1001 ? 1_555 89.8  ? 
7  NE2 ? A HIS 22 ? A HIS 22   ? 1_555 FE ? D HEC . ? A HEC 1001 ? 1_555 ND  ? D HEC .   ? A HEC 1001 ? 1_555 90.9  ? 
8  NA  ? D HEC .  ? A HEC 1001 ? 1_555 FE ? D HEC . ? A HEC 1001 ? 1_555 ND  ? D HEC .   ? A HEC 1001 ? 1_555 89.6  ? 
9  NB  ? D HEC .  ? A HEC 1001 ? 1_555 FE ? D HEC . ? A HEC 1001 ? 1_555 ND  ? D HEC .   ? A HEC 1001 ? 1_555 179.4 ? 
10 NC  ? D HEC .  ? A HEC 1001 ? 1_555 FE ? D HEC . ? A HEC 1001 ? 1_555 ND  ? D HEC .   ? A HEC 1001 ? 1_555 89.9  ? 
11 NE2 ? A HIS 22 ? A HIS 22   ? 1_555 FE ? D HEC . ? A HEC 1001 ? 1_555 NE2 ? A HIS 34  ? A HIS 34   ? 1_555 178.0 ? 
12 NA  ? D HEC .  ? A HEC 1001 ? 1_555 FE ? D HEC . ? A HEC 1001 ? 1_555 NE2 ? A HIS 34  ? A HIS 34   ? 1_555 86.9  ? 
13 NB  ? D HEC .  ? A HEC 1001 ? 1_555 FE ? D HEC . ? A HEC 1001 ? 1_555 NE2 ? A HIS 34  ? A HIS 34   ? 1_555 88.5  ? 
14 NC  ? D HEC .  ? A HEC 1001 ? 1_555 FE ? D HEC . ? A HEC 1001 ? 1_555 NE2 ? A HIS 34  ? A HIS 34   ? 1_555 90.2  ? 
15 ND  ? D HEC .  ? A HEC 1001 ? 1_555 FE ? D HEC . ? A HEC 1001 ? 1_555 NE2 ? A HIS 34  ? A HIS 34   ? 1_555 90.9  ? 
16 SD  ? A MET 25 ? A MET 25   ? 1_555 FE ? E HEC . ? A HEC 1003 ? 1_555 NA  ? E HEC .   ? A HEC 1003 ? 1_555 94.4  ? 
17 SD  ? A MET 25 ? A MET 25   ? 1_555 FE ? E HEC . ? A HEC 1003 ? 1_555 NB  ? E HEC .   ? A HEC 1003 ? 1_555 86.6  ? 
18 NA  ? E HEC .  ? A HEC 1003 ? 1_555 FE ? E HEC . ? A HEC 1003 ? 1_555 NB  ? E HEC .   ? A HEC 1003 ? 1_555 89.0  ? 
19 SD  ? A MET 25 ? A MET 25   ? 1_555 FE ? E HEC . ? A HEC 1003 ? 1_555 NC  ? E HEC .   ? A HEC 1003 ? 1_555 85.1  ? 
20 NA  ? E HEC .  ? A HEC 1003 ? 1_555 FE ? E HEC . ? A HEC 1003 ? 1_555 NC  ? E HEC .   ? A HEC 1003 ? 1_555 179.3 ? 
21 NB  ? E HEC .  ? A HEC 1003 ? 1_555 FE ? E HEC . ? A HEC 1003 ? 1_555 NC  ? E HEC .   ? A HEC 1003 ? 1_555 90.5  ? 
22 SD  ? A MET 25 ? A MET 25   ? 1_555 FE ? E HEC . ? A HEC 1003 ? 1_555 ND  ? E HEC .   ? A HEC 1003 ? 1_555 93.0  ? 
23 NA  ? E HEC .  ? A HEC 1003 ? 1_555 FE ? E HEC . ? A HEC 1003 ? 1_555 ND  ? E HEC .   ? A HEC 1003 ? 1_555 90.9  ? 
24 NB  ? E HEC .  ? A HEC 1003 ? 1_555 FE ? E HEC . ? A HEC 1003 ? 1_555 ND  ? E HEC .   ? A HEC 1003 ? 1_555 179.6 ? 
25 NC  ? E HEC .  ? A HEC 1003 ? 1_555 FE ? E HEC . ? A HEC 1003 ? 1_555 ND  ? E HEC .   ? A HEC 1003 ? 1_555 89.5  ? 
26 SD  ? A MET 25 ? A MET 25   ? 1_555 FE ? E HEC . ? A HEC 1003 ? 1_555 NE2 ? A HIS 83  ? A HIS 83   ? 1_555 176.9 ? 
27 NA  ? E HEC .  ? A HEC 1003 ? 1_555 FE ? E HEC . ? A HEC 1003 ? 1_555 NE2 ? A HIS 83  ? A HIS 83   ? 1_555 88.6  ? 
28 NB  ? E HEC .  ? A HEC 1003 ? 1_555 FE ? E HEC . ? A HEC 1003 ? 1_555 NE2 ? A HIS 83  ? A HIS 83   ? 1_555 92.8  ? 
29 NC  ? E HEC .  ? A HEC 1003 ? 1_555 FE ? E HEC . ? A HEC 1003 ? 1_555 NE2 ? A HIS 83  ? A HIS 83   ? 1_555 91.9  ? 
30 ND  ? E HEC .  ? A HEC 1003 ? 1_555 FE ? E HEC . ? A HEC 1003 ? 1_555 NE2 ? A HIS 83  ? A HIS 83   ? 1_555 87.7  ? 
31 NE2 ? A HIS 35 ? A HIS 35   ? 1_555 FE ? C HEC . ? A HEC 1002 ? 1_555 NA  ? C HEC .   ? A HEC 1002 ? 1_555 89.5  ? 
32 NE2 ? A HIS 35 ? A HIS 35   ? 1_555 FE ? C HEC . ? A HEC 1002 ? 1_555 NB  ? C HEC .   ? A HEC 1002 ? 1_555 92.9  ? 
33 NA  ? C HEC .  ? A HEC 1002 ? 1_555 FE ? C HEC . ? A HEC 1002 ? 1_555 NB  ? C HEC .   ? A HEC 1002 ? 1_555 89.9  ? 
34 NE2 ? A HIS 35 ? A HIS 35   ? 1_555 FE ? C HEC . ? A HEC 1002 ? 1_555 NC  ? C HEC .   ? A HEC 1002 ? 1_555 91.3  ? 
35 NA  ? C HEC .  ? A HEC 1002 ? 1_555 FE ? C HEC . ? A HEC 1002 ? 1_555 NC  ? C HEC .   ? A HEC 1002 ? 1_555 179.1 ? 
36 NB  ? C HEC .  ? A HEC 1002 ? 1_555 FE ? C HEC . ? A HEC 1002 ? 1_555 NC  ? C HEC .   ? A HEC 1002 ? 1_555 89.6  ? 
37 NE2 ? A HIS 35 ? A HIS 35   ? 1_555 FE ? C HEC . ? A HEC 1002 ? 1_555 ND  ? C HEC .   ? A HEC 1002 ? 1_555 89.8  ? 
38 NA  ? C HEC .  ? A HEC 1002 ? 1_555 FE ? C HEC . ? A HEC 1002 ? 1_555 ND  ? C HEC .   ? A HEC 1002 ? 1_555 90.8  ? 
39 NB  ? C HEC .  ? A HEC 1002 ? 1_555 FE ? C HEC . ? A HEC 1002 ? 1_555 ND  ? C HEC .   ? A HEC 1002 ? 1_555 177.2 ? 
40 NC  ? C HEC .  ? A HEC 1002 ? 1_555 FE ? C HEC . ? A HEC 1002 ? 1_555 ND  ? C HEC .   ? A HEC 1002 ? 1_555 89.7  ? 
41 NE2 ? A HIS 35 ? A HIS 35   ? 1_555 FE ? C HEC . ? A HEC 1002 ? 1_555 NE2 ? A HIS 52  ? A HIS 52   ? 1_555 175.6 ? 
42 NA  ? C HEC .  ? A HEC 1002 ? 1_555 FE ? C HEC . ? A HEC 1002 ? 1_555 NE2 ? A HIS 52  ? A HIS 52   ? 1_555 86.3  ? 
43 NB  ? C HEC .  ? A HEC 1002 ? 1_555 FE ? C HEC . ? A HEC 1002 ? 1_555 NE2 ? A HIS 52  ? A HIS 52   ? 1_555 88.3  ? 
44 NC  ? C HEC .  ? A HEC 1002 ? 1_555 FE ? C HEC . ? A HEC 1002 ? 1_555 NE2 ? A HIS 52  ? A HIS 52   ? 1_555 92.9  ? 
45 ND  ? C HEC .  ? A HEC 1002 ? 1_555 FE ? C HEC . ? A HEC 1002 ? 1_555 NE2 ? A HIS 52  ? A HIS 52   ? 1_555 89.0  ? 
46 NE2 ? A HIS 70 ? A HIS 70   ? 1_555 FE ? B HEC . ? A HEC 1004 ? 1_555 NA  ? B HEC .   ? A HEC 1004 ? 1_555 93.6  ? 
47 NE2 ? A HIS 70 ? A HIS 70   ? 1_555 FE ? B HEC . ? A HEC 1004 ? 1_555 NB  ? B HEC .   ? A HEC 1004 ? 1_555 87.5  ? 
48 NA  ? B HEC .  ? A HEC 1004 ? 1_555 FE ? B HEC . ? A HEC 1004 ? 1_555 NB  ? B HEC .   ? A HEC 1004 ? 1_555 91.2  ? 
49 NE2 ? A HIS 70 ? A HIS 70   ? 1_555 FE ? B HEC . ? A HEC 1004 ? 1_555 NC  ? B HEC .   ? A HEC 1004 ? 1_555 90.4  ? 
50 NA  ? B HEC .  ? A HEC 1004 ? 1_555 FE ? B HEC . ? A HEC 1004 ? 1_555 NC  ? B HEC .   ? A HEC 1004 ? 1_555 175.9 ? 
51 NB  ? B HEC .  ? A HEC 1004 ? 1_555 FE ? B HEC . ? A HEC 1004 ? 1_555 NC  ? B HEC .   ? A HEC 1004 ? 1_555 89.4  ? 
52 NE2 ? A HIS 70 ? A HIS 70   ? 1_555 FE ? B HEC . ? A HEC 1004 ? 1_555 ND  ? B HEC .   ? A HEC 1004 ? 1_555 86.1  ? 
53 NA  ? B HEC .  ? A HEC 1004 ? 1_555 FE ? B HEC . ? A HEC 1004 ? 1_555 ND  ? B HEC .   ? A HEC 1004 ? 1_555 89.9  ? 
54 NB  ? B HEC .  ? A HEC 1004 ? 1_555 FE ? B HEC . ? A HEC 1004 ? 1_555 ND  ? B HEC .   ? A HEC 1004 ? 1_555 173.5 ? 
55 NC  ? B HEC .  ? A HEC 1004 ? 1_555 FE ? B HEC . ? A HEC 1004 ? 1_555 ND  ? B HEC .   ? A HEC 1004 ? 1_555 89.9  ? 
56 NE2 ? A HIS 70 ? A HIS 70   ? 1_555 FE ? B HEC . ? A HEC 1004 ? 1_555 NE2 ? A HIS 106 ? A HIS 106  ? 1_555 175.3 ? 
57 NA  ? B HEC .  ? A HEC 1004 ? 1_555 FE ? B HEC . ? A HEC 1004 ? 1_555 NE2 ? A HIS 106 ? A HIS 106  ? 1_555 89.9  ? 
58 NB  ? B HEC .  ? A HEC 1004 ? 1_555 FE ? B HEC . ? A HEC 1004 ? 1_555 NE2 ? A HIS 106 ? A HIS 106  ? 1_555 95.6  ? 
59 NC  ? B HEC .  ? A HEC 1004 ? 1_555 FE ? B HEC . ? A HEC 1004 ? 1_555 NE2 ? A HIS 106 ? A HIS 106  ? 1_555 86.1  ? 
60 ND  ? B HEC .  ? A HEC 1004 ? 1_555 FE ? B HEC . ? A HEC 1004 ? 1_555 NE2 ? A HIS 106 ? A HIS 106  ? 1_555 90.8  ? 
# 
loop_
_pdbx_modification_feature.ordinal 
_pdbx_modification_feature.label_comp_id 
_pdbx_modification_feature.label_asym_id 
_pdbx_modification_feature.label_seq_id 
_pdbx_modification_feature.label_alt_id 
_pdbx_modification_feature.modified_residue_label_comp_id 
_pdbx_modification_feature.modified_residue_label_asym_id 
_pdbx_modification_feature.modified_residue_label_seq_id 
_pdbx_modification_feature.modified_residue_label_alt_id 
_pdbx_modification_feature.auth_comp_id 
_pdbx_modification_feature.auth_asym_id 
_pdbx_modification_feature.auth_seq_id 
_pdbx_modification_feature.PDB_ins_code 
_pdbx_modification_feature.symmetry 
_pdbx_modification_feature.modified_residue_auth_comp_id 
_pdbx_modification_feature.modified_residue_auth_asym_id 
_pdbx_modification_feature.modified_residue_auth_seq_id 
_pdbx_modification_feature.modified_residue_PDB_ins_code 
_pdbx_modification_feature.modified_residue_symmetry 
_pdbx_modification_feature.comp_id_linking_atom 
_pdbx_modification_feature.modified_residue_id_linking_atom 
_pdbx_modification_feature.modified_residue_id 
_pdbx_modification_feature.ref_pcm_id 
_pdbx_modification_feature.ref_comp_id 
_pdbx_modification_feature.type 
_pdbx_modification_feature.category 
1 HEC B . ? CYS A 100 ? HEC A 1004 ? 1_555 CYS A 100 ? 1_555 CAB SG CYS 2 HEC None Heme/heme-like 
2 HEC B . ? CYS A 105 ? HEC A 1004 ? 1_555 CYS A 105 ? 1_555 CAC SG CYS 3 HEC None Heme/heme-like 
3 HEC C . ? CYS A 46  ? HEC A 1002 ? 1_555 CYS A 46  ? 1_555 CAB SG CYS 2 HEC None Heme/heme-like 
4 HEC C . ? CYS A 51  ? HEC A 1002 ? 1_555 CYS A 51  ? 1_555 CAC SG CYS 3 HEC None Heme/heme-like 
5 HEC D . ? CYS A 30  ? HEC A 1001 ? 1_555 CYS A 30  ? 1_555 CAB SG CYS 2 HEC None Heme/heme-like 
6 HEC D . ? CYS A 33  ? HEC A 1001 ? 1_555 CYS A 33  ? 1_555 CAC SG CYS 3 HEC None Heme/heme-like 
7 HEC E . ? CYS A 79  ? HEC A 1003 ? 1_555 CYS A 79  ? 1_555 CAB SG CYS 2 HEC None Heme/heme-like 
8 HEC E . ? CYS A 82  ? HEC A 1003 ? 1_555 CYS A 82  ? 1_555 CAC SG CYS 3 HEC None Heme/heme-like 
# 
loop_
_struct_sheet.id 
_struct_sheet.type 
_struct_sheet.number_strands 
_struct_sheet.details 
A ? 2 ? 
B ? 2 ? 
# 
loop_
_struct_sheet_order.sheet_id 
_struct_sheet_order.range_id_1 
_struct_sheet_order.range_id_2 
_struct_sheet_order.offset 
_struct_sheet_order.sense 
A 1 2 ? anti-parallel 
B 1 2 ? anti-parallel 
# 
loop_
_struct_sheet_range.sheet_id 
_struct_sheet_range.id 
_struct_sheet_range.beg_label_comp_id 
_struct_sheet_range.beg_label_asym_id 
_struct_sheet_range.beg_label_seq_id 
_struct_sheet_range.pdbx_beg_PDB_ins_code 
_struct_sheet_range.end_label_comp_id 
_struct_sheet_range.end_label_asym_id 
_struct_sheet_range.end_label_seq_id 
_struct_sheet_range.pdbx_end_PDB_ins_code 
_struct_sheet_range.beg_auth_comp_id 
_struct_sheet_range.beg_auth_asym_id 
_struct_sheet_range.beg_auth_seq_id 
_struct_sheet_range.end_auth_comp_id 
_struct_sheet_range.end_auth_asym_id 
_struct_sheet_range.end_auth_seq_id 
A 1 LEU A 9  ? MET A 11 ? LEU A 9  MET A 11 
A 2 VAL A 18 ? PHE A 20 ? VAL A 18 PHE A 20 
B 1 PRO A 36 ? VAL A 37 ? PRO A 36 VAL A 37 
B 2 LYS A 40 ? GLU A 41 ? LYS A 40 GLU A 41 
# 
loop_
_pdbx_struct_sheet_hbond.sheet_id 
_pdbx_struct_sheet_hbond.range_id_1 
_pdbx_struct_sheet_hbond.range_id_2 
_pdbx_struct_sheet_hbond.range_1_label_atom_id 
_pdbx_struct_sheet_hbond.range_1_label_comp_id 
_pdbx_struct_sheet_hbond.range_1_label_asym_id 
_pdbx_struct_sheet_hbond.range_1_label_seq_id 
_pdbx_struct_sheet_hbond.range_1_PDB_ins_code 
_pdbx_struct_sheet_hbond.range_1_auth_atom_id 
_pdbx_struct_sheet_hbond.range_1_auth_comp_id 
_pdbx_struct_sheet_hbond.range_1_auth_asym_id 
_pdbx_struct_sheet_hbond.range_1_auth_seq_id 
_pdbx_struct_sheet_hbond.range_2_label_atom_id 
_pdbx_struct_sheet_hbond.range_2_label_comp_id 
_pdbx_struct_sheet_hbond.range_2_label_asym_id 
_pdbx_struct_sheet_hbond.range_2_label_seq_id 
_pdbx_struct_sheet_hbond.range_2_PDB_ins_code 
_pdbx_struct_sheet_hbond.range_2_auth_atom_id 
_pdbx_struct_sheet_hbond.range_2_auth_comp_id 
_pdbx_struct_sheet_hbond.range_2_auth_asym_id 
_pdbx_struct_sheet_hbond.range_2_auth_seq_id 
A 1 2 N LEU A 9  ? N LEU A 9  O PHE A 20 ? O PHE A 20 
B 1 2 N VAL A 37 ? N VAL A 37 O LYS A 40 ? O LYS A 40 
# 
loop_
_struct_site.id 
_struct_site.pdbx_evidence_code 
_struct_site.pdbx_auth_asym_id 
_struct_site.pdbx_auth_comp_id 
_struct_site.pdbx_auth_seq_id 
_struct_site.pdbx_auth_ins_code 
_struct_site.pdbx_num_residues 
_struct_site.details 
AC1 Software A HEC 1004 ? 21 'BINDING SITE FOR RESIDUE HEC A 1004' 
AC2 Software A HEC 1002 ? 17 'BINDING SITE FOR RESIDUE HEC A 1002' 
AC3 Software A HEC 1001 ? 17 'BINDING SITE FOR RESIDUE HEC A 1001' 
AC4 Software A HEC 1003 ? 14 'BINDING SITE FOR RESIDUE HEC A 1003' 
# 
loop_
_struct_site_gen.id 
_struct_site_gen.site_id 
_struct_site_gen.pdbx_num_res 
_struct_site_gen.label_comp_id 
_struct_site_gen.label_asym_id 
_struct_site_gen.label_seq_id 
_struct_site_gen.pdbx_auth_ins_code 
_struct_site_gen.auth_comp_id 
_struct_site_gen.auth_asym_id 
_struct_site_gen.auth_seq_id 
_struct_site_gen.label_atom_id 
_struct_site_gen.label_alt_id 
_struct_site_gen.symmetry 
_struct_site_gen.details 
1  AC1 21 MET A 11  ? MET A 11   . ? 1_555 ? 
2  AC1 21 ASP A 12  ? ASP A 12   . ? 1_555 ? 
3  AC1 21 LYS A 13  ? LYS A 13   . ? 1_555 ? 
4  AC1 21 THR A 14  ? THR A 14   . ? 1_555 ? 
5  AC1 21 GLN A 16  ? GLN A 16   . ? 1_555 ? 
6  AC1 21 PRO A 17  ? PRO A 17   . ? 1_555 ? 
7  AC1 21 GLY A 39  ? GLY A 39   . ? 4_466 ? 
8  AC1 21 TYR A 65  ? TYR A 65   . ? 1_555 ? 
9  AC1 21 TYR A 66  ? TYR A 66   . ? 1_555 ? 
10 AC1 21 HIS A 70  ? HIS A 70   . ? 1_555 ? 
11 AC1 21 HIS A 83  ? HIS A 83   . ? 1_555 ? 
12 AC1 21 LEU A 97  ? LEU A 97   . ? 1_555 ? 
13 AC1 21 THR A 98  ? THR A 98   . ? 1_555 ? 
14 AC1 21 GLY A 99  ? GLY A 99   . ? 1_555 ? 
15 AC1 21 CYS A 100 ? CYS A 100  . ? 1_555 ? 
16 AC1 21 CYS A 105 ? CYS A 105  . ? 1_555 ? 
17 AC1 21 HIS A 106 ? HIS A 106  . ? 1_555 ? 
18 AC1 21 HOH F .   ? HOH A 1040 . ? 1_555 ? 
19 AC1 21 HOH F .   ? HOH A 1047 . ? 1_555 ? 
20 AC1 21 HOH F .   ? HOH A 1077 . ? 1_555 ? 
21 AC1 21 HOH F .   ? HOH A 1099 . ? 1_555 ? 
22 AC2 17 HIS A 35  ? HIS A 35   . ? 1_555 ? 
23 AC2 17 ASP A 42  ? ASP A 42   . ? 1_555 ? 
24 AC2 17 GLN A 44  ? GLN A 44   . ? 1_555 ? 
25 AC2 17 LYS A 45  ? LYS A 45   . ? 1_555 ? 
26 AC2 17 CYS A 46  ? CYS A 46   . ? 1_555 ? 
27 AC2 17 CYS A 51  ? CYS A 51   . ? 1_555 ? 
28 AC2 17 HIS A 52  ? HIS A 52   . ? 1_555 ? 
29 AC2 17 HIS A 67  ? HIS A 67   . ? 1_555 ? 
30 AC2 17 ALA A 68  ? ALA A 68   . ? 1_555 ? 
31 AC2 17 THR A 74  ? THR A 74   . ? 1_555 ? 
32 AC2 17 LYS A 75  ? LYS A 75   . ? 1_555 ? 
33 AC2 17 PHE A 76  ? PHE A 76   . ? 1_555 ? 
34 AC2 17 HOH F .   ? HOH A 1023 . ? 1_555 ? 
35 AC2 17 HOH F .   ? HOH A 1029 . ? 1_555 ? 
36 AC2 17 HOH F .   ? HOH A 1036 . ? 1_555 ? 
37 AC2 17 HOH F .   ? HOH A 1079 . ? 1_555 ? 
38 AC2 17 HOH F .   ? HOH A 1085 . ? 1_555 ? 
39 AC3 17 PRO A 2   ? PRO A 2    . ? 1_555 ? 
40 AC3 17 LYS A 3   ? LYS A 3    . ? 1_555 ? 
41 AC3 17 ALA A 4   ? ALA A 4    . ? 1_555 ? 
42 AC3 17 PRO A 5   ? PRO A 5    . ? 1_555 ? 
43 AC3 17 MET A 11  ? MET A 11   . ? 1_555 ? 
44 AC3 17 PHE A 20  ? PHE A 20   . ? 1_555 ? 
45 AC3 17 HIS A 22  ? HIS A 22   . ? 1_555 ? 
46 AC3 17 CYS A 30  ? CYS A 30   . ? 1_555 ? 
47 AC3 17 CYS A 33  ? CYS A 33   . ? 1_555 ? 
48 AC3 17 HIS A 34  ? HIS A 34   . ? 1_555 ? 
49 AC3 17 LYS A 45  ? LYS A 45   . ? 1_555 ? 
50 AC3 17 CYS A 46  ? CYS A 46   . ? 1_555 ? 
51 AC3 17 HOH F .   ? HOH A 1012 . ? 1_555 ? 
52 AC3 17 HOH F .   ? HOH A 1041 . ? 1_555 ? 
53 AC3 17 HOH F .   ? HOH A 1086 . ? 1_555 ? 
54 AC3 17 HOH F .   ? HOH A 1132 . ? 1_555 ? 
55 AC3 17 HOH F .   ? HOH A 1146 . ? 1_555 ? 
56 AC4 14 ASN A 21  ? ASN A 21   . ? 1_555 ? 
57 AC4 14 THR A 24  ? THR A 24   . ? 1_555 ? 
58 AC4 14 MET A 25  ? MET A 25   . ? 1_555 ? 
59 AC4 14 LYS A 77  ? LYS A 77   . ? 1_555 ? 
60 AC4 14 CYS A 79  ? CYS A 79   . ? 1_555 ? 
61 AC4 14 CYS A 82  ? CYS A 82   . ? 1_555 ? 
62 AC4 14 HIS A 83  ? HIS A 83   . ? 1_555 ? 
63 AC4 14 LYS A 93  ? LYS A 93   . ? 1_555 ? 
64 AC4 14 LYS A 104 ? LYS A 104  . ? 1_555 ? 
65 AC4 14 HOH F .   ? HOH A 1016 . ? 1_555 ? 
66 AC4 14 HOH F .   ? HOH A 1044 . ? 1_555 ? 
67 AC4 14 HOH F .   ? HOH A 1076 . ? 1_555 ? 
68 AC4 14 HOH F .   ? HOH A 1083 . ? 1_555 ? 
69 AC4 14 HOH F .   ? HOH A 1170 . ? 1_555 ? 
# 
_pdbx_entry_details.entry_id                   2YXC 
_pdbx_entry_details.compound_details           ? 
_pdbx_entry_details.source_details             ? 
_pdbx_entry_details.nonpolymer_details         ? 
_pdbx_entry_details.sequence_details           ? 
_pdbx_entry_details.has_ligand_of_interest     ? 
_pdbx_entry_details.has_protein_modification   Y 
# 
_pdbx_validate_torsion.id              1 
_pdbx_validate_torsion.PDB_model_num   1 
_pdbx_validate_torsion.auth_comp_id    CYS 
_pdbx_validate_torsion.auth_asym_id    A 
_pdbx_validate_torsion.auth_seq_id     51 
_pdbx_validate_torsion.PDB_ins_code    ? 
_pdbx_validate_torsion.label_alt_id    ? 
_pdbx_validate_torsion.phi             -96.74 
_pdbx_validate_torsion.psi             -122.85 
# 
loop_
_chem_comp_atom.comp_id 
_chem_comp_atom.atom_id 
_chem_comp_atom.type_symbol 
_chem_comp_atom.pdbx_aromatic_flag 
_chem_comp_atom.pdbx_stereo_config 
_chem_comp_atom.pdbx_ordinal 
ALA N    N  N N 1   
ALA CA   C  N S 2   
ALA C    C  N N 3   
ALA O    O  N N 4   
ALA CB   C  N N 5   
ALA OXT  O  N N 6   
ALA H    H  N N 7   
ALA H2   H  N N 8   
ALA HA   H  N N 9   
ALA HB1  H  N N 10  
ALA HB2  H  N N 11  
ALA HB3  H  N N 12  
ALA HXT  H  N N 13  
ASN N    N  N N 14  
ASN CA   C  N S 15  
ASN C    C  N N 16  
ASN O    O  N N 17  
ASN CB   C  N N 18  
ASN CG   C  N N 19  
ASN OD1  O  N N 20  
ASN ND2  N  N N 21  
ASN OXT  O  N N 22  
ASN H    H  N N 23  
ASN H2   H  N N 24  
ASN HA   H  N N 25  
ASN HB2  H  N N 26  
ASN HB3  H  N N 27  
ASN HD21 H  N N 28  
ASN HD22 H  N N 29  
ASN HXT  H  N N 30  
ASP N    N  N N 31  
ASP CA   C  N S 32  
ASP C    C  N N 33  
ASP O    O  N N 34  
ASP CB   C  N N 35  
ASP CG   C  N N 36  
ASP OD1  O  N N 37  
ASP OD2  O  N N 38  
ASP OXT  O  N N 39  
ASP H    H  N N 40  
ASP H2   H  N N 41  
ASP HA   H  N N 42  
ASP HB2  H  N N 43  
ASP HB3  H  N N 44  
ASP HD2  H  N N 45  
ASP HXT  H  N N 46  
CYS N    N  N N 47  
CYS CA   C  N R 48  
CYS C    C  N N 49  
CYS O    O  N N 50  
CYS CB   C  N N 51  
CYS SG   S  N N 52  
CYS OXT  O  N N 53  
CYS H    H  N N 54  
CYS H2   H  N N 55  
CYS HA   H  N N 56  
CYS HB2  H  N N 57  
CYS HB3  H  N N 58  
CYS HG   H  N N 59  
CYS HXT  H  N N 60  
GLN N    N  N N 61  
GLN CA   C  N S 62  
GLN C    C  N N 63  
GLN O    O  N N 64  
GLN CB   C  N N 65  
GLN CG   C  N N 66  
GLN CD   C  N N 67  
GLN OE1  O  N N 68  
GLN NE2  N  N N 69  
GLN OXT  O  N N 70  
GLN H    H  N N 71  
GLN H2   H  N N 72  
GLN HA   H  N N 73  
GLN HB2  H  N N 74  
GLN HB3  H  N N 75  
GLN HG2  H  N N 76  
GLN HG3  H  N N 77  
GLN HE21 H  N N 78  
GLN HE22 H  N N 79  
GLN HXT  H  N N 80  
GLU N    N  N N 81  
GLU CA   C  N S 82  
GLU C    C  N N 83  
GLU O    O  N N 84  
GLU CB   C  N N 85  
GLU CG   C  N N 86  
GLU CD   C  N N 87  
GLU OE1  O  N N 88  
GLU OE2  O  N N 89  
GLU OXT  O  N N 90  
GLU H    H  N N 91  
GLU H2   H  N N 92  
GLU HA   H  N N 93  
GLU HB2  H  N N 94  
GLU HB3  H  N N 95  
GLU HG2  H  N N 96  
GLU HG3  H  N N 97  
GLU HE2  H  N N 98  
GLU HXT  H  N N 99  
GLY N    N  N N 100 
GLY CA   C  N N 101 
GLY C    C  N N 102 
GLY O    O  N N 103 
GLY OXT  O  N N 104 
GLY H    H  N N 105 
GLY H2   H  N N 106 
GLY HA2  H  N N 107 
GLY HA3  H  N N 108 
GLY HXT  H  N N 109 
HEC FE   FE N N 110 
HEC CHA  C  N N 111 
HEC CHB  C  N N 112 
HEC CHC  C  N N 113 
HEC CHD  C  N N 114 
HEC NA   N  Y N 115 
HEC C1A  C  Y N 116 
HEC C2A  C  Y N 117 
HEC C3A  C  Y N 118 
HEC C4A  C  Y N 119 
HEC CMA  C  N N 120 
HEC CAA  C  N N 121 
HEC CBA  C  N N 122 
HEC CGA  C  N N 123 
HEC O1A  O  N N 124 
HEC O2A  O  N N 125 
HEC NB   N  Y N 126 
HEC C1B  C  Y N 127 
HEC C2B  C  Y N 128 
HEC C3B  C  Y N 129 
HEC C4B  C  Y N 130 
HEC CMB  C  N N 131 
HEC CAB  C  N N 132 
HEC CBB  C  N N 133 
HEC NC   N  Y N 134 
HEC C1C  C  Y N 135 
HEC C2C  C  Y N 136 
HEC C3C  C  Y N 137 
HEC C4C  C  Y N 138 
HEC CMC  C  N N 139 
HEC CAC  C  N N 140 
HEC CBC  C  N N 141 
HEC ND   N  Y N 142 
HEC C1D  C  Y N 143 
HEC C2D  C  Y N 144 
HEC C3D  C  Y N 145 
HEC C4D  C  Y N 146 
HEC CMD  C  N N 147 
HEC CAD  C  N N 148 
HEC CBD  C  N N 149 
HEC CGD  C  N N 150 
HEC O1D  O  N N 151 
HEC O2D  O  N N 152 
HEC HHA  H  N N 153 
HEC HHB  H  N N 154 
HEC HHC  H  N N 155 
HEC HHD  H  N N 156 
HEC HMA1 H  N N 157 
HEC HMA2 H  N N 158 
HEC HMA3 H  N N 159 
HEC HAA1 H  N N 160 
HEC HAA2 H  N N 161 
HEC HBA1 H  N N 162 
HEC HBA2 H  N N 163 
HEC H2A  H  N N 164 
HEC HMB1 H  N N 165 
HEC HMB2 H  N N 166 
HEC HMB3 H  N N 167 
HEC HAB  H  N N 168 
HEC HBB1 H  N N 169 
HEC HBB2 H  N N 170 
HEC HBB3 H  N N 171 
HEC HMC1 H  N N 172 
HEC HMC2 H  N N 173 
HEC HMC3 H  N N 174 
HEC HAC  H  N N 175 
HEC HBC1 H  N N 176 
HEC HBC2 H  N N 177 
HEC HBC3 H  N N 178 
HEC HMD1 H  N N 179 
HEC HMD2 H  N N 180 
HEC HMD3 H  N N 181 
HEC HAD1 H  N N 182 
HEC HAD2 H  N N 183 
HEC HBD1 H  N N 184 
HEC HBD2 H  N N 185 
HEC H2D  H  N N 186 
HIS N    N  N N 187 
HIS CA   C  N S 188 
HIS C    C  N N 189 
HIS O    O  N N 190 
HIS CB   C  N N 191 
HIS CG   C  Y N 192 
HIS ND1  N  Y N 193 
HIS CD2  C  Y N 194 
HIS CE1  C  Y N 195 
HIS NE2  N  Y N 196 
HIS OXT  O  N N 197 
HIS H    H  N N 198 
HIS H2   H  N N 199 
HIS HA   H  N N 200 
HIS HB2  H  N N 201 
HIS HB3  H  N N 202 
HIS HD1  H  N N 203 
HIS HD2  H  N N 204 
HIS HE1  H  N N 205 
HIS HE2  H  N N 206 
HIS HXT  H  N N 207 
HOH O    O  N N 208 
HOH H1   H  N N 209 
HOH H2   H  N N 210 
LEU N    N  N N 211 
LEU CA   C  N S 212 
LEU C    C  N N 213 
LEU O    O  N N 214 
LEU CB   C  N N 215 
LEU CG   C  N N 216 
LEU CD1  C  N N 217 
LEU CD2  C  N N 218 
LEU OXT  O  N N 219 
LEU H    H  N N 220 
LEU H2   H  N N 221 
LEU HA   H  N N 222 
LEU HB2  H  N N 223 
LEU HB3  H  N N 224 
LEU HG   H  N N 225 
LEU HD11 H  N N 226 
LEU HD12 H  N N 227 
LEU HD13 H  N N 228 
LEU HD21 H  N N 229 
LEU HD22 H  N N 230 
LEU HD23 H  N N 231 
LEU HXT  H  N N 232 
LYS N    N  N N 233 
LYS CA   C  N S 234 
LYS C    C  N N 235 
LYS O    O  N N 236 
LYS CB   C  N N 237 
LYS CG   C  N N 238 
LYS CD   C  N N 239 
LYS CE   C  N N 240 
LYS NZ   N  N N 241 
LYS OXT  O  N N 242 
LYS H    H  N N 243 
LYS H2   H  N N 244 
LYS HA   H  N N 245 
LYS HB2  H  N N 246 
LYS HB3  H  N N 247 
LYS HG2  H  N N 248 
LYS HG3  H  N N 249 
LYS HD2  H  N N 250 
LYS HD3  H  N N 251 
LYS HE2  H  N N 252 
LYS HE3  H  N N 253 
LYS HZ1  H  N N 254 
LYS HZ2  H  N N 255 
LYS HZ3  H  N N 256 
LYS HXT  H  N N 257 
MET N    N  N N 258 
MET CA   C  N S 259 
MET C    C  N N 260 
MET O    O  N N 261 
MET CB   C  N N 262 
MET CG   C  N N 263 
MET SD   S  N N 264 
MET CE   C  N N 265 
MET OXT  O  N N 266 
MET H    H  N N 267 
MET H2   H  N N 268 
MET HA   H  N N 269 
MET HB2  H  N N 270 
MET HB3  H  N N 271 
MET HG2  H  N N 272 
MET HG3  H  N N 273 
MET HE1  H  N N 274 
MET HE2  H  N N 275 
MET HE3  H  N N 276 
MET HXT  H  N N 277 
PHE N    N  N N 278 
PHE CA   C  N S 279 
PHE C    C  N N 280 
PHE O    O  N N 281 
PHE CB   C  N N 282 
PHE CG   C  Y N 283 
PHE CD1  C  Y N 284 
PHE CD2  C  Y N 285 
PHE CE1  C  Y N 286 
PHE CE2  C  Y N 287 
PHE CZ   C  Y N 288 
PHE OXT  O  N N 289 
PHE H    H  N N 290 
PHE H2   H  N N 291 
PHE HA   H  N N 292 
PHE HB2  H  N N 293 
PHE HB3  H  N N 294 
PHE HD1  H  N N 295 
PHE HD2  H  N N 296 
PHE HE1  H  N N 297 
PHE HE2  H  N N 298 
PHE HZ   H  N N 299 
PHE HXT  H  N N 300 
PRO N    N  N N 301 
PRO CA   C  N S 302 
PRO C    C  N N 303 
PRO O    O  N N 304 
PRO CB   C  N N 305 
PRO CG   C  N N 306 
PRO CD   C  N N 307 
PRO OXT  O  N N 308 
PRO H    H  N N 309 
PRO HA   H  N N 310 
PRO HB2  H  N N 311 
PRO HB3  H  N N 312 
PRO HG2  H  N N 313 
PRO HG3  H  N N 314 
PRO HD2  H  N N 315 
PRO HD3  H  N N 316 
PRO HXT  H  N N 317 
SER N    N  N N 318 
SER CA   C  N S 319 
SER C    C  N N 320 
SER O    O  N N 321 
SER CB   C  N N 322 
SER OG   O  N N 323 
SER OXT  O  N N 324 
SER H    H  N N 325 
SER H2   H  N N 326 
SER HA   H  N N 327 
SER HB2  H  N N 328 
SER HB3  H  N N 329 
SER HG   H  N N 330 
SER HXT  H  N N 331 
THR N    N  N N 332 
THR CA   C  N S 333 
THR C    C  N N 334 
THR O    O  N N 335 
THR CB   C  N R 336 
THR OG1  O  N N 337 
THR CG2  C  N N 338 
THR OXT  O  N N 339 
THR H    H  N N 340 
THR H2   H  N N 341 
THR HA   H  N N 342 
THR HB   H  N N 343 
THR HG1  H  N N 344 
THR HG21 H  N N 345 
THR HG22 H  N N 346 
THR HG23 H  N N 347 
THR HXT  H  N N 348 
TYR N    N  N N 349 
TYR CA   C  N S 350 
TYR C    C  N N 351 
TYR O    O  N N 352 
TYR CB   C  N N 353 
TYR CG   C  Y N 354 
TYR CD1  C  Y N 355 
TYR CD2  C  Y N 356 
TYR CE1  C  Y N 357 
TYR CE2  C  Y N 358 
TYR CZ   C  Y N 359 
TYR OH   O  N N 360 
TYR OXT  O  N N 361 
TYR H    H  N N 362 
TYR H2   H  N N 363 
TYR HA   H  N N 364 
TYR HB2  H  N N 365 
TYR HB3  H  N N 366 
TYR HD1  H  N N 367 
TYR HD2  H  N N 368 
TYR HE1  H  N N 369 
TYR HE2  H  N N 370 
TYR HH   H  N N 371 
TYR HXT  H  N N 372 
VAL N    N  N N 373 
VAL CA   C  N S 374 
VAL C    C  N N 375 
VAL O    O  N N 376 
VAL CB   C  N N 377 
VAL CG1  C  N N 378 
VAL CG2  C  N N 379 
VAL OXT  O  N N 380 
VAL H    H  N N 381 
VAL H2   H  N N 382 
VAL HA   H  N N 383 
VAL HB   H  N N 384 
VAL HG11 H  N N 385 
VAL HG12 H  N N 386 
VAL HG13 H  N N 387 
VAL HG21 H  N N 388 
VAL HG22 H  N N 389 
VAL HG23 H  N N 390 
VAL HXT  H  N N 391 
# 
loop_
_chem_comp_bond.comp_id 
_chem_comp_bond.atom_id_1 
_chem_comp_bond.atom_id_2 
_chem_comp_bond.value_order 
_chem_comp_bond.pdbx_aromatic_flag 
_chem_comp_bond.pdbx_stereo_config 
_chem_comp_bond.pdbx_ordinal 
ALA N   CA   sing N N 1   
ALA N   H    sing N N 2   
ALA N   H2   sing N N 3   
ALA CA  C    sing N N 4   
ALA CA  CB   sing N N 5   
ALA CA  HA   sing N N 6   
ALA C   O    doub N N 7   
ALA C   OXT  sing N N 8   
ALA CB  HB1  sing N N 9   
ALA CB  HB2  sing N N 10  
ALA CB  HB3  sing N N 11  
ALA OXT HXT  sing N N 12  
ASN N   CA   sing N N 13  
ASN N   H    sing N N 14  
ASN N   H2   sing N N 15  
ASN CA  C    sing N N 16  
ASN CA  CB   sing N N 17  
ASN CA  HA   sing N N 18  
ASN C   O    doub N N 19  
ASN C   OXT  sing N N 20  
ASN CB  CG   sing N N 21  
ASN CB  HB2  sing N N 22  
ASN CB  HB3  sing N N 23  
ASN CG  OD1  doub N N 24  
ASN CG  ND2  sing N N 25  
ASN ND2 HD21 sing N N 26  
ASN ND2 HD22 sing N N 27  
ASN OXT HXT  sing N N 28  
ASP N   CA   sing N N 29  
ASP N   H    sing N N 30  
ASP N   H2   sing N N 31  
ASP CA  C    sing N N 32  
ASP CA  CB   sing N N 33  
ASP CA  HA   sing N N 34  
ASP C   O    doub N N 35  
ASP C   OXT  sing N N 36  
ASP CB  CG   sing N N 37  
ASP CB  HB2  sing N N 38  
ASP CB  HB3  sing N N 39  
ASP CG  OD1  doub N N 40  
ASP CG  OD2  sing N N 41  
ASP OD2 HD2  sing N N 42  
ASP OXT HXT  sing N N 43  
CYS N   CA   sing N N 44  
CYS N   H    sing N N 45  
CYS N   H2   sing N N 46  
CYS CA  C    sing N N 47  
CYS CA  CB   sing N N 48  
CYS CA  HA   sing N N 49  
CYS C   O    doub N N 50  
CYS C   OXT  sing N N 51  
CYS CB  SG   sing N N 52  
CYS CB  HB2  sing N N 53  
CYS CB  HB3  sing N N 54  
CYS SG  HG   sing N N 55  
CYS OXT HXT  sing N N 56  
GLN N   CA   sing N N 57  
GLN N   H    sing N N 58  
GLN N   H2   sing N N 59  
GLN CA  C    sing N N 60  
GLN CA  CB   sing N N 61  
GLN CA  HA   sing N N 62  
GLN C   O    doub N N 63  
GLN C   OXT  sing N N 64  
GLN CB  CG   sing N N 65  
GLN CB  HB2  sing N N 66  
GLN CB  HB3  sing N N 67  
GLN CG  CD   sing N N 68  
GLN CG  HG2  sing N N 69  
GLN CG  HG3  sing N N 70  
GLN CD  OE1  doub N N 71  
GLN CD  NE2  sing N N 72  
GLN NE2 HE21 sing N N 73  
GLN NE2 HE22 sing N N 74  
GLN OXT HXT  sing N N 75  
GLU N   CA   sing N N 76  
GLU N   H    sing N N 77  
GLU N   H2   sing N N 78  
GLU CA  C    sing N N 79  
GLU CA  CB   sing N N 80  
GLU CA  HA   sing N N 81  
GLU C   O    doub N N 82  
GLU C   OXT  sing N N 83  
GLU CB  CG   sing N N 84  
GLU CB  HB2  sing N N 85  
GLU CB  HB3  sing N N 86  
GLU CG  CD   sing N N 87  
GLU CG  HG2  sing N N 88  
GLU CG  HG3  sing N N 89  
GLU CD  OE1  doub N N 90  
GLU CD  OE2  sing N N 91  
GLU OE2 HE2  sing N N 92  
GLU OXT HXT  sing N N 93  
GLY N   CA   sing N N 94  
GLY N   H    sing N N 95  
GLY N   H2   sing N N 96  
GLY CA  C    sing N N 97  
GLY CA  HA2  sing N N 98  
GLY CA  HA3  sing N N 99  
GLY C   O    doub N N 100 
GLY C   OXT  sing N N 101 
GLY OXT HXT  sing N N 102 
HEC FE  NA   sing N N 103 
HEC FE  NB   sing N N 104 
HEC FE  NC   sing N N 105 
HEC FE  ND   sing N N 106 
HEC CHA C1A  doub N N 107 
HEC CHA C4D  sing N N 108 
HEC CHA HHA  sing N N 109 
HEC CHB C4A  doub N N 110 
HEC CHB C1B  sing N N 111 
HEC CHB HHB  sing N N 112 
HEC CHC C4B  doub N N 113 
HEC CHC C1C  sing N N 114 
HEC CHC HHC  sing N N 115 
HEC CHD C4C  doub N N 116 
HEC CHD C1D  sing N N 117 
HEC CHD HHD  sing N N 118 
HEC NA  C1A  sing Y N 119 
HEC NA  C4A  sing Y N 120 
HEC C1A C2A  sing Y N 121 
HEC C2A C3A  doub Y N 122 
HEC C2A CAA  sing N N 123 
HEC C3A C4A  sing Y N 124 
HEC C3A CMA  sing N N 125 
HEC CMA HMA1 sing N N 126 
HEC CMA HMA2 sing N N 127 
HEC CMA HMA3 sing N N 128 
HEC CAA CBA  sing N N 129 
HEC CAA HAA1 sing N N 130 
HEC CAA HAA2 sing N N 131 
HEC CBA CGA  sing N N 132 
HEC CBA HBA1 sing N N 133 
HEC CBA HBA2 sing N N 134 
HEC CGA O1A  doub N N 135 
HEC CGA O2A  sing N N 136 
HEC O2A H2A  sing N N 137 
HEC NB  C1B  sing Y N 138 
HEC NB  C4B  sing Y N 139 
HEC C1B C2B  doub Y N 140 
HEC C2B C3B  sing Y N 141 
HEC C2B CMB  sing N N 142 
HEC C3B C4B  sing Y N 143 
HEC C3B CAB  doub N E 144 
HEC CMB HMB1 sing N N 145 
HEC CMB HMB2 sing N N 146 
HEC CMB HMB3 sing N N 147 
HEC CAB CBB  sing N N 148 
HEC CAB HAB  sing N N 149 
HEC CBB HBB1 sing N N 150 
HEC CBB HBB2 sing N N 151 
HEC CBB HBB3 sing N N 152 
HEC NC  C1C  sing Y N 153 
HEC NC  C4C  sing Y N 154 
HEC C1C C2C  doub Y N 155 
HEC C2C C3C  sing Y N 156 
HEC C2C CMC  sing N N 157 
HEC C3C C4C  sing Y N 158 
HEC C3C CAC  doub N E 159 
HEC CMC HMC1 sing N N 160 
HEC CMC HMC2 sing N N 161 
HEC CMC HMC3 sing N N 162 
HEC CAC CBC  sing N N 163 
HEC CAC HAC  sing N N 164 
HEC CBC HBC1 sing N N 165 
HEC CBC HBC2 sing N N 166 
HEC CBC HBC3 sing N N 167 
HEC ND  C1D  sing Y N 168 
HEC ND  C4D  sing Y N 169 
HEC C1D C2D  doub Y N 170 
HEC C2D C3D  sing Y N 171 
HEC C2D CMD  sing N N 172 
HEC C3D C4D  doub Y N 173 
HEC C3D CAD  sing N N 174 
HEC CMD HMD1 sing N N 175 
HEC CMD HMD2 sing N N 176 
HEC CMD HMD3 sing N N 177 
HEC CAD CBD  sing N N 178 
HEC CAD HAD1 sing N N 179 
HEC CAD HAD2 sing N N 180 
HEC CBD CGD  sing N N 181 
HEC CBD HBD1 sing N N 182 
HEC CBD HBD2 sing N N 183 
HEC CGD O1D  doub N N 184 
HEC CGD O2D  sing N N 185 
HEC O2D H2D  sing N N 186 
HIS N   CA   sing N N 187 
HIS N   H    sing N N 188 
HIS N   H2   sing N N 189 
HIS CA  C    sing N N 190 
HIS CA  CB   sing N N 191 
HIS CA  HA   sing N N 192 
HIS C   O    doub N N 193 
HIS C   OXT  sing N N 194 
HIS CB  CG   sing N N 195 
HIS CB  HB2  sing N N 196 
HIS CB  HB3  sing N N 197 
HIS CG  ND1  sing Y N 198 
HIS CG  CD2  doub Y N 199 
HIS ND1 CE1  doub Y N 200 
HIS ND1 HD1  sing N N 201 
HIS CD2 NE2  sing Y N 202 
HIS CD2 HD2  sing N N 203 
HIS CE1 NE2  sing Y N 204 
HIS CE1 HE1  sing N N 205 
HIS NE2 HE2  sing N N 206 
HIS OXT HXT  sing N N 207 
HOH O   H1   sing N N 208 
HOH O   H2   sing N N 209 
LEU N   CA   sing N N 210 
LEU N   H    sing N N 211 
LEU N   H2   sing N N 212 
LEU CA  C    sing N N 213 
LEU CA  CB   sing N N 214 
LEU CA  HA   sing N N 215 
LEU C   O    doub N N 216 
LEU C   OXT  sing N N 217 
LEU CB  CG   sing N N 218 
LEU CB  HB2  sing N N 219 
LEU CB  HB3  sing N N 220 
LEU CG  CD1  sing N N 221 
LEU CG  CD2  sing N N 222 
LEU CG  HG   sing N N 223 
LEU CD1 HD11 sing N N 224 
LEU CD1 HD12 sing N N 225 
LEU CD1 HD13 sing N N 226 
LEU CD2 HD21 sing N N 227 
LEU CD2 HD22 sing N N 228 
LEU CD2 HD23 sing N N 229 
LEU OXT HXT  sing N N 230 
LYS N   CA   sing N N 231 
LYS N   H    sing N N 232 
LYS N   H2   sing N N 233 
LYS CA  C    sing N N 234 
LYS CA  CB   sing N N 235 
LYS CA  HA   sing N N 236 
LYS C   O    doub N N 237 
LYS C   OXT  sing N N 238 
LYS CB  CG   sing N N 239 
LYS CB  HB2  sing N N 240 
LYS CB  HB3  sing N N 241 
LYS CG  CD   sing N N 242 
LYS CG  HG2  sing N N 243 
LYS CG  HG3  sing N N 244 
LYS CD  CE   sing N N 245 
LYS CD  HD2  sing N N 246 
LYS CD  HD3  sing N N 247 
LYS CE  NZ   sing N N 248 
LYS CE  HE2  sing N N 249 
LYS CE  HE3  sing N N 250 
LYS NZ  HZ1  sing N N 251 
LYS NZ  HZ2  sing N N 252 
LYS NZ  HZ3  sing N N 253 
LYS OXT HXT  sing N N 254 
MET N   CA   sing N N 255 
MET N   H    sing N N 256 
MET N   H2   sing N N 257 
MET CA  C    sing N N 258 
MET CA  CB   sing N N 259 
MET CA  HA   sing N N 260 
MET C   O    doub N N 261 
MET C   OXT  sing N N 262 
MET CB  CG   sing N N 263 
MET CB  HB2  sing N N 264 
MET CB  HB3  sing N N 265 
MET CG  SD   sing N N 266 
MET CG  HG2  sing N N 267 
MET CG  HG3  sing N N 268 
MET SD  CE   sing N N 269 
MET CE  HE1  sing N N 270 
MET CE  HE2  sing N N 271 
MET CE  HE3  sing N N 272 
MET OXT HXT  sing N N 273 
PHE N   CA   sing N N 274 
PHE N   H    sing N N 275 
PHE N   H2   sing N N 276 
PHE CA  C    sing N N 277 
PHE CA  CB   sing N N 278 
PHE CA  HA   sing N N 279 
PHE C   O    doub N N 280 
PHE C   OXT  sing N N 281 
PHE CB  CG   sing N N 282 
PHE CB  HB2  sing N N 283 
PHE CB  HB3  sing N N 284 
PHE CG  CD1  doub Y N 285 
PHE CG  CD2  sing Y N 286 
PHE CD1 CE1  sing Y N 287 
PHE CD1 HD1  sing N N 288 
PHE CD2 CE2  doub Y N 289 
PHE CD2 HD2  sing N N 290 
PHE CE1 CZ   doub Y N 291 
PHE CE1 HE1  sing N N 292 
PHE CE2 CZ   sing Y N 293 
PHE CE2 HE2  sing N N 294 
PHE CZ  HZ   sing N N 295 
PHE OXT HXT  sing N N 296 
PRO N   CA   sing N N 297 
PRO N   CD   sing N N 298 
PRO N   H    sing N N 299 
PRO CA  C    sing N N 300 
PRO CA  CB   sing N N 301 
PRO CA  HA   sing N N 302 
PRO C   O    doub N N 303 
PRO C   OXT  sing N N 304 
PRO CB  CG   sing N N 305 
PRO CB  HB2  sing N N 306 
PRO CB  HB3  sing N N 307 
PRO CG  CD   sing N N 308 
PRO CG  HG2  sing N N 309 
PRO CG  HG3  sing N N 310 
PRO CD  HD2  sing N N 311 
PRO CD  HD3  sing N N 312 
PRO OXT HXT  sing N N 313 
SER N   CA   sing N N 314 
SER N   H    sing N N 315 
SER N   H2   sing N N 316 
SER CA  C    sing N N 317 
SER CA  CB   sing N N 318 
SER CA  HA   sing N N 319 
SER C   O    doub N N 320 
SER C   OXT  sing N N 321 
SER CB  OG   sing N N 322 
SER CB  HB2  sing N N 323 
SER CB  HB3  sing N N 324 
SER OG  HG   sing N N 325 
SER OXT HXT  sing N N 326 
THR N   CA   sing N N 327 
THR N   H    sing N N 328 
THR N   H2   sing N N 329 
THR CA  C    sing N N 330 
THR CA  CB   sing N N 331 
THR CA  HA   sing N N 332 
THR C   O    doub N N 333 
THR C   OXT  sing N N 334 
THR CB  OG1  sing N N 335 
THR CB  CG2  sing N N 336 
THR CB  HB   sing N N 337 
THR OG1 HG1  sing N N 338 
THR CG2 HG21 sing N N 339 
THR CG2 HG22 sing N N 340 
THR CG2 HG23 sing N N 341 
THR OXT HXT  sing N N 342 
TYR N   CA   sing N N 343 
TYR N   H    sing N N 344 
TYR N   H2   sing N N 345 
TYR CA  C    sing N N 346 
TYR CA  CB   sing N N 347 
TYR CA  HA   sing N N 348 
TYR C   O    doub N N 349 
TYR C   OXT  sing N N 350 
TYR CB  CG   sing N N 351 
TYR CB  HB2  sing N N 352 
TYR CB  HB3  sing N N 353 
TYR CG  CD1  doub Y N 354 
TYR CG  CD2  sing Y N 355 
TYR CD1 CE1  sing Y N 356 
TYR CD1 HD1  sing N N 357 
TYR CD2 CE2  doub Y N 358 
TYR CD2 HD2  sing N N 359 
TYR CE1 CZ   doub Y N 360 
TYR CE1 HE1  sing N N 361 
TYR CE2 CZ   sing Y N 362 
TYR CE2 HE2  sing N N 363 
TYR CZ  OH   sing N N 364 
TYR OH  HH   sing N N 365 
TYR OXT HXT  sing N N 366 
VAL N   CA   sing N N 367 
VAL N   H    sing N N 368 
VAL N   H2   sing N N 369 
VAL CA  C    sing N N 370 
VAL CA  CB   sing N N 371 
VAL CA  HA   sing N N 372 
VAL C   O    doub N N 373 
VAL C   OXT  sing N N 374 
VAL CB  CG1  sing N N 375 
VAL CB  CG2  sing N N 376 
VAL CB  HB   sing N N 377 
VAL CG1 HG11 sing N N 378 
VAL CG1 HG12 sing N N 379 
VAL CG1 HG13 sing N N 380 
VAL CG2 HG21 sing N N 381 
VAL CG2 HG22 sing N N 382 
VAL CG2 HG23 sing N N 383 
VAL OXT HXT  sing N N 384 
# 
_pdbx_initial_refinement_model.id               1 
_pdbx_initial_refinement_model.entity_id_list   ? 
_pdbx_initial_refinement_model.type             'experimental model' 
_pdbx_initial_refinement_model.source_name      PDB 
_pdbx_initial_refinement_model.accession_code   1J0O 
_pdbx_initial_refinement_model.details          ? 
# 
_atom_sites.entry_id                    2YXC 
_atom_sites.fract_transf_matrix[1][1]   -0.00943453 
_atom_sites.fract_transf_matrix[1][2]   -0.01660104 
_atom_sites.fract_transf_matrix[1][3]   -0.00245654 
_atom_sites.fract_transf_matrix[2][1]   -0.00826933 
_atom_sites.fract_transf_matrix[2][2]   0.00291866 
_atom_sites.fract_transf_matrix[2][3]   0.01203501 
_atom_sites.fract_transf_matrix[3][1]   -0.01943362 
_atom_sites.fract_transf_matrix[3][2]   0.01350485 
_atom_sites.fract_transf_matrix[3][3]   -0.01662809 
_atom_sites.fract_transf_vector[1]      0.586306 
_atom_sites.fract_transf_vector[2]      0.670878 
_atom_sites.fract_transf_vector[3]      0.758498 
# 
loop_
_atom_type.symbol 
C  
FE 
N  
O  
S  
# 
loop_
_atom_site.group_PDB 
_atom_site.id 
_atom_site.type_symbol 
_atom_site.label_atom_id 
_atom_site.label_alt_id 
_atom_site.label_comp_id 
_atom_site.label_asym_id 
_atom_site.label_entity_id 
_atom_site.label_seq_id 
_atom_site.pdbx_PDB_ins_code 
_atom_site.Cartn_x 
_atom_site.Cartn_y 
_atom_site.Cartn_z 
_atom_site.occupancy 
_atom_site.B_iso_or_equiv 
_atom_site.pdbx_formal_charge 
_atom_site.auth_seq_id 
_atom_site.auth_comp_id 
_atom_site.auth_asym_id 
_atom_site.auth_atom_id 
_atom_site.pdbx_PDB_model_num 
ATOM   1    N  N   . ALA A 1 1   ? -19.313 -3.642  11.207  1.00 23.64 ? 1    ALA A N   1 
ATOM   2    C  CA  . ALA A 1 1   ? -17.964 -3.646  10.576  1.00 23.09 ? 1    ALA A CA  1 
ATOM   3    C  C   . ALA A 1 1   ? -17.593 -2.247  10.093  1.00 22.82 ? 1    ALA A C   1 
ATOM   4    O  O   . ALA A 1 1   ? -18.464 -1.457  9.726   1.00 22.40 ? 1    ALA A O   1 
ATOM   5    C  CB  . ALA A 1 1   ? -17.942 -4.623  9.407   1.00 22.22 ? 1    ALA A CB  1 
ATOM   6    N  N   . PRO A 1 2   ? -16.289 -1.919  10.097  1.00 21.81 ? 2    PRO A N   1 
ATOM   7    C  CA  . PRO A 1 2   ? -15.827 -0.600  9.651   1.00 21.35 ? 2    PRO A CA  1 
ATOM   8    C  C   . PRO A 1 2   ? -16.273 -0.318  8.219   1.00 20.38 ? 2    PRO A C   1 
ATOM   9    O  O   . PRO A 1 2   ? -16.495 -1.243  7.439   1.00 20.08 ? 2    PRO A O   1 
ATOM   10   C  CB  . PRO A 1 2   ? -14.306 -0.693  9.766   1.00 21.91 ? 2    PRO A CB  1 
ATOM   11   C  CG  . PRO A 1 2   ? -14.072 -1.762  10.777  1.00 22.52 ? 2    PRO A CG  1 
ATOM   12   C  CD  . PRO A 1 2   ? -15.172 -2.760  10.559  1.00 22.32 ? 2    PRO A CD  1 
ATOM   13   N  N   . LYS A 1 3   ? -16.401 0.960   7.878   1.00 19.21 ? 3    LYS A N   1 
ATOM   14   C  CA  . LYS A 1 3   ? -16.829 1.346   6.539   1.00 19.09 ? 3    LYS A CA  1 
ATOM   15   C  C   . LYS A 1 3   ? -15.667 1.915   5.735   1.00 16.62 ? 3    LYS A C   1 
ATOM   16   O  O   . LYS A 1 3   ? -14.829 2.644   6.266   1.00 17.22 ? 3    LYS A O   1 
ATOM   17   C  CB  . LYS A 1 3   ? -17.951 2.383   6.623   1.00 19.49 ? 3    LYS A CB  1 
ATOM   18   C  CG  . LYS A 1 3   ? -19.192 1.892   7.348   1.00 21.21 ? 3    LYS A CG  1 
ATOM   19   C  CD  . LYS A 1 3   ? -20.229 2.995   7.478   1.00 23.31 ? 3    LYS A CD  1 
ATOM   20   C  CE  . LYS A 1 3   ? -21.470 2.502   8.206   1.00 24.55 ? 3    LYS A CE  1 
ATOM   21   N  NZ  . LYS A 1 3   ? -22.523 3.553   8.280   1.00 26.11 ? 3    LYS A NZ  1 
ATOM   22   N  N   . ALA A 1 4   ? -15.621 1.577   4.451   1.00 14.99 ? 4    ALA A N   1 
ATOM   23   C  CA  . ALA A 1 4   ? -14.597 2.113   3.565   1.00 13.34 ? 4    ALA A CA  1 
ATOM   24   C  C   . ALA A 1 4   ? -14.784 3.619   3.416   1.00 13.05 ? 4    ALA A C   1 
ATOM   25   O  O   . ALA A 1 4   ? -15.902 4.101   3.228   1.00 14.93 ? 4    ALA A O   1 
ATOM   26   C  CB  . ALA A 1 4   ? -14.680 1.438   2.203   1.00 12.97 ? 4    ALA A CB  1 
ATOM   27   N  N   . PRO A 1 5   ? -13.688 4.385   3.509   1.00 11.78 ? 5    PRO A N   1 
ATOM   28   C  CA  . PRO A 1 5   ? -13.789 5.840   3.374   1.00 10.90 ? 5    PRO A CA  1 
ATOM   29   C  C   . PRO A 1 5   ? -14.014 6.247   1.922   1.00 10.95 ? 5    PRO A C   1 
ATOM   30   O  O   . PRO A 1 5   ? -13.921 5.421   1.014   1.00 10.54 ? 5    PRO A O   1 
ATOM   31   C  CB  . PRO A 1 5   ? -12.451 6.344   3.905   1.00 12.88 ? 5    PRO A CB  1 
ATOM   32   C  CG  . PRO A 1 5   ? -11.512 5.217   3.659   1.00 12.20 ? 5    PRO A CG  1 
ATOM   33   C  CD  . PRO A 1 5   ? -12.316 3.956   3.838   1.00 12.01 ? 5    PRO A CD  1 
ATOM   34   N  N   . ALA A 1 6   ? -14.311 7.525   1.713   1.00 11.12 ? 6    ALA A N   1 
ATOM   35   C  CA  . ALA A 1 6   ? -14.464 8.065   0.369   1.00 10.68 ? 6    ALA A CA  1 
ATOM   36   C  C   . ALA A 1 6   ? -13.162 7.925   -0.411  1.00 10.15 ? 6    ALA A C   1 
ATOM   37   O  O   . ALA A 1 6   ? -12.083 7.828   0.173   1.00 10.41 ? 6    ALA A O   1 
ATOM   38   C  CB  . ALA A 1 6   ? -14.872 9.531   0.443   1.00 10.85 ? 6    ALA A CB  1 
ATOM   39   N  N   . ASP A 1 7   ? -13.270 7.914   -1.736  1.00 8.89  ? 7    ASP A N   1 
ATOM   40   C  CA  . ASP A 1 7   ? -12.092 7.927   -2.595  1.00 9.66  ? 7    ASP A CA  1 
ATOM   41   C  C   . ASP A 1 7   ? -11.336 9.244   -2.446  1.00 9.40  ? 7    ASP A C   1 
ATOM   42   O  O   . ASP A 1 7   ? -11.824 10.186  -1.815  1.00 11.27 ? 7    ASP A O   1 
ATOM   43   C  CB  . ASP A 1 7   ? -12.501 7.740   -4.059  1.00 9.47  ? 7    ASP A CB  1 
ATOM   44   C  CG  . ASP A 1 7   ? -12.943 6.327   -4.367  1.00 9.44  ? 7    ASP A CG  1 
ATOM   45   O  OD1 . ASP A 1 7   ? -12.642 5.412   -3.571  1.00 8.53  ? 7    ASP A OD1 1 
ATOM   46   O  OD2 . ASP A 1 7   ? -13.593 6.132   -5.414  1.00 9.80  ? 7    ASP A OD2 1 
ATOM   47   N  N   . GLY A 1 8   ? -10.140 9.302   -3.024  1.00 9.79  ? 8    GLY A N   1 
ATOM   48   C  CA  . GLY A 1 8   ? -9.369  10.531  -2.999  1.00 9.43  ? 8    GLY A CA  1 
ATOM   49   C  C   . GLY A 1 8   ? -8.627  10.713  -1.689  1.00 10.62 ? 8    GLY A C   1 
ATOM   50   O  O   . GLY A 1 8   ? -8.233  11.825  -1.340  1.00 12.34 ? 8    GLY A O   1 
ATOM   51   N  N   . LEU A 1 9   ? -8.437  9.616   -0.965  1.00 9.16  ? 9    LEU A N   1 
ATOM   52   C  CA  . LEU A 1 9   ? -7.767  9.654   0.328   1.00 9.94  ? 9    LEU A CA  1 
ATOM   53   C  C   . LEU A 1 9   ? -6.278  9.941   0.161   1.00 9.95  ? 9    LEU A C   1 
ATOM   54   O  O   . LEU A 1 9   ? -5.604  9.325   -0.666  1.00 10.06 ? 9    LEU A O   1 
ATOM   55   C  CB  . LEU A 1 9   ? -7.969  8.321   1.055   1.00 11.23 ? 9    LEU A CB  1 
ATOM   56   C  CG  . LEU A 1 9   ? -7.428  8.201   2.480   1.00 13.26 ? 9    LEU A CG  1 
ATOM   57   C  CD1 . LEU A 1 9   ? -7.832  9.422   3.287   1.00 16.77 ? 9    LEU A CD1 1 
ATOM   58   C  CD2 . LEU A 1 9   ? -7.960  6.927   3.122   1.00 14.39 ? 9    LEU A CD2 1 
ATOM   59   N  N   . LYS A 1 10  ? -5.772  10.883  0.953   1.00 10.34 ? 10   LYS A N   1 
ATOM   60   C  CA  . LYS A 1 10  ? -4.375  11.289  0.867   1.00 11.00 ? 10   LYS A CA  1 
ATOM   61   C  C   . LYS A 1 10  ? -3.485  10.439  1.763   1.00 10.51 ? 10   LYS A C   1 
ATOM   62   O  O   . LYS A 1 10  ? -3.718  10.331  2.967   1.00 12.79 ? 10   LYS A O   1 
ATOM   63   C  CB  . LYS A 1 10  ? -4.227  12.764  1.265   1.00 11.66 ? 10   LYS A CB  1 
ATOM   64   C  CG  . LYS A 1 10  ? -4.899  13.749  0.322   1.00 13.25 ? 10   LYS A CG  1 
ATOM   65   C  CD  . LYS A 1 10  ? -4.700  15.192  0.783   1.00 13.83 ? 10   LYS A CD  1 
ATOM   66   C  CE  . LYS A 1 10  ? -3.433  15.813  0.200   1.00 15.69 ? 10   LYS A CE  1 
ATOM   67   N  NZ  . LYS A 1 10  ? -2.187  15.224  0.772   1.00 14.92 ? 10   LYS A NZ  1 
ATOM   68   N  N   . MET A 1 11  ? -2.467  9.829   1.166   1.00 9.03  ? 11   MET A N   1 
ATOM   69   C  CA  . MET A 1 11  ? -1.357  9.284   1.935   1.00 7.88  ? 11   MET A CA  1 
ATOM   70   C  C   . MET A 1 11  ? -0.204  10.261  1.776   1.00 9.84  ? 11   MET A C   1 
ATOM   71   O  O   . MET A 1 11  ? 0.341   10.416  0.683   1.00 9.72  ? 11   MET A O   1 
ATOM   72   C  CB  . MET A 1 11  ? -0.970  7.901   1.403   1.00 7.91  ? 11   MET A CB  1 
ATOM   73   C  CG  . MET A 1 11  ? -2.134  6.914   1.408   1.00 6.89  ? 11   MET A CG  1 
ATOM   74   S  SD  . MET A 1 11  ? -1.710  5.278   0.773   1.00 7.72  ? 11   MET A SD  1 
ATOM   75   C  CE  . MET A 1 11  ? -0.675  4.638   2.099   1.00 6.36  ? 11   MET A CE  1 
ATOM   76   N  N   . ASP A 1 12  ? 0.151   10.939  2.863   1.00 8.49  ? 12   ASP A N   1 
ATOM   77   C  CA  . ASP A 1 12  ? 1.087   12.054  2.772   1.00 8.82  ? 12   ASP A CA  1 
ATOM   78   C  C   . ASP A 1 12  ? 2.102   12.116  3.910   1.00 8.53  ? 12   ASP A C   1 
ATOM   79   O  O   . ASP A 1 12  ? 2.422   13.194  4.405   1.00 8.38  ? 12   ASP A O   1 
ATOM   80   C  CB  . ASP A 1 12  ? 0.313   13.375  2.683   1.00 9.30  ? 12   ASP A CB  1 
ATOM   81   C  CG  . ASP A 1 12  ? -0.727  13.529  3.781   1.00 11.20 ? 12   ASP A CG  1 
ATOM   82   O  OD1 . ASP A 1 12  ? -1.699  14.286  3.562   1.00 13.51 ? 12   ASP A OD1 1 
ATOM   83   O  OD2 . ASP A 1 12  ? -0.580  12.906  4.854   1.00 11.00 ? 12   ASP A OD2 1 
ATOM   84   N  N   . LYS A 1 13  ? 2.619   10.958  4.310   1.00 8.13  ? 13   LYS A N   1 
ATOM   85   C  CA  . LYS A 1 13  ? 3.679   10.910  5.311   1.00 8.01  ? 13   LYS A CA  1 
ATOM   86   C  C   . LYS A 1 13  ? 5.000   11.394  4.718   1.00 9.72  ? 13   LYS A C   1 
ATOM   87   O  O   . LYS A 1 13  ? 5.916   11.765  5.454   1.00 10.79 ? 13   LYS A O   1 
ATOM   88   C  CB  . LYS A 1 13  ? 3.864   9.483   5.836   1.00 9.90  ? 13   LYS A CB  1 
ATOM   89   C  CG  . LYS A 1 13  ? 2.588   8.799   6.306   1.00 11.54 ? 13   LYS A CG  1 
ATOM   90   C  CD  . LYS A 1 13  ? 1.856   9.606   7.368   1.00 13.97 ? 13   LYS A CD  1 
ATOM   91   C  CE  . LYS A 1 13  ? 2.669   9.730   8.646   1.00 15.93 ? 13   LYS A CE  1 
ATOM   92   N  NZ  . LYS A 1 13  ? 1.870   10.372  9.727   1.00 17.34 ? 13   LYS A NZ  1 
ATOM   93   N  N   . THR A 1 14  ? 5.095   11.385  3.391   1.00 8.82  ? 14   THR A N   1 
ATOM   94   C  CA  . THR A 1 14  ? 6.357   11.671  2.711   1.00 8.59  ? 14   THR A CA  1 
ATOM   95   C  C   . THR A 1 14  ? 6.221   12.822  1.719   1.00 8.88  ? 14   THR A C   1 
ATOM   96   O  O   . THR A 1 14  ? 5.134   13.367  1.528   1.00 9.56  ? 14   THR A O   1 
ATOM   97   C  CB  . THR A 1 14  ? 6.867   10.439  1.937   1.00 8.26  ? 14   THR A CB  1 
ATOM   98   O  OG1 . THR A 1 14  ? 6.118   10.284  0.724   1.00 8.07  ? 14   THR A OG1 1 
ATOM   99   C  CG2 . THR A 1 14  ? 6.705   9.182   2.781   1.00 8.86  ? 14   THR A CG2 1 
ATOM   100  N  N   . LYS A 1 15  ? 7.332   13.180  1.082   1.00 8.42  ? 15   LYS A N   1 
ATOM   101  C  CA  . LYS A 1 15  ? 7.322   14.217  0.054   1.00 8.37  ? 15   LYS A CA  1 
ATOM   102  C  C   . LYS A 1 15  ? 6.908   13.677  -1.314  1.00 9.65  ? 15   LYS A C   1 
ATOM   103  O  O   . LYS A 1 15  ? 6.919   14.406  -2.306  1.00 9.54  ? 15   LYS A O   1 
ATOM   104  C  CB  . LYS A 1 15  ? 8.700   14.883  -0.040  1.00 10.19 ? 15   LYS A CB  1 
ATOM   105  C  CG  . LYS A 1 15  ? 9.102   15.628  1.225   1.00 11.50 ? 15   LYS A CG  1 
ATOM   106  C  CD  . LYS A 1 15  ? 10.388  16.411  1.031   1.00 11.35 ? 15   LYS A CD  1 
ATOM   107  C  CE  . LYS A 1 15  ? 10.859  17.028  2.344   1.00 12.88 ? 15   LYS A CE  1 
ATOM   108  N  NZ  . LYS A 1 15  ? 12.100  17.836  2.167   1.00 14.90 ? 15   LYS A NZ  1 
ATOM   109  N  N   . GLN A 1 16  ? 6.541   12.401  -1.363  1.00 8.70  ? 16   GLN A N   1 
ATOM   110  C  CA  . GLN A 1 16  ? 5.987   11.806  -2.580  1.00 8.56  ? 16   GLN A CA  1 
ATOM   111  C  C   . GLN A 1 16  ? 4.586   11.283  -2.266  1.00 8.60  ? 16   GLN A C   1 
ATOM   112  O  O   . GLN A 1 16  ? 4.329   10.080  -2.350  1.00 8.93  ? 16   GLN A O   1 
ATOM   113  C  CB  . GLN A 1 16  ? 6.873   10.649  -3.063  1.00 9.25  ? 16   GLN A CB  1 
ATOM   114  C  CG  . GLN A 1 16  ? 8.365   10.968  -3.102  1.00 12.47 ? 16   GLN A CG  1 
ATOM   115  C  CD  . GLN A 1 16  ? 8.689   12.175  -3.956  1.00 15.98 ? 16   GLN A CD  1 
ATOM   116  O  OE1 . GLN A 1 16  ? 8.064   12.405  -4.991  1.00 16.75 ? 16   GLN A OE1 1 
ATOM   117  N  NE2 . GLN A 1 16  ? 9.673   12.958  -3.524  1.00 18.55 ? 16   GLN A NE2 1 
ATOM   118  N  N   . PRO A 1 17  ? 3.657   12.186  -1.916  1.00 8.47  ? 17   PRO A N   1 
ATOM   119  C  CA  . PRO A 1 17  ? 2.281   11.803  -1.583  1.00 8.05  ? 17   PRO A CA  1 
ATOM   120  C  C   . PRO A 1 17  ? 1.535   11.048  -2.676  1.00 8.01  ? 17   PRO A C   1 
ATOM   121  O  O   . PRO A 1 17  ? 1.735   11.288  -3.867  1.00 8.59  ? 17   PRO A O   1 
ATOM   122  C  CB  . PRO A 1 17  ? 1.608   13.131  -1.239  1.00 8.70  ? 17   PRO A CB  1 
ATOM   123  C  CG  . PRO A 1 17  ? 2.396   14.149  -1.977  1.00 9.54  ? 17   PRO A CG  1 
ATOM   124  C  CD  . PRO A 1 17  ? 3.814   13.651  -1.976  1.00 8.53  ? 17   PRO A CD  1 
ATOM   125  N  N   . VAL A 1 18  ? 0.666   10.138  -2.247  1.00 8.01  ? 18   VAL A N   1 
ATOM   126  C  CA  . VAL A 1 18  ? -0.084  9.283   -3.160  1.00 8.69  ? 18   VAL A CA  1 
ATOM   127  C  C   . VAL A 1 18  ? -1.564  9.287   -2.788  1.00 9.00  ? 18   VAL A C   1 
ATOM   128  O  O   . VAL A 1 18  ? -1.916  9.297   -1.607  1.00 10.29 ? 18   VAL A O   1 
ATOM   129  C  CB  . VAL A 1 18  ? 0.446   7.834   -3.105  1.00 9.28  ? 18   VAL A CB  1 
ATOM   130  C  CG1 . VAL A 1 18  ? -0.413  6.922   -3.968  1.00 9.69  ? 18   VAL A CG1 1 
ATOM   131  C  CG2 . VAL A 1 18  ? 1.893   7.796   -3.576  1.00 8.45  ? 18   VAL A CG2 1 
ATOM   132  N  N   . VAL A 1 19  ? -2.426  9.281   -3.801  1.00 7.69  ? 19   VAL A N   1 
ATOM   133  C  CA  . VAL A 1 19  ? -3.869  9.204   -3.590  1.00 7.56  ? 19   VAL A CA  1 
ATOM   134  C  C   . VAL A 1 19  ? -4.346  7.754   -3.623  1.00 6.80  ? 19   VAL A C   1 
ATOM   135  O  O   . VAL A 1 19  ? -3.999  6.998   -4.531  1.00 8.11  ? 19   VAL A O   1 
ATOM   136  C  CB  . VAL A 1 19  ? -4.633  10.004  -4.671  1.00 7.69  ? 19   VAL A CB  1 
ATOM   137  C  CG1 . VAL A 1 19  ? -6.134  9.841   -4.482  1.00 10.37 ? 19   VAL A CG1 1 
ATOM   138  C  CG2 . VAL A 1 19  ? -4.253  11.472  -4.590  1.00 8.68  ? 19   VAL A CG2 1 
ATOM   139  N  N   . PHE A 1 20  ? -5.141  7.376   -2.625  1.00 6.62  ? 20   PHE A N   1 
ATOM   140  C  CA  . PHE A 1 20  ? -5.687  6.028   -2.551  1.00 8.05  ? 20   PHE A CA  1 
ATOM   141  C  C   . PHE A 1 20  ? -7.208  6.022   -2.688  1.00 7.05  ? 20   PHE A C   1 
ATOM   142  O  O   . PHE A 1 20  ? -7.915  6.685   -1.927  1.00 6.89  ? 20   PHE A O   1 
ATOM   143  C  CB  . PHE A 1 20  ? -5.295  5.363   -1.228  1.00 7.73  ? 20   PHE A CB  1 
ATOM   144  C  CG  . PHE A 1 20  ? -5.706  3.925   -1.139  1.00 6.63  ? 20   PHE A CG  1 
ATOM   145  C  CD1 . PHE A 1 20  ? -4.902  2.931   -1.683  1.00 6.78  ? 20   PHE A CD1 1 
ATOM   146  C  CD2 . PHE A 1 20  ? -6.922  3.565   -0.565  1.00 8.17  ? 20   PHE A CD2 1 
ATOM   147  C  CE1 . PHE A 1 20  ? -5.302  1.601   -1.668  1.00 6.74  ? 20   PHE A CE1 1 
ATOM   148  C  CE2 . PHE A 1 20  ? -7.334  2.234   -0.545  1.00 8.44  ? 20   PHE A CE2 1 
ATOM   149  C  CZ  . PHE A 1 20  ? -6.521  1.252   -1.100  1.00 6.08  ? 20   PHE A CZ  1 
ATOM   150  N  N   . ASN A 1 21  ? -7.700  5.263   -3.664  1.00 7.06  ? 21   ASN A N   1 
ATOM   151  C  CA  . ASN A 1 21  ? -9.137  5.124   -3.901  1.00 7.44  ? 21   ASN A CA  1 
ATOM   152  C  C   . ASN A 1 21  ? -9.596  3.712   -3.561  1.00 7.07  ? 21   ASN A C   1 
ATOM   153  O  O   . ASN A 1 21  ? -9.249  2.754   -4.256  1.00 7.17  ? 21   ASN A O   1 
ATOM   154  C  CB  . ASN A 1 21  ? -9.456  5.411   -5.368  1.00 7.18  ? 21   ASN A CB  1 
ATOM   155  C  CG  . ASN A 1 21  ? -8.967  6.769   -5.811  1.00 7.73  ? 21   ASN A CG  1 
ATOM   156  O  OD1 . ASN A 1 21  ? -9.343  7.793   -5.241  1.00 9.21  ? 21   ASN A OD1 1 
ATOM   157  N  ND2 . ASN A 1 21  ? -8.123  6.789   -6.835  1.00 8.64  ? 21   ASN A ND2 1 
ATOM   158  N  N   . HIS A 1 22  ? -10.391 3.579   -2.506  1.00 6.36  ? 22   HIS A N   1 
ATOM   159  C  CA  . HIS A 1 22  ? -10.881 2.263   -2.116  1.00 6.80  ? 22   HIS A CA  1 
ATOM   160  C  C   . HIS A 1 22  ? -11.688 1.590   -3.221  1.00 6.32  ? 22   HIS A C   1 
ATOM   161  O  O   . HIS A 1 22  ? -11.599 0.377   -3.401  1.00 6.71  ? 22   HIS A O   1 
ATOM   162  C  CB  . HIS A 1 22  ? -11.730 2.363   -0.847  1.00 6.49  ? 22   HIS A CB  1 
ATOM   163  C  CG  . HIS A 1 22  ? -10.925 2.316   0.413   1.00 6.03  ? 22   HIS A CG  1 
ATOM   164  N  ND1 . HIS A 1 22  ? -10.209 3.398   0.878   1.00 7.47  ? 22   HIS A ND1 1 
ATOM   165  C  CD2 . HIS A 1 22  ? -10.687 1.305   1.282   1.00 7.53  ? 22   HIS A CD2 1 
ATOM   166  C  CE1 . HIS A 1 22  ? -9.561  3.054   1.978   1.00 6.94  ? 22   HIS A CE1 1 
ATOM   167  N  NE2 . HIS A 1 22  ? -9.833  1.789   2.244   1.00 7.13  ? 22   HIS A NE2 1 
ATOM   168  N  N   . SER A 1 23  ? -12.460 2.372   -3.969  1.00 8.48  ? 23   SER A N   1 
ATOM   169  C  CA  . SER A 1 23  ? -13.399 1.800   -4.928  1.00 8.36  ? 23   SER A CA  1 
ATOM   170  C  C   . SER A 1 23  ? -12.726 0.996   -6.038  1.00 8.39  ? 23   SER A C   1 
ATOM   171  O  O   . SER A 1 23  ? -13.283 0.009   -6.513  1.00 9.45  ? 23   SER A O   1 
ATOM   172  C  CB  . SER A 1 23  ? -14.267 2.896   -5.553  1.00 8.26  ? 23   SER A CB  1 
ATOM   173  O  OG  . SER A 1 23  ? -13.514 3.708   -6.433  1.00 9.73  ? 23   SER A OG  1 
ATOM   174  N  N   . THR A 1 24  ? -11.534 1.407   -6.459  1.00 7.39  ? 24   THR A N   1 
ATOM   175  C  CA  . THR A 1 24  ? -10.874 0.716   -7.563  1.00 8.29  ? 24   THR A CA  1 
ATOM   176  C  C   . THR A 1 24  ? -10.266 -0.609  -7.120  1.00 8.37  ? 24   THR A C   1 
ATOM   177  O  O   . THR A 1 24  ? -9.920  -1.453  -7.949  1.00 9.31  ? 24   THR A O   1 
ATOM   178  C  CB  . THR A 1 24  ? -9.776  1.587   -8.202  1.00 8.69  ? 24   THR A CB  1 
ATOM   179  O  OG1 . THR A 1 24  ? -8.846  2.002   -7.195  1.00 8.78  ? 24   THR A OG1 1 
ATOM   180  C  CG2 . THR A 1 24  ? -10.391 2.807   -8.860  1.00 10.06 ? 24   THR A CG2 1 
ATOM   181  N  N   . MET A 1 25  ? -10.143 -0.792  -5.809  1.00 7.79  ? 25   MET A N   1 
ATOM   182  C  CA  . MET A 1 25  ? -9.610  -2.031  -5.261  1.00 8.48  ? 25   MET A CA  1 
ATOM   183  C  C   . MET A 1 25  ? -10.629 -2.770  -4.397  1.00 8.14  ? 25   MET A C   1 
ATOM   184  O  O   . MET A 1 25  ? -10.267 -3.535  -3.501  1.00 9.26  ? 25   MET A O   1 
ATOM   185  C  CB  . MET A 1 25  ? -8.334  -1.730  -4.469  1.00 9.27  ? 25   MET A CB  1 
ATOM   186  C  CG  . MET A 1 25  ? -7.147  -1.442  -5.376  1.00 7.23  ? 25   MET A CG  1 
ATOM   187  S  SD  . MET A 1 25  ? -5.817  -0.471  -4.637  1.00 7.86  ? 25   MET A SD  1 
ATOM   188  C  CE  . MET A 1 25  ? -6.416  1.205   -4.913  1.00 8.56  ? 25   MET A CE  1 
ATOM   189  N  N   . LYS A 1 26  ? -11.908 -2.549  -4.684  1.00 8.82  ? 26   LYS A N   1 
ATOM   190  C  CA  . LYS A 1 26  ? -12.986 -3.182  -3.930  1.00 9.11  ? 26   LYS A CA  1 
ATOM   191  C  C   . LYS A 1 26  ? -12.988 -4.703  -4.078  1.00 10.21 ? 26   LYS A C   1 
ATOM   192  O  O   . LYS A 1 26  ? -13.601 -5.403  -3.272  1.00 10.17 ? 26   LYS A O   1 
ATOM   193  C  CB  . LYS A 1 26  ? -14.341 -2.629  -4.383  1.00 10.35 ? 26   LYS A CB  1 
ATOM   194  C  CG  . LYS A 1 26  ? -14.701 -2.988  -5.814  1.00 12.72 ? 26   LYS A CG  1 
ATOM   195  C  CD  . LYS A 1 26  ? -16.110 -2.548  -6.175  1.00 15.28 ? 26   LYS A CD  1 
ATOM   196  C  CE  . LYS A 1 26  ? -16.495 -3.060  -7.555  1.00 17.42 ? 26   LYS A CE  1 
ATOM   197  N  NZ  . LYS A 1 26  ? -17.947 -2.897  -7.831  1.00 21.37 ? 26   LYS A NZ  1 
ATOM   198  N  N   . ALA A 1 27  ? -12.316 -5.211  -5.106  1.00 9.92  ? 27   ALA A N   1 
ATOM   199  C  CA  . ALA A 1 27  ? -12.242 -6.655  -5.322  1.00 10.58 ? 27   ALA A CA  1 
ATOM   200  C  C   . ALA A 1 27  ? -11.361 -7.314  -4.269  1.00 9.63  ? 27   ALA A C   1 
ATOM   201  O  O   . ALA A 1 27  ? -11.407 -8.528  -4.079  1.00 10.62 ? 27   ALA A O   1 
ATOM   202  C  CB  . ALA A 1 27  ? -11.698 -6.953  -6.715  1.00 10.77 ? 27   ALA A CB  1 
ATOM   203  N  N   . VAL A 1 28  ? -10.553 -6.503  -3.596  1.00 10.06 ? 28   VAL A N   1 
ATOM   204  C  CA  . VAL A 1 28  ? -9.669  -6.989  -2.544  1.00 10.93 ? 28   VAL A CA  1 
ATOM   205  C  C   . VAL A 1 28  ? -10.388 -6.934  -1.200  1.00 10.90 ? 28   VAL A C   1 
ATOM   206  O  O   . VAL A 1 28  ? -11.005 -5.926  -0.862  1.00 11.30 ? 28   VAL A O   1 
ATOM   207  C  CB  . VAL A 1 28  ? -8.388  -6.129  -2.459  1.00 10.32 ? 28   VAL A CB  1 
ATOM   208  C  CG1 . VAL A 1 28  ? -7.480  -6.651  -1.364  1.00 11.02 ? 28   VAL A CG1 1 
ATOM   209  C  CG2 . VAL A 1 28  ? -7.664  -6.134  -3.797  1.00 12.09 ? 28   VAL A CG2 1 
ATOM   210  N  N   . LYS A 1 29  ? -10.311 -8.017  -0.432  1.00 12.40 ? 29   LYS A N   1 
ATOM   211  C  CA  . LYS A 1 29  ? -10.970 -8.059  0.866   1.00 12.39 ? 29   LYS A CA  1 
ATOM   212  C  C   . LYS A 1 29  ? -10.265 -7.099  1.830   1.00 10.44 ? 29   LYS A C   1 
ATOM   213  O  O   . LYS A 1 29  ? -9.044  -6.942  1.789   1.00 10.31 ? 29   LYS A O   1 
ATOM   214  C  CB  . LYS A 1 29  ? -10.960 -9.492  1.411   1.00 14.82 ? 29   LYS A CB  1 
ATOM   215  C  CG  . LYS A 1 29  ? -11.642 -9.679  2.756   1.00 18.99 ? 29   LYS A CG  1 
ATOM   216  C  CD  . LYS A 1 29  ? -11.727 -11.156 3.112   1.00 22.09 ? 29   LYS A CD  1 
ATOM   217  C  CE  . LYS A 1 29  ? -11.792 -11.360 4.617   1.00 22.17 ? 29   LYS A CE  1 
ATOM   218  N  NZ  . LYS A 1 29  ? -10.585 -10.808 5.300   1.00 24.49 ? 29   LYS A NZ  1 
ATOM   219  N  N   . CYS A 1 30  ? -11.050 -6.447  2.682   1.00 10.86 ? 30   CYS A N   1 
ATOM   220  C  CA  . CYS A 1 30  ? -10.539 -5.376  3.536   1.00 9.53  ? 30   CYS A CA  1 
ATOM   221  C  C   . CYS A 1 30  ? -9.285  -5.825  4.273   1.00 9.41  ? 30   CYS A C   1 
ATOM   222  O  O   . CYS A 1 30  ? -8.300  -5.087  4.362   1.00 7.66  ? 30   CYS A O   1 
ATOM   223  C  CB  . CYS A 1 30  ? -11.585 -4.971  4.578   1.00 10.29 ? 30   CYS A CB  1 
ATOM   224  S  SG  . CYS A 1 30  ? -13.234 -4.523  3.947   1.00 9.64  ? 30   CYS A SG  1 
ATOM   225  N  N   . GLY A 1 31  ? -9.337  -7.045  4.800   1.00 9.47  ? 31   GLY A N   1 
ATOM   226  C  CA  . GLY A 1 31  ? -8.290  -7.528  5.678   1.00 8.98  ? 31   GLY A CA  1 
ATOM   227  C  C   . GLY A 1 31  ? -6.990  -7.899  4.996   1.00 8.94  ? 31   GLY A C   1 
ATOM   228  O  O   . GLY A 1 31  ? -5.999  -8.182  5.669   1.00 9.89  ? 31   GLY A O   1 
ATOM   229  N  N   . ASP A 1 32  ? -6.980  -7.909  3.667   1.00 9.13  ? 32   ASP A N   1 
ATOM   230  C  CA  . ASP A 1 32  ? -5.737  -8.119  2.935   1.00 10.02 ? 32   ASP A CA  1 
ATOM   231  C  C   . ASP A 1 32  ? -4.813  -6.920  3.123   1.00 9.36  ? 32   ASP A C   1 
ATOM   232  O  O   . ASP A 1 32  ? -3.590  -7.049  3.080   1.00 10.29 ? 32   ASP A O   1 
ATOM   233  C  CB  . ASP A 1 32  ? -6.016  -8.319  1.443   1.00 11.75 ? 32   ASP A CB  1 
ATOM   234  C  CG  . ASP A 1 32  ? -6.501  -9.719  1.120   1.00 15.46 ? 32   ASP A CG  1 
ATOM   235  O  OD1 . ASP A 1 32  ? -7.116  -10.362 1.997   1.00 17.22 ? 32   ASP A OD1 1 
ATOM   236  O  OD2 . ASP A 1 32  ? -6.263  -10.176 -0.019  1.00 16.33 ? 32   ASP A OD2 1 
ATOM   237  N  N   . CYS A 1 33  ? -5.407  -5.750  3.334   1.00 8.66  ? 33   CYS A N   1 
ATOM   238  C  CA  . CYS A 1 33  ? -4.634  -4.534  3.541   1.00 8.07  ? 33   CYS A CA  1 
ATOM   239  C  C   . CYS A 1 33  ? -4.626  -4.136  5.007   1.00 7.29  ? 33   CYS A C   1 
ATOM   240  O  O   . CYS A 1 33  ? -3.565  -3.898  5.590   1.00 6.81  ? 33   CYS A O   1 
ATOM   241  C  CB  . CYS A 1 33  ? -5.215  -3.402  2.699   1.00 8.56  ? 33   CYS A CB  1 
ATOM   242  S  SG  . CYS A 1 33  ? -5.180  -3.769  0.919   1.00 8.12  ? 33   CYS A SG  1 
ATOM   243  N  N   . HIS A 1 34  ? -5.815  -4.068  5.596   1.00 6.84  ? 34   HIS A N   1 
ATOM   244  C  CA  . HIS A 1 34  ? -5.951  -3.810  7.022   1.00 6.82  ? 34   HIS A CA  1 
ATOM   245  C  C   . HIS A 1 34  ? -5.789  -5.142  7.743   1.00 6.83  ? 34   HIS A C   1 
ATOM   246  O  O   . HIS A 1 34  ? -6.755  -5.751  8.203   1.00 8.12  ? 34   HIS A O   1 
ATOM   247  C  CB  . HIS A 1 34  ? -7.319  -3.188  7.304   1.00 7.19  ? 34   HIS A CB  1 
ATOM   248  C  CG  . HIS A 1 34  ? -7.565  -1.928  6.532   1.00 6.85  ? 34   HIS A CG  1 
ATOM   249  N  ND1 . HIS A 1 34  ? -6.916  -0.745  6.817   1.00 7.79  ? 34   HIS A ND1 1 
ATOM   250  C  CD2 . HIS A 1 34  ? -8.353  -1.676  5.461   1.00 7.34  ? 34   HIS A CD2 1 
ATOM   251  C  CE1 . HIS A 1 34  ? -7.294  0.181   5.954   1.00 6.02  ? 34   HIS A CE1 1 
ATOM   252  N  NE2 . HIS A 1 34  ? -8.165  -0.358  5.119   1.00 6.56  ? 34   HIS A NE2 1 
ATOM   253  N  N   . HIS A 1 35  ? -4.539  -5.580  7.828   1.00 7.83  ? 35   HIS A N   1 
ATOM   254  C  CA  . HIS A 1 35  ? -4.226  -6.972  8.113   1.00 7.94  ? 35   HIS A CA  1 
ATOM   255  C  C   . HIS A 1 35  ? -4.280  -7.289  9.602   1.00 7.87  ? 35   HIS A C   1 
ATOM   256  O  O   . HIS A 1 35  ? -4.249  -6.394  10.448  1.00 8.50  ? 35   HIS A O   1 
ATOM   257  C  CB  . HIS A 1 35  ? -2.832  -7.303  7.573   1.00 7.79  ? 35   HIS A CB  1 
ATOM   258  C  CG  . HIS A 1 35  ? -1.740  -6.485  8.190   1.00 7.30  ? 35   HIS A CG  1 
ATOM   259  N  ND1 . HIS A 1 35  ? -1.254  -6.728  9.457   1.00 8.47  ? 35   HIS A ND1 1 
ATOM   260  C  CD2 . HIS A 1 35  ? -1.041  -5.425  7.718   1.00 7.93  ? 35   HIS A CD2 1 
ATOM   261  C  CE1 . HIS A 1 35  ? -0.304  -5.854  9.739   1.00 8.16  ? 35   HIS A CE1 1 
ATOM   262  N  NE2 . HIS A 1 35  ? -0.155  -5.052  8.700   1.00 7.05  ? 35   HIS A NE2 1 
ATOM   263  N  N   . PRO A 1 36  ? -4.372  -8.580  9.944   1.00 7.85  ? 36   PRO A N   1 
ATOM   264  C  CA  . PRO A 1 36  ? -4.421  -8.954  11.357  1.00 7.76  ? 36   PRO A CA  1 
ATOM   265  C  C   . PRO A 1 36  ? -3.161  -8.510  12.096  1.00 7.33  ? 36   PRO A C   1 
ATOM   266  O  O   . PRO A 1 36  ? -2.047  -8.633  11.577  1.00 6.18  ? 36   PRO A O   1 
ATOM   267  C  CB  . PRO A 1 36  ? -4.552  -10.477 11.323  1.00 8.66  ? 36   PRO A CB  1 
ATOM   268  C  CG  . PRO A 1 36  ? -5.163  -10.768 9.991   1.00 7.27  ? 36   PRO A CG  1 
ATOM   269  C  CD  . PRO A 1 36  ? -4.580  -9.741  9.061   1.00 7.26  ? 36   PRO A CD  1 
ATOM   270  N  N   . VAL A 1 37  ? -3.353  -7.977  13.298  1.00 8.61  ? 37   VAL A N   1 
ATOM   271  C  CA  . VAL A 1 37  ? -2.276  -7.774  14.258  1.00 9.07  ? 37   VAL A CA  1 
ATOM   272  C  C   . VAL A 1 37  ? -2.806  -8.320  15.580  1.00 8.54  ? 37   VAL A C   1 
ATOM   273  O  O   . VAL A 1 37  ? -3.921  -7.999  15.982  1.00 8.97  ? 37   VAL A O   1 
ATOM   274  C  CB  . VAL A 1 37  ? -1.937  -6.271  14.420  1.00 9.29  ? 37   VAL A CB  1 
ATOM   275  C  CG1 . VAL A 1 37  ? -0.809  -6.094  15.429  1.00 10.71 ? 37   VAL A CG1 1 
ATOM   276  C  CG2 . VAL A 1 37  ? -1.540  -5.680  13.075  1.00 9.60  ? 37   VAL A CG2 1 
ATOM   277  N  N   . ASN A 1 38  ? -2.019  -9.165  16.238  1.00 9.19  ? 38   ASN A N   1 
ATOM   278  C  CA  . ASN A 1 38  ? -2.470  -9.838  17.450  1.00 10.14 ? 38   ASN A CA  1 
ATOM   279  C  C   . ASN A 1 38  ? -3.815  -10.527 17.234  1.00 10.45 ? 38   ASN A C   1 
ATOM   280  O  O   . ASN A 1 38  ? -4.638  -10.616 18.148  1.00 11.25 ? 38   ASN A O   1 
ATOM   281  C  CB  . ASN A 1 38  ? -2.562  -8.838  18.602  1.00 10.20 ? 38   ASN A CB  1 
ATOM   282  C  CG  . ASN A 1 38  ? -1.201  -8.333  19.033  1.00 12.05 ? 38   ASN A CG  1 
ATOM   283  O  OD1 . ASN A 1 38  ? -0.272  -9.117  19.230  1.00 13.95 ? 38   ASN A OD1 1 
ATOM   284  N  ND2 . ASN A 1 38  ? -1.072  -7.020  19.177  1.00 13.37 ? 38   ASN A ND2 1 
ATOM   285  N  N   . GLY A 1 39  ? -4.030  -11.008 16.015  1.00 10.30 ? 39   GLY A N   1 
ATOM   286  C  CA  . GLY A 1 39  ? -5.186  -11.841 15.738  1.00 10.39 ? 39   GLY A CA  1 
ATOM   287  C  C   . GLY A 1 39  ? -6.425  -11.082 15.309  1.00 10.33 ? 39   GLY A C   1 
ATOM   288  O  O   . GLY A 1 39  ? -7.481  -11.680 15.117  1.00 9.63  ? 39   GLY A O   1 
ATOM   289  N  N   . LYS A 1 40  ? -6.306  -9.764  15.162  1.00 10.07 ? 40   LYS A N   1 
ATOM   290  C  CA  . LYS A 1 40  ? -7.446  -8.942  14.772  1.00 10.39 ? 40   LYS A CA  1 
ATOM   291  C  C   . LYS A 1 40  ? -7.063  -7.983  13.653  1.00 9.51  ? 40   LYS A C   1 
ATOM   292  O  O   . LYS A 1 40  ? -6.069  -7.266  13.758  1.00 9.16  ? 40   LYS A O   1 
ATOM   293  C  CB  . LYS A 1 40  ? -7.956  -8.146  15.977  1.00 12.82 ? 40   LYS A CB  1 
ATOM   294  C  CG  . LYS A 1 40  ? -8.391  -9.009  17.155  1.00 16.33 ? 40   LYS A CG  1 
ATOM   295  C  CD  . LYS A 1 40  ? -8.660  -8.170  18.397  1.00 19.67 ? 40   LYS A CD  1 
ATOM   296  C  CE  . LYS A 1 40  ? -7.370  -7.619  18.984  1.00 21.08 ? 40   LYS A CE  1 
ATOM   297  N  NZ  . LYS A 1 40  ? -6.397  -8.699  19.307  1.00 22.05 ? 40   LYS A NZ  1 
ATOM   298  N  N   . GLU A 1 41  ? -7.854  -7.972  12.584  1.00 9.04  ? 41   GLU A N   1 
ATOM   299  C  CA  . GLU A 1 41  ? -7.648  -7.013  11.504  1.00 8.83  ? 41   GLU A CA  1 
ATOM   300  C  C   . GLU A 1 41  ? -7.571  -5.613  12.087  1.00 8.55  ? 41   GLU A C   1 
ATOM   301  O  O   . GLU A 1 41  ? -8.436  -5.204  12.861  1.00 9.65  ? 41   GLU A O   1 
ATOM   302  C  CB  . GLU A 1 41  ? -8.794  -7.085  10.493  1.00 10.17 ? 41   GLU A CB  1 
ATOM   303  C  CG  . GLU A 1 41  ? -8.795  -8.356  9.663   1.00 10.36 ? 41   GLU A CG  1 
ATOM   304  C  CD  . GLU A 1 41  ? -9.976  -8.447  8.717   1.00 10.31 ? 41   GLU A CD  1 
ATOM   305  O  OE1 . GLU A 1 41  ? -10.892 -7.602  8.809   1.00 12.02 ? 41   GLU A OE1 1 
ATOM   306  O  OE2 . GLU A 1 41  ? -9.989  -9.373  7.880   1.00 11.01 ? 41   GLU A OE2 1 
ATOM   307  N  N   . ASP A 1 42  ? -6.530  -4.878  11.714  1.00 7.93  ? 42   ASP A N   1 
ATOM   308  C  CA  . ASP A 1 42  ? -6.289  -3.574  12.309  1.00 8.84  ? 42   ASP A CA  1 
ATOM   309  C  C   . ASP A 1 42  ? -6.524  -2.467  11.291  1.00 8.33  ? 42   ASP A C   1 
ATOM   310  O  O   . ASP A 1 42  ? -5.894  -2.442  10.234  1.00 9.37  ? 42   ASP A O   1 
ATOM   311  C  CB  . ASP A 1 42  ? -4.858  -3.503  12.837  1.00 9.39  ? 42   ASP A CB  1 
ATOM   312  C  CG  . ASP A 1 42  ? -4.692  -2.453  13.910  1.00 11.12 ? 42   ASP A CG  1 
ATOM   313  O  OD1 . ASP A 1 42  ? -4.874  -1.262  13.592  1.00 10.69 ? 42   ASP A OD1 1 
ATOM   314  O  OD2 . ASP A 1 42  ? -4.392  -2.826  15.064  1.00 13.56 ? 42   ASP A OD2 1 
ATOM   315  N  N   . TYR A 1 43  ? -7.431  -1.553  11.617  1.00 8.52  ? 43   TYR A N   1 
ATOM   316  C  CA  . TYR A 1 43  ? -7.846  -0.520  10.676  1.00 8.59  ? 43   TYR A CA  1 
ATOM   317  C  C   . TYR A 1 43  ? -7.281  0.861   10.994  1.00 8.55  ? 43   TYR A C   1 
ATOM   318  O  O   . TYR A 1 43  ? -7.738  1.865   10.445  1.00 11.40 ? 43   TYR A O   1 
ATOM   319  C  CB  . TYR A 1 43  ? -9.376  -0.464  10.606  1.00 9.06  ? 43   TYR A CB  1 
ATOM   320  C  CG  . TYR A 1 43  ? -9.980  -1.664  9.909   1.00 8.98  ? 43   TYR A CG  1 
ATOM   321  C  CD1 . TYR A 1 43  ? -10.342 -1.604  8.563   1.00 9.20  ? 43   TYR A CD1 1 
ATOM   322  C  CD2 . TYR A 1 43  ? -10.152 -2.875  10.582  1.00 8.52  ? 43   TYR A CD2 1 
ATOM   323  C  CE1 . TYR A 1 43  ? -10.854 -2.718  7.901   1.00 9.37  ? 43   TYR A CE1 1 
ATOM   324  C  CE2 . TYR A 1 43  ? -10.662 -3.995  9.930   1.00 9.47  ? 43   TYR A CE2 1 
ATOM   325  C  CZ  . TYR A 1 43  ? -11.009 -3.910  8.591   1.00 10.23 ? 43   TYR A CZ  1 
ATOM   326  O  OH  . TYR A 1 43  ? -11.500 -5.017  7.937   1.00 10.94 ? 43   TYR A OH  1 
ATOM   327  N  N   . GLN A 1 44  ? -6.287  0.912   11.873  1.00 8.17  ? 44   GLN A N   1 
ATOM   328  C  CA  . GLN A 1 44  ? -5.594  2.166   12.151  1.00 8.68  ? 44   GLN A CA  1 
ATOM   329  C  C   . GLN A 1 44  ? -4.773  2.597   10.941  1.00 8.33  ? 44   GLN A C   1 
ATOM   330  O  O   . GLN A 1 44  ? -4.470  1.788   10.065  1.00 9.41  ? 44   GLN A O   1 
ATOM   331  C  CB  . GLN A 1 44  ? -4.667  2.012   13.358  1.00 8.38  ? 44   GLN A CB  1 
ATOM   332  C  CG  . GLN A 1 44  ? -5.378  1.738   14.670  1.00 9.62  ? 44   GLN A CG  1 
ATOM   333  C  CD  . GLN A 1 44  ? -4.403  1.510   15.807  1.00 11.46 ? 44   GLN A CD  1 
ATOM   334  O  OE1 . GLN A 1 44  ? -4.097  2.427   16.572  1.00 13.50 ? 44   GLN A OE1 1 
ATOM   335  N  NE2 . GLN A 1 44  ? -3.902  0.287   15.920  1.00 12.98 ? 44   GLN A NE2 1 
ATOM   336  N  N   . LYS A 1 45  ? -4.416  3.873   10.895  1.00 8.56  ? 45   LYS A N   1 
ATOM   337  C  CA  . LYS A 1 45  ? -3.541  4.359   9.840   1.00 8.70  ? 45   LYS A CA  1 
ATOM   338  C  C   . LYS A 1 45  ? -2.252  3.545   9.849   1.00 8.33  ? 45   LYS A C   1 
ATOM   339  O  O   . LYS A 1 45  ? -1.758  3.157   10.911  1.00 7.80  ? 45   LYS A O   1 
ATOM   340  C  CB  . LYS A 1 45  ? -3.239  5.844   10.048  1.00 9.86  ? 45   LYS A CB  1 
ATOM   341  C  CG  . LYS A 1 45  ? -4.478  6.721   9.971   1.00 12.47 ? 45   LYS A CG  1 
ATOM   342  C  CD  . LYS A 1 45  ? -4.122  8.177   9.741   1.00 15.99 ? 45   LYS A CD  1 
ATOM   343  C  CE  . LYS A 1 45  ? -3.655  8.403   8.310   1.00 18.71 ? 45   LYS A CE  1 
ATOM   344  N  NZ  . LYS A 1 45  ? -3.436  9.846   8.020   1.00 22.88 ? 45   LYS A NZ  1 
ATOM   345  N  N   . CYS A 1 46  ? -1.712  3.280   8.663   1.00 8.29  ? 46   CYS A N   1 
ATOM   346  C  CA  . CYS A 1 46  ? -0.596  2.349   8.526   1.00 8.07  ? 46   CYS A CA  1 
ATOM   347  C  C   . CYS A 1 46  ? 0.636   2.806   9.309   1.00 7.77  ? 46   CYS A C   1 
ATOM   348  O  O   . CYS A 1 46  ? 1.382   1.981   9.833   1.00 9.00  ? 46   CYS A O   1 
ATOM   349  C  CB  . CYS A 1 46  ? -0.224  2.176   7.047   1.00 6.66  ? 46   CYS A CB  1 
ATOM   350  S  SG  . CYS A 1 46  ? -1.599  1.748   5.929   1.00 7.14  ? 46   CYS A SG  1 
ATOM   351  N  N   . ALA A 1 47  ? 0.843   4.119   9.389   1.00 7.92  ? 47   ALA A N   1 
ATOM   352  C  CA  . ALA A 1 47  ? 2.031   4.668   10.041  1.00 7.94  ? 47   ALA A CA  1 
ATOM   353  C  C   . ALA A 1 47  ? 1.803   5.055   11.503  1.00 8.80  ? 47   ALA A C   1 
ATOM   354  O  O   . ALA A 1 47  ? 2.618   5.763   12.099  1.00 10.36 ? 47   ALA A O   1 
ATOM   355  C  CB  . ALA A 1 47  ? 2.547   5.876   9.255   1.00 7.10  ? 47   ALA A CB  1 
ATOM   356  N  N   . THR A 1 48  ? 0.700   4.586   12.078  1.00 9.34  ? 48   THR A N   1 
ATOM   357  C  CA  . THR A 1 48  ? 0.441   4.757   13.505  1.00 8.93  ? 48   THR A CA  1 
ATOM   358  C  C   . THR A 1 48  ? 1.675   4.366   14.319  1.00 8.97  ? 48   THR A C   1 
ATOM   359  O  O   . THR A 1 48  ? 2.409   3.458   13.938  1.00 8.83  ? 48   THR A O   1 
ATOM   360  C  CB  . THR A 1 48  ? -0.752  3.879   13.938  1.00 9.19  ? 48   THR A CB  1 
ATOM   361  O  OG1 . THR A 1 48  ? -1.940  4.344   13.288  1.00 9.39  ? 48   THR A OG1 1 
ATOM   362  C  CG2 . THR A 1 48  ? -0.945  3.926   15.444  1.00 9.03  ? 48   THR A CG2 1 
ATOM   363  N  N   . ALA A 1 49  ? 1.903   5.053   15.435  1.00 9.58  ? 49   ALA A N   1 
ATOM   364  C  CA  . ALA A 1 49  ? 3.025   4.722   16.305  1.00 9.14  ? 49   ALA A CA  1 
ATOM   365  C  C   . ALA A 1 49  ? 3.004   3.239   16.655  1.00 9.17  ? 49   ALA A C   1 
ATOM   366  O  O   . ALA A 1 49  ? 1.968   2.702   17.047  1.00 9.13  ? 49   ALA A O   1 
ATOM   367  C  CB  . ALA A 1 49  ? 2.966   5.561   17.582  1.00 9.22  ? 49   ALA A CB  1 
ATOM   368  N  N   . GLY A 1 50  ? 4.154   2.585   16.507  1.00 9.46  ? 50   GLY A N   1 
ATOM   369  C  CA  . GLY A 1 50  ? 4.246   1.165   16.793  1.00 9.85  ? 50   GLY A CA  1 
ATOM   370  C  C   . GLY A 1 50  ? 3.985   0.300   15.576  1.00 9.88  ? 50   GLY A C   1 
ATOM   371  O  O   . GLY A 1 50  ? 4.342   -0.879  15.553  1.00 11.53 ? 50   GLY A O   1 
ATOM   372  N  N   . CYS A 1 51  ? 3.361   0.887   14.562  1.00 9.43  ? 51   CYS A N   1 
ATOM   373  C  CA  . CYS A 1 51  ? 3.076   0.174   13.328  1.00 8.54  ? 51   CYS A CA  1 
ATOM   374  C  C   . CYS A 1 51  ? 4.169   0.488   12.304  1.00 8.51  ? 51   CYS A C   1 
ATOM   375  O  O   . CYS A 1 51  ? 5.346   0.258   12.573  1.00 9.43  ? 51   CYS A O   1 
ATOM   376  C  CB  . CYS A 1 51  ? 1.686   0.571   12.812  1.00 7.92  ? 51   CYS A CB  1 
ATOM   377  S  SG  . CYS A 1 51  ? 0.338   0.224   14.004  1.00 8.30  ? 51   CYS A SG  1 
ATOM   378  N  N   . HIS A 1 52  ? 3.801   1.009   11.138  1.00 7.64  ? 52   HIS A N   1 
ATOM   379  C  CA  . HIS A 1 52  ? 4.804   1.297   10.114  1.00 7.49  ? 52   HIS A CA  1 
ATOM   380  C  C   . HIS A 1 52  ? 5.261   2.747   10.205  1.00 8.25  ? 52   HIS A C   1 
ATOM   381  O  O   . HIS A 1 52  ? 5.050   3.549   9.290   1.00 7.77  ? 52   HIS A O   1 
ATOM   382  C  CB  . HIS A 1 52  ? 4.237   0.982   8.728   1.00 7.35  ? 52   HIS A CB  1 
ATOM   383  C  CG  . HIS A 1 52  ? 3.786   -0.440  8.583   1.00 6.62  ? 52   HIS A CG  1 
ATOM   384  N  ND1 . HIS A 1 52  ? 4.665   -1.481  8.372   1.00 6.78  ? 52   HIS A ND1 1 
ATOM   385  C  CD2 . HIS A 1 52  ? 2.557   -1.000  8.680   1.00 8.11  ? 52   HIS A CD2 1 
ATOM   386  C  CE1 . HIS A 1 52  ? 3.996   -2.621  8.347   1.00 7.89  ? 52   HIS A CE1 1 
ATOM   387  N  NE2 . HIS A 1 52  ? 2.716   -2.357  8.533   1.00 6.98  ? 52   HIS A NE2 1 
ATOM   388  N  N   . ASP A 1 53  ? 5.899   3.072   11.326  1.00 7.94  ? 53   ASP A N   1 
ATOM   389  C  CA  . ASP A 1 53  ? 6.232   4.454   11.643  1.00 9.23  ? 53   ASP A CA  1 
ATOM   390  C  C   . ASP A 1 53  ? 7.694   4.805   11.397  1.00 10.09 ? 53   ASP A C   1 
ATOM   391  O  O   . ASP A 1 53  ? 8.117   5.929   11.669  1.00 11.65 ? 53   ASP A O   1 
ATOM   392  C  CB  . ASP A 1 53  ? 5.856   4.767   13.099  1.00 9.66  ? 53   ASP A CB  1 
ATOM   393  C  CG  . ASP A 1 53  ? 6.579   3.885   14.105  1.00 10.80 ? 53   ASP A CG  1 
ATOM   394  O  OD1 . ASP A 1 53  ? 7.372   3.013   13.694  1.00 13.06 ? 53   ASP A OD1 1 
ATOM   395  O  OD2 . ASP A 1 53  ? 6.349   4.067   15.319  1.00 12.31 ? 53   ASP A OD2 1 
ATOM   396  N  N   . ASN A 1 54  ? 8.469   3.852   10.885  1.00 8.84  ? 54   ASN A N   1 
ATOM   397  C  CA  . ASN A 1 54  ? 9.858   4.131   10.537  1.00 9.40  ? 54   ASN A CA  1 
ATOM   398  C  C   . ASN A 1 54  ? 9.929   4.715   9.130   1.00 9.93  ? 54   ASN A C   1 
ATOM   399  O  O   . ASN A 1 54  ? 9.625   4.037   8.147   1.00 8.75  ? 54   ASN A O   1 
ATOM   400  C  CB  . ASN A 1 54  ? 10.702  2.854   10.617  1.00 11.26 ? 54   ASN A CB  1 
ATOM   401  C  CG  . ASN A 1 54  ? 12.191  3.129   10.472  1.00 11.06 ? 54   ASN A CG  1 
ATOM   402  O  OD1 . ASN A 1 54  ? 12.592  4.158   9.932   1.00 14.03 ? 54   ASN A OD1 1 
ATOM   403  N  ND2 . ASN A 1 54  ? 13.015  2.210   10.959  1.00 11.23 ? 54   ASN A ND2 1 
ATOM   404  N  N   . MET A 1 55  ? 10.331  5.977   9.045   1.00 9.08  ? 55   MET A N   1 
ATOM   405  C  CA  . MET A 1 55  ? 10.321  6.701   7.782   1.00 8.84  ? 55   MET A CA  1 
ATOM   406  C  C   . MET A 1 55  ? 11.664  6.688   7.066   1.00 9.46  ? 55   MET A C   1 
ATOM   407  O  O   . MET A 1 55  ? 11.893  7.475   6.150   1.00 9.36  ? 55   MET A O   1 
ATOM   408  C  CB  . MET A 1 55  ? 9.865   8.144   8.010   1.00 9.94  ? 55   MET A CB  1 
ATOM   409  C  CG  . MET A 1 55  ? 8.391   8.257   8.367   1.00 9.91  ? 55   MET A CG  1 
ATOM   410  S  SD  . MET A 1 55  ? 7.312   7.685   7.030   1.00 11.09 ? 55   MET A SD  1 
ATOM   411  C  CE  . MET A 1 55  ? 5.874   7.140   7.953   1.00 11.35 ? 55   MET A CE  1 
ATOM   412  N  N   . ASP A 1 56  ? 12.553  5.791   7.476   1.00 10.15 ? 56   ASP A N   1 
ATOM   413  C  CA  . ASP A 1 56  ? 13.742  5.532   6.678   1.00 10.95 ? 56   ASP A CA  1 
ATOM   414  C  C   . ASP A 1 56  ? 13.387  4.522   5.597   1.00 10.41 ? 56   ASP A C   1 
ATOM   415  O  O   . ASP A 1 56  ? 13.040  3.380   5.894   1.00 9.90  ? 56   ASP A O   1 
ATOM   416  C  CB  . ASP A 1 56  ? 14.876  4.985   7.544   1.00 12.70 ? 56   ASP A CB  1 
ATOM   417  C  CG  . ASP A 1 56  ? 16.170  4.842   6.769   1.00 14.28 ? 56   ASP A CG  1 
ATOM   418  O  OD1 . ASP A 1 56  ? 16.235  3.964   5.888   1.00 14.70 ? 56   ASP A OD1 1 
ATOM   419  O  OD2 . ASP A 1 56  ? 17.118  5.614   7.027   1.00 16.31 ? 56   ASP A OD2 1 
ATOM   420  N  N   . LYS A 1 57  ? 13.475  4.947   4.340   1.00 10.35 ? 57   LYS A N   1 
ATOM   421  C  CA  . LYS A 1 57  ? 12.975  4.143   3.233   1.00 11.10 ? 57   LYS A CA  1 
ATOM   422  C  C   . LYS A 1 57  ? 13.852  2.934   2.928   1.00 11.85 ? 57   LYS A C   1 
ATOM   423  O  O   . LYS A 1 57  ? 13.539  2.144   2.040   1.00 12.66 ? 57   LYS A O   1 
ATOM   424  C  CB  . LYS A 1 57  ? 12.822  5.008   1.976   1.00 11.35 ? 57   LYS A CB  1 
ATOM   425  C  CG  . LYS A 1 57  ? 14.115  5.603   1.446   1.00 12.75 ? 57   LYS A CG  1 
ATOM   426  C  CD  . LYS A 1 57  ? 13.833  6.450   0.215   1.00 14.93 ? 57   LYS A CD  1 
ATOM   427  C  CE  . LYS A 1 57  ? 15.099  7.074   -0.343  1.00 15.85 ? 57   LYS A CE  1 
ATOM   428  N  NZ  . LYS A 1 57  ? 14.782  8.014   -1.455  1.00 16.44 ? 57   LYS A NZ  1 
ATOM   429  N  N   . LYS A 1 58  ? 14.946  2.791   3.670   1.00 11.57 ? 58   LYS A N   1 
ATOM   430  C  CA  . LYS A 1 58  ? 15.821  1.634   3.528   1.00 13.06 ? 58   LYS A CA  1 
ATOM   431  C  C   . LYS A 1 58  ? 15.449  0.529   4.511   1.00 12.18 ? 58   LYS A C   1 
ATOM   432  O  O   . LYS A 1 58  ? 15.895  -0.608  4.372   1.00 11.74 ? 58   LYS A O   1 
ATOM   433  C  CB  . LYS A 1 58  ? 17.278  2.042   3.754   1.00 16.41 ? 58   LYS A CB  1 
ATOM   434  C  CG  . LYS A 1 58  ? 17.777  3.130   2.816   1.00 20.59 ? 58   LYS A CG  1 
ATOM   435  C  CD  . LYS A 1 58  ? 18.105  2.568   1.444   1.00 22.93 ? 58   LYS A CD  1 
ATOM   436  C  CE  . LYS A 1 58  ? 18.768  3.616   0.562   1.00 24.76 ? 58   LYS A CE  1 
ATOM   437  N  NZ  . LYS A 1 58  ? 19.381  3.011   -0.653  1.00 27.22 ? 58   LYS A NZ  1 
ATOM   438  N  N   . ASP A 1 59  ? 14.634  0.859   5.508   1.00 10.01 ? 59   ASP A N   1 
ATOM   439  C  CA  . ASP A 1 59  ? 14.300  -0.109  6.545   1.00 10.28 ? 59   ASP A CA  1 
ATOM   440  C  C   . ASP A 1 59  ? 13.408  -1.221  6.008   1.00 9.87  ? 59   ASP A C   1 
ATOM   441  O  O   . ASP A 1 59  ? 12.476  -0.969  5.245   1.00 10.37 ? 59   ASP A O   1 
ATOM   442  C  CB  . ASP A 1 59  ? 13.599  0.582   7.714   1.00 11.23 ? 59   ASP A CB  1 
ATOM   443  C  CG  . ASP A 1 59  ? 13.231  -0.389  8.812   1.00 12.11 ? 59   ASP A CG  1 
ATOM   444  O  OD1 . ASP A 1 59  ? 14.151  -1.002  9.394   1.00 15.18 ? 59   ASP A OD1 1 
ATOM   445  O  OD2 . ASP A 1 59  ? 12.025  -0.542  9.090   1.00 14.40 ? 59   ASP A OD2 1 
ATOM   446  N  N   . LYS A 1 60  ? 13.701  -2.454  6.414   1.00 9.45  ? 60   LYS A N   1 
ATOM   447  C  CA  . LYS A 1 60  ? 12.935  -3.611  5.962   1.00 10.03 ? 60   LYS A CA  1 
ATOM   448  C  C   . LYS A 1 60  ? 12.234  -4.307  7.125   1.00 9.03  ? 60   LYS A C   1 
ATOM   449  O  O   . LYS A 1 60  ? 11.716  -5.414  6.972   1.00 10.96 ? 60   LYS A O   1 
ATOM   450  C  CB  . LYS A 1 60  ? 13.853  -4.611  5.246   1.00 9.65  ? 60   LYS A CB  1 
ATOM   451  C  CG  . LYS A 1 60  ? 14.629  -4.034  4.065   1.00 12.00 ? 60   LYS A CG  1 
ATOM   452  C  CD  . LYS A 1 60  ? 13.704  -3.555  2.955   1.00 12.86 ? 60   LYS A CD  1 
ATOM   453  C  CE  . LYS A 1 60  ? 14.495  -2.999  1.776   1.00 15.23 ? 60   LYS A CE  1 
ATOM   454  N  NZ  . LYS A 1 60  ? 13.614  -2.339  0.772   1.00 15.67 ? 60   LYS A NZ  1 
ATOM   455  N  N   . SER A 1 61  ? 12.223  -3.662  8.288   1.00 8.22  ? 61   SER A N   1 
ATOM   456  C  CA  . SER A 1 61  ? 11.560  -4.227  9.461   1.00 8.33  ? 61   SER A CA  1 
ATOM   457  C  C   . SER A 1 61  ? 10.052  -4.029  9.363   1.00 8.79  ? 61   SER A C   1 
ATOM   458  O  O   . SER A 1 61  ? 9.559   -3.393  8.429   1.00 8.98  ? 61   SER A O   1 
ATOM   459  C  CB  . SER A 1 61  ? 12.067  -3.557  10.739  1.00 8.58  ? 61   SER A CB  1 
ATOM   460  O  OG  . SER A 1 61  ? 11.447  -2.297  10.932  1.00 9.30  ? 61   SER A OG  1 
ATOM   461  N  N   . ALA A 1 62  ? 9.324   -4.567  10.338  1.00 8.78  ? 62   ALA A N   1 
ATOM   462  C  CA  . ALA A 1 62  ? 7.871   -4.437  10.375  1.00 9.69  ? 62   ALA A CA  1 
ATOM   463  C  C   . ALA A 1 62  ? 7.419   -3.004  10.649  1.00 9.52  ? 62   ALA A C   1 
ATOM   464  O  O   . ALA A 1 62  ? 6.223   -2.715  10.654  1.00 9.36  ? 62   ALA A O   1 
ATOM   465  C  CB  . ALA A 1 62  ? 7.289   -5.377  11.430  1.00 10.22 ? 62   ALA A CB  1 
ATOM   466  N  N   . LYS A 1 63  ? 8.373   -2.108  10.883  1.00 9.05  ? 63   LYS A N   1 
ATOM   467  C  CA  . LYS A 1 63  ? 8.048   -0.699  11.072  1.00 8.57  ? 63   LYS A CA  1 
ATOM   468  C  C   . LYS A 1 63  ? 8.333   0.138   9.828   1.00 8.38  ? 63   LYS A C   1 
ATOM   469  O  O   . LYS A 1 63  ? 7.979   1.312   9.777   1.00 8.46  ? 63   LYS A O   1 
ATOM   470  C  CB  . LYS A 1 63  ? 8.824   -0.131  12.264  1.00 9.44  ? 63   LYS A CB  1 
ATOM   471  C  CG  . LYS A 1 63  ? 8.451   -0.784  13.588  1.00 11.54 ? 63   LYS A CG  1 
ATOM   472  C  CD  . LYS A 1 63  ? 9.182   -0.149  14.755  1.00 16.14 ? 63   LYS A CD  1 
ATOM   473  C  CE  . LYS A 1 63  ? 8.644   -0.671  16.079  1.00 18.16 ? 63   LYS A CE  1 
ATOM   474  N  NZ  . LYS A 1 63  ? 9.309   -0.027  17.246  1.00 21.77 ? 63   LYS A NZ  1 
ATOM   475  N  N   . GLY A 1 64  ? 8.960   -0.468  8.823   1.00 7.94  ? 64   GLY A N   1 
ATOM   476  C  CA  . GLY A 1 64  ? 9.344   0.287   7.640   1.00 6.81  ? 64   GLY A CA  1 
ATOM   477  C  C   . GLY A 1 64  ? 8.170   0.680   6.763   1.00 7.38  ? 64   GLY A C   1 
ATOM   478  O  O   . GLY A 1 64  ? 7.530   -0.172  6.148   1.00 8.29  ? 64   GLY A O   1 
ATOM   479  N  N   . TYR A 1 65  ? 7.893   1.981   6.693   1.00 7.02  ? 65   TYR A N   1 
ATOM   480  C  CA  . TYR A 1 65  ? 6.753   2.486   5.935   1.00 5.75  ? 65   TYR A CA  1 
ATOM   481  C  C   . TYR A 1 65  ? 6.923   2.263   4.430   1.00 6.45  ? 65   TYR A C   1 
ATOM   482  O  O   . TYR A 1 65  ? 6.026   1.734   3.770   1.00 7.09  ? 65   TYR A O   1 
ATOM   483  C  CB  . TYR A 1 65  ? 6.562   3.978   6.231   1.00 6.63  ? 65   TYR A CB  1 
ATOM   484  C  CG  . TYR A 1 65  ? 5.354   4.605   5.570   1.00 6.42  ? 65   TYR A CG  1 
ATOM   485  C  CD1 . TYR A 1 65  ? 5.502   5.510   4.518   1.00 7.12  ? 65   TYR A CD1 1 
ATOM   486  C  CD2 . TYR A 1 65  ? 4.064   4.315   6.011   1.00 6.69  ? 65   TYR A CD2 1 
ATOM   487  C  CE1 . TYR A 1 65  ? 4.397   6.111   3.927   1.00 6.58  ? 65   TYR A CE1 1 
ATOM   488  C  CE2 . TYR A 1 65  ? 2.949   4.911   5.422   1.00 5.99  ? 65   TYR A CE2 1 
ATOM   489  C  CZ  . TYR A 1 65  ? 3.126   5.808   4.382   1.00 7.16  ? 65   TYR A CZ  1 
ATOM   490  O  OH  . TYR A 1 65  ? 2.038   6.404   3.788   1.00 7.92  ? 65   TYR A OH  1 
ATOM   491  N  N   . TYR A 1 66  ? 8.071   2.660   3.890   1.00 6.92  ? 66   TYR A N   1 
ATOM   492  C  CA  . TYR A 1 66  ? 8.344   2.468   2.470   1.00 6.38  ? 66   TYR A CA  1 
ATOM   493  C  C   . TYR A 1 66  ? 8.265   0.986   2.113   1.00 7.03  ? 66   TYR A C   1 
ATOM   494  O  O   . TYR A 1 66  ? 7.670   0.607   1.102   1.00 7.45  ? 66   TYR A O   1 
ATOM   495  C  CB  . TYR A 1 66  ? 9.734   3.010   2.120   1.00 7.54  ? 66   TYR A CB  1 
ATOM   496  C  CG  . TYR A 1 66  ? 10.117  2.839   0.664   1.00 7.29  ? 66   TYR A CG  1 
ATOM   497  C  CD1 . TYR A 1 66  ? 10.630  1.631   0.193   1.00 8.60  ? 66   TYR A CD1 1 
ATOM   498  C  CD2 . TYR A 1 66  ? 9.965   3.888   -0.242  1.00 7.90  ? 66   TYR A CD2 1 
ATOM   499  C  CE1 . TYR A 1 66  ? 10.980  1.468   -1.145  1.00 8.50  ? 66   TYR A CE1 1 
ATOM   500  C  CE2 . TYR A 1 66  ? 10.313  3.737   -1.584  1.00 9.32  ? 66   TYR A CE2 1 
ATOM   501  C  CZ  . TYR A 1 66  ? 10.819  2.524   -2.027  1.00 9.66  ? 66   TYR A CZ  1 
ATOM   502  O  OH  . TYR A 1 66  ? 11.151  2.365   -3.351  1.00 10.71 ? 66   TYR A OH  1 
ATOM   503  N  N   . HIS A 1 67  ? 8.878   0.155   2.951   1.00 6.21  ? 67   HIS A N   1 
ATOM   504  C  CA  . HIS A 1 67  ? 8.886   -1.293  2.764   1.00 7.50  ? 67   HIS A CA  1 
ATOM   505  C  C   . HIS A 1 67  ? 7.472   -1.843  2.601   1.00 7.53  ? 67   HIS A C   1 
ATOM   506  O  O   . HIS A 1 67  ? 7.213   -2.671  1.720   1.00 6.55  ? 67   HIS A O   1 
ATOM   507  C  CB  . HIS A 1 67  ? 9.574   -1.952  3.965   1.00 8.21  ? 67   HIS A CB  1 
ATOM   508  C  CG  . HIS A 1 67  ? 9.438   -3.444  4.012   1.00 6.98  ? 67   HIS A CG  1 
ATOM   509  N  ND1 . HIS A 1 67  ? 10.057  -4.279  3.106   1.00 7.41  ? 67   HIS A ND1 1 
ATOM   510  C  CD2 . HIS A 1 67  ? 8.782   -4.250  4.879   1.00 7.56  ? 67   HIS A CD2 1 
ATOM   511  C  CE1 . HIS A 1 67  ? 9.789   -5.535  3.415   1.00 7.97  ? 67   HIS A CE1 1 
ATOM   512  N  NE2 . HIS A 1 67  ? 9.017   -5.545  4.486   1.00 8.43  ? 67   HIS A NE2 1 
ATOM   513  N  N   . ALA A 1 68  ? 6.560   -1.369  3.444   1.00 7.50  ? 68   ALA A N   1 
ATOM   514  C  CA  . ALA A 1 68  ? 5.194   -1.872  3.463   1.00 7.52  ? 68   ALA A CA  1 
ATOM   515  C  C   . ALA A 1 68  ? 4.419   -1.523  2.198   1.00 7.92  ? 68   ALA A C   1 
ATOM   516  O  O   . ALA A 1 68  ? 3.422   -2.173  1.879   1.00 7.83  ? 68   ALA A O   1 
ATOM   517  C  CB  . ALA A 1 68  ? 4.460   -1.336  4.690   1.00 9.41  ? 68   ALA A CB  1 
ATOM   518  N  N   . MET A 1 69  ? 4.873   -0.504  1.472   1.00 7.11  ? 69   MET A N   1 
ATOM   519  C  CA  . MET A 1 69  ? 4.166   -0.065  0.273   1.00 6.87  ? 69   MET A CA  1 
ATOM   520  C  C   . MET A 1 69  ? 4.799   -0.566  -1.021  1.00 7.22  ? 69   MET A C   1 
ATOM   521  O  O   . MET A 1 69  ? 4.130   -0.645  -2.049  1.00 7.54  ? 69   MET A O   1 
ATOM   522  C  CB  . MET A 1 69  ? 4.093   1.464   0.226   1.00 6.94  ? 69   MET A CB  1 
ATOM   523  C  CG  . MET A 1 69  ? 3.533   2.097   1.487   1.00 7.36  ? 69   MET A CG  1 
ATOM   524  S  SD  . MET A 1 69  ? 1.894   1.495   1.921   1.00 7.93  ? 69   MET A SD  1 
ATOM   525  C  CE  . MET A 1 69  ? 1.734   2.202   3.558   1.00 7.17  ? 69   MET A CE  1 
ATOM   526  N  N   . HIS A 1 70  ? 6.086   -0.898  -0.979  1.00 7.30  ? 70   HIS A N   1 
ATOM   527  C  CA  . HIS A 1 70  ? 6.839   -1.101  -2.218  1.00 7.60  ? 70   HIS A CA  1 
ATOM   528  C  C   . HIS A 1 70  ? 7.410   -2.498  -2.443  1.00 8.55  ? 70   HIS A C   1 
ATOM   529  O  O   . HIS A 1 70  ? 7.611   -2.906  -3.586  1.00 9.07  ? 70   HIS A O   1 
ATOM   530  C  CB  . HIS A 1 70  ? 7.987   -0.088  -2.312  1.00 7.51  ? 70   HIS A CB  1 
ATOM   531  C  CG  . HIS A 1 70  ? 7.538   1.337   -2.421  1.00 5.98  ? 70   HIS A CG  1 
ATOM   532  N  ND1 . HIS A 1 70  ? 7.289   2.127   -1.318  1.00 6.57  ? 70   HIS A ND1 1 
ATOM   533  C  CD2 . HIS A 1 70  ? 7.316   2.121   -3.503  1.00 7.84  ? 70   HIS A CD2 1 
ATOM   534  C  CE1 . HIS A 1 70  ? 6.935   3.336   -1.717  1.00 8.09  ? 70   HIS A CE1 1 
ATOM   535  N  NE2 . HIS A 1 70  ? 6.943   3.359   -3.038  1.00 6.78  ? 70   HIS A NE2 1 
ATOM   536  N  N   . ASP A 1 71  ? 7.692   -3.230  -1.371  1.00 7.71  ? 71   ASP A N   1 
ATOM   537  C  CA  . ASP A 1 71  ? 8.528   -4.424  -1.504  1.00 8.76  ? 71   ASP A CA  1 
ATOM   538  C  C   . ASP A 1 71  ? 7.781   -5.715  -1.822  1.00 8.88  ? 71   ASP A C   1 
ATOM   539  O  O   . ASP A 1 71  ? 6.594   -5.857  -1.526  1.00 8.75  ? 71   ASP A O   1 
ATOM   540  C  CB  . ASP A 1 71  ? 9.383   -4.608  -0.246  1.00 8.79  ? 71   ASP A CB  1 
ATOM   541  C  CG  . ASP A 1 71  ? 10.545  -3.636  -0.189  1.00 11.60 ? 71   ASP A CG  1 
ATOM   542  O  OD1 . ASP A 1 71  ? 10.828  -2.990  -1.221  1.00 15.19 ? 71   ASP A OD1 1 
ATOM   543  O  OD2 . ASP A 1 71  ? 11.182  -3.515  0.879   1.00 10.32 ? 71   ASP A OD2 1 
ATOM   544  N  N   . LYS A 1 72  ? 8.495   -6.648  -2.445  1.00 10.24 ? 72   LYS A N   1 
ATOM   545  C  CA  . LYS A 1 72  ? 7.972   -7.981  -2.733  1.00 10.42 ? 72   LYS A CA  1 
ATOM   546  C  C   . LYS A 1 72  ? 8.367   -8.935  -1.610  1.00 9.99  ? 72   LYS A C   1 
ATOM   547  O  O   . LYS A 1 72  ? 9.186   -8.597  -0.759  1.00 10.56 ? 72   LYS A O   1 
ATOM   548  C  CB  . LYS A 1 72  ? 8.542   -8.501  -4.056  1.00 12.97 ? 72   LYS A CB  1 
ATOM   549  C  CG  . LYS A 1 72  ? 8.238   -7.625  -5.261  1.00 15.36 ? 72   LYS A CG  1 
ATOM   550  C  CD  . LYS A 1 72  ? 9.012   -8.091  -6.487  1.00 19.12 ? 72   LYS A CD  1 
ATOM   551  C  CE  . LYS A 1 72  ? 8.605   -9.495  -6.905  1.00 20.04 ? 72   LYS A CE  1 
ATOM   552  N  NZ  . LYS A 1 72  ? 9.395   -9.983  -8.071  1.00 23.68 ? 72   LYS A NZ  1 
ATOM   553  N  N   . GLY A 1 73  ? 7.777   -10.125 -1.613  1.00 8.72  ? 73   GLY A N   1 
ATOM   554  C  CA  . GLY A 1 73  ? 8.175   -11.146 -0.658  1.00 8.98  ? 73   GLY A CA  1 
ATOM   555  C  C   . GLY A 1 73  ? 7.694   -10.856 0.751   1.00 8.03  ? 73   GLY A C   1 
ATOM   556  O  O   . GLY A 1 73  ? 8.232   -11.385 1.723   1.00 8.62  ? 73   GLY A O   1 
ATOM   557  N  N   . THR A 1 74  ? 6.679   -10.005 0.858   1.00 7.88  ? 74   THR A N   1 
ATOM   558  C  CA  . THR A 1 74  ? 6.118   -9.630  2.148   1.00 8.40  ? 74   THR A CA  1 
ATOM   559  C  C   . THR A 1 74  ? 4.930   -10.517 2.532   1.00 8.69  ? 74   THR A C   1 
ATOM   560  O  O   . THR A 1 74  ? 4.269   -11.099 1.668   1.00 8.82  ? 74   THR A O   1 
ATOM   561  C  CB  . THR A 1 74  ? 5.684   -8.153  2.130   1.00 8.23  ? 74   THR A CB  1 
ATOM   562  O  OG1 . THR A 1 74  ? 4.866   -7.906  0.979   1.00 8.12  ? 74   THR A OG1 1 
ATOM   563  C  CG2 . THR A 1 74  ? 6.910   -7.248  2.073   1.00 9.67  ? 74   THR A CG2 1 
ATOM   564  N  N   . LYS A 1 75  ? 4.668   -10.619 3.833   1.00 8.43  ? 75   LYS A N   1 
ATOM   565  C  CA  . LYS A 1 75  ? 3.646   -11.525 4.355   1.00 8.96  ? 75   LYS A CA  1 
ATOM   566  C  C   . LYS A 1 75  ? 2.259   -11.175 3.827   1.00 9.22  ? 75   LYS A C   1 
ATOM   567  O  O   . LYS A 1 75  ? 1.417   -12.048 3.624   1.00 9.86  ? 75   LYS A O   1 
ATOM   568  C  CB  . LYS A 1 75  ? 3.645   -11.475 5.886   1.00 10.23 ? 75   LYS A CB  1 
ATOM   569  C  CG  . LYS A 1 75  ? 2.671   -12.432 6.547   1.00 12.41 ? 75   LYS A CG  1 
ATOM   570  C  CD  . LYS A 1 75  ? 2.838   -12.401 8.058   1.00 13.37 ? 75   LYS A CD  1 
ATOM   571  C  CE  . LYS A 1 75  ? 2.001   -13.471 8.736   1.00 16.04 ? 75   LYS A CE  1 
ATOM   572  N  NZ  . LYS A 1 75  ? 2.264   -13.508 10.202  1.00 17.60 ? 75   LYS A NZ  1 
ATOM   573  N  N   . PHE A 1 76  ? 2.026   -9.885  3.619   1.00 9.08  ? 76   PHE A N   1 
ATOM   574  C  CA  . PHE A 1 76  ? 0.840   -9.417  2.915   1.00 8.13  ? 76   PHE A CA  1 
ATOM   575  C  C   . PHE A 1 76  ? 1.349   -8.649  1.706   1.00 8.84  ? 76   PHE A C   1 
ATOM   576  O  O   . PHE A 1 76  ? 2.359   -7.953  1.798   1.00 9.42  ? 76   PHE A O   1 
ATOM   577  C  CB  . PHE A 1 76  ? 0.021   -8.493  3.819   1.00 9.53  ? 76   PHE A CB  1 
ATOM   578  C  CG  . PHE A 1 76  ? -0.155  -9.021  5.211   1.00 7.74  ? 76   PHE A CG  1 
ATOM   579  C  CD1 . PHE A 1 76  ? -1.025  -10.077 5.462   1.00 9.99  ? 76   PHE A CD1 1 
ATOM   580  C  CD2 . PHE A 1 76  ? 0.576   -8.488  6.268   1.00 9.02  ? 76   PHE A CD2 1 
ATOM   581  C  CE1 . PHE A 1 76  ? -1.157  -10.602 6.747   1.00 10.08 ? 76   PHE A CE1 1 
ATOM   582  C  CE2 . PHE A 1 76  ? 0.450   -9.005  7.555   1.00 10.14 ? 76   PHE A CE2 1 
ATOM   583  C  CZ  . PHE A 1 76  ? -0.419  -10.064 7.794   1.00 9.15  ? 76   PHE A CZ  1 
ATOM   584  N  N   . LYS A 1 77  ? 0.668   -8.783  0.574   1.00 9.94  ? 77   LYS A N   1 
ATOM   585  C  CA  . LYS A 1 77  ? 1.091   -8.088  -0.636  1.00 9.40  ? 77   LYS A CA  1 
ATOM   586  C  C   . LYS A 1 77  ? 1.115   -6.583  -0.387  1.00 9.48  ? 77   LYS A C   1 
ATOM   587  O  O   . LYS A 1 77  ? 0.167   -6.020  0.162   1.00 10.05 ? 77   LYS A O   1 
ATOM   588  C  CB  . LYS A 1 77  ? 0.137   -8.398  -1.792  1.00 11.18 ? 77   LYS A CB  1 
ATOM   589  C  CG  . LYS A 1 77  ? 0.031   -9.872  -2.147  1.00 15.18 ? 77   LYS A CG  1 
ATOM   590  C  CD  . LYS A 1 77  ? 1.145   -10.308 -3.083  1.00 16.76 ? 77   LYS A CD  1 
ATOM   591  C  CE  . LYS A 1 77  ? 0.900   -11.718 -3.609  1.00 18.94 ? 77   LYS A CE  1 
ATOM   592  N  NZ  . LYS A 1 77  ? 1.996   -12.162 -4.510  1.00 20.91 ? 77   LYS A NZ  1 
ATOM   593  N  N   . SER A 1 78  ? 2.206   -5.940  -0.792  1.00 7.94  ? 78   SER A N   1 
ATOM   594  C  CA  . SER A 1 78  ? 2.309   -4.481  -0.730  1.00 7.44  ? 78   SER A CA  1 
ATOM   595  C  C   . SER A 1 78  ? 1.624   -3.887  -1.954  1.00 8.10  ? 78   SER A C   1 
ATOM   596  O  O   . SER A 1 78  ? 1.236   -4.620  -2.864  1.00 7.21  ? 78   SER A O   1 
ATOM   597  C  CB  . SER A 1 78  ? 3.777   -4.057  -0.720  1.00 8.32  ? 78   SER A CB  1 
ATOM   598  O  OG  . SER A 1 78  ? 4.376   -4.298  -1.987  1.00 8.30  ? 78   SER A OG  1 
ATOM   599  N  N   . CYS A 1 79  ? 1.479   -2.565  -1.981  1.00 6.44  ? 79   CYS A N   1 
ATOM   600  C  CA  . CYS A 1 79  ? 0.914   -1.885  -3.147  1.00 7.67  ? 79   CYS A CA  1 
ATOM   601  C  C   . CYS A 1 79  ? 1.582   -2.388  -4.416  1.00 7.31  ? 79   CYS A C   1 
ATOM   602  O  O   . CYS A 1 79  ? 0.919   -2.861  -5.337  1.00 7.86  ? 79   CYS A O   1 
ATOM   603  C  CB  . CYS A 1 79  ? 1.136   -0.372  -3.079  1.00 5.60  ? 79   CYS A CB  1 
ATOM   604  S  SG  . CYS A 1 79  ? 0.739   0.461   -1.511  1.00 6.51  ? 79   CYS A SG  1 
ATOM   605  N  N   . VAL A 1 80  ? 2.903   -2.274  -4.464  1.00 7.82  ? 80   VAL A N   1 
ATOM   606  C  CA  . VAL A 1 80  ? 3.639   -2.636  -5.665  1.00 7.56  ? 80   VAL A CA  1 
ATOM   607  C  C   . VAL A 1 80  ? 3.608   -4.144  -5.897  1.00 8.13  ? 80   VAL A C   1 
ATOM   608  O  O   . VAL A 1 80  ? 3.486   -4.599  -7.036  1.00 9.34  ? 80   VAL A O   1 
ATOM   609  C  CB  . VAL A 1 80  ? 5.099   -2.148  -5.584  1.00 7.79  ? 80   VAL A CB  1 
ATOM   610  C  CG1 . VAL A 1 80  ? 5.874   -2.609  -6.815  1.00 8.82  ? 80   VAL A CG1 1 
ATOM   611  C  CG2 . VAL A 1 80  ? 5.127   -0.625  -5.491  1.00 9.07  ? 80   VAL A CG2 1 
ATOM   612  N  N   . GLY A 1 81  ? 3.705   -4.915  -4.818  1.00 7.33  ? 81   GLY A N   1 
ATOM   613  C  CA  . GLY A 1 81  ? 3.716   -6.362  -4.943  1.00 8.31  ? 81   GLY A CA  1 
ATOM   614  C  C   . GLY A 1 81  ? 2.446   -6.898  -5.573  1.00 9.18  ? 81   GLY A C   1 
ATOM   615  O  O   . GLY A 1 81  ? 2.497   -7.714  -6.495  1.00 11.24 ? 81   GLY A O   1 
ATOM   616  N  N   . CYS A 1 82  ? 1.298   -6.443  -5.087  1.00 9.34  ? 82   CYS A N   1 
ATOM   617  C  CA  . CYS A 1 82  ? 0.036   -6.891  -5.652  1.00 8.66  ? 82   CYS A CA  1 
ATOM   618  C  C   . CYS A 1 82  ? -0.131  -6.386  -7.079  1.00 10.29 ? 82   CYS A C   1 
ATOM   619  O  O   . CYS A 1 82  ? -0.616  -7.108  -7.946  1.00 10.04 ? 82   CYS A O   1 
ATOM   620  C  CB  . CYS A 1 82  ? -1.142  -6.410  -4.809  1.00 8.66  ? 82   CYS A CB  1 
ATOM   621  S  SG  . CYS A 1 82  ? -2.742  -6.933  -5.502  1.00 9.77  ? 82   CYS A SG  1 
ATOM   622  N  N   . HIS A 1 83  ? 0.271   -5.142  -7.322  1.00 9.90  ? 83   HIS A N   1 
ATOM   623  C  CA  . HIS A 1 83  ? 0.133   -4.558  -8.648  1.00 9.51  ? 83   HIS A CA  1 
ATOM   624  C  C   . HIS A 1 83  ? 0.991   -5.296  -9.675  1.00 10.90 ? 83   HIS A C   1 
ATOM   625  O  O   . HIS A 1 83  ? 0.623   -5.388  -10.847 1.00 11.76 ? 83   HIS A O   1 
ATOM   626  C  CB  . HIS A 1 83  ? 0.511   -3.076  -8.618  1.00 8.08  ? 83   HIS A CB  1 
ATOM   627  C  CG  . HIS A 1 83  ? -0.548  -2.191  -8.034  1.00 8.40  ? 83   HIS A CG  1 
ATOM   628  N  ND1 . HIS A 1 83  ? -0.523  -0.819  -8.168  1.00 6.57  ? 83   HIS A ND1 1 
ATOM   629  C  CD2 . HIS A 1 83  ? -1.661  -2.476  -7.312  1.00 7.53  ? 83   HIS A CD2 1 
ATOM   630  C  CE1 . HIS A 1 83  ? -1.571  -0.298  -7.554  1.00 7.18  ? 83   HIS A CE1 1 
ATOM   631  N  NE2 . HIS A 1 83  ? -2.279  -1.281  -7.026  1.00 8.41  ? 83   HIS A NE2 1 
ATOM   632  N  N   . LEU A 1 84  ? 2.127   -5.831  -9.234  1.00 11.43 ? 84   LEU A N   1 
ATOM   633  C  CA  . LEU A 1 84  ? 2.989   -6.604  -10.124 1.00 11.70 ? 84   LEU A CA  1 
ATOM   634  C  C   . LEU A 1 84  ? 2.284   -7.864  -10.619 1.00 12.87 ? 84   LEU A C   1 
ATOM   635  O  O   . LEU A 1 84  ? 2.398   -8.226  -11.791 1.00 11.78 ? 84   LEU A O   1 
ATOM   636  C  CB  . LEU A 1 84  ? 4.294   -6.985  -9.413  1.00 13.47 ? 84   LEU A CB  1 
ATOM   637  C  CG  . LEU A 1 84  ? 5.329   -5.871  -9.235  1.00 14.34 ? 84   LEU A CG  1 
ATOM   638  C  CD1 . LEU A 1 84  ? 6.431   -6.340  -8.294  1.00 15.36 ? 84   LEU A CD1 1 
ATOM   639  C  CD2 . LEU A 1 84  ? 5.905   -5.482  -10.590 1.00 14.75 ? 84   LEU A CD2 1 
ATOM   640  N  N   . GLU A 1 85  ? 1.550   -8.528  -9.732  1.00 12.95 ? 85   GLU A N   1 
ATOM   641  C  CA  . GLU A 1 85  ? 0.809   -9.724  -10.118 1.00 14.50 ? 85   GLU A CA  1 
ATOM   642  C  C   . GLU A 1 85  ? -0.329  -9.385  -11.071 1.00 13.98 ? 85   GLU A C   1 
ATOM   643  O  O   . GLU A 1 85  ? -0.625  -10.144 -11.995 1.00 13.59 ? 85   GLU A O   1 
ATOM   644  C  CB  . GLU A 1 85  ? 0.248   -10.429 -8.882  1.00 17.34 ? 85   GLU A CB  1 
ATOM   645  C  CG  . GLU A 1 85  ? 1.302   -11.115 -8.036  1.00 21.42 ? 85   GLU A CG  1 
ATOM   646  C  CD  . GLU A 1 85  ? 2.341   -11.836 -8.874  1.00 23.89 ? 85   GLU A CD  1 
ATOM   647  O  OE1 . GLU A 1 85  ? 3.543   -11.542 -8.710  1.00 25.95 ? 85   GLU A OE1 1 
ATOM   648  O  OE2 . GLU A 1 85  ? 1.953   -12.693 -9.698  1.00 26.97 ? 85   GLU A OE2 1 
ATOM   649  N  N   . THR A 1 86  ? -0.962  -8.239  -10.844 1.00 13.50 ? 86   THR A N   1 
ATOM   650  C  CA  . THR A 1 86  ? -2.050  -7.788  -11.697 1.00 12.54 ? 86   THR A CA  1 
ATOM   651  C  C   . THR A 1 86  ? -1.544  -7.476  -13.102 1.00 10.90 ? 86   THR A C   1 
ATOM   652  O  O   . THR A 1 86  ? -2.177  -7.841  -14.094 1.00 10.48 ? 86   THR A O   1 
ATOM   653  C  CB  . THR A 1 86  ? -2.715  -6.525  -11.118 1.00 13.82 ? 86   THR A CB  1 
ATOM   654  O  OG1 . THR A 1 86  ? -3.294  -6.834  -9.843  1.00 17.61 ? 86   THR A OG1 1 
ATOM   655  C  CG2 . THR A 1 86  ? -3.799  -6.017  -12.050 1.00 14.24 ? 86   THR A CG2 1 
ATOM   656  N  N   . ALA A 1 87  ? -0.399  -6.805  -13.180 1.00 9.61  ? 87   ALA A N   1 
ATOM   657  C  CA  . ALA A 1 87  ? 0.137   -6.358  -14.461 1.00 9.10  ? 87   ALA A CA  1 
ATOM   658  C  C   . ALA A 1 87  ? 0.671   -7.516  -15.297 1.00 9.71  ? 87   ALA A C   1 
ATOM   659  O  O   . ALA A 1 87  ? 0.603   -7.484  -16.527 1.00 9.01  ? 87   ALA A O   1 
ATOM   660  C  CB  . ALA A 1 87  ? 1.242   -5.330  -14.233 1.00 9.38  ? 87   ALA A CB  1 
ATOM   661  N  N   . GLY A 1 88  ? 1.209   -8.529  -14.628 1.00 9.71  ? 88   GLY A N   1 
ATOM   662  C  CA  . GLY A 1 88  ? 1.760   -9.665  -15.343 1.00 9.50  ? 88   GLY A CA  1 
ATOM   663  C  C   . GLY A 1 88  ? 2.878   -9.254  -16.280 1.00 8.65  ? 88   GLY A C   1 
ATOM   664  O  O   . GLY A 1 88  ? 3.796   -8.533  -15.888 1.00 10.87 ? 88   GLY A O   1 
ATOM   665  N  N   . ALA A 1 89  ? 2.797   -9.710  -17.525 1.00 8.63  ? 89   ALA A N   1 
ATOM   666  C  CA  . ALA A 1 89  ? 3.796   -9.385  -18.539 1.00 9.12  ? 89   ALA A CA  1 
ATOM   667  C  C   . ALA A 1 89  ? 3.408   -8.142  -19.339 1.00 9.15  ? 89   ALA A C   1 
ATOM   668  O  O   . ALA A 1 89  ? 4.087   -7.778  -20.299 1.00 9.97  ? 89   ALA A O   1 
ATOM   669  C  CB  . ALA A 1 89  ? 3.984   -10.568 -19.479 1.00 9.34  ? 89   ALA A CB  1 
ATOM   670  N  N   . ASP A 1 90  ? 2.315   -7.501  -18.942 1.00 9.51  ? 90   ASP A N   1 
ATOM   671  C  CA  . ASP A 1 90  ? 1.818   -6.319  -19.638 1.00 9.79  ? 90   ASP A CA  1 
ATOM   672  C  C   . ASP A 1 90  ? 2.646   -5.099  -19.238 1.00 10.38 ? 90   ASP A C   1 
ATOM   673  O  O   . ASP A 1 90  ? 2.478   -4.560  -18.146 1.00 10.43 ? 90   ASP A O   1 
ATOM   674  C  CB  . ASP A 1 90  ? 0.342   -6.106  -19.273 1.00 10.11 ? 90   ASP A CB  1 
ATOM   675  C  CG  . ASP A 1 90  ? -0.315  -5.002  -20.077 1.00 10.68 ? 90   ASP A CG  1 
ATOM   676  O  OD1 . ASP A 1 90  ? -1.548  -5.070  -20.265 1.00 10.64 ? 90   ASP A OD1 1 
ATOM   677  O  OD2 . ASP A 1 90  ? 0.387   -4.069  -20.515 1.00 12.27 ? 90   ASP A OD2 1 
ATOM   678  N  N   . ALA A 1 91  ? 3.540   -4.664  -20.123 1.00 10.03 ? 91   ALA A N   1 
ATOM   679  C  CA  . ALA A 1 91  ? 4.473   -3.590  -19.792 1.00 10.43 ? 91   ALA A CA  1 
ATOM   680  C  C   . ALA A 1 91  ? 3.759   -2.260  -19.574 1.00 10.01 ? 91   ALA A C   1 
ATOM   681  O  O   . ALA A 1 91  ? 4.192   -1.442  -18.764 1.00 10.62 ? 91   ALA A O   1 
ATOM   682  C  CB  . ALA A 1 91  ? 5.518   -3.444  -20.895 1.00 12.27 ? 91   ALA A CB  1 
ATOM   683  N  N   . ALA A 1 92  ? 2.667   -2.047  -20.299 1.00 10.28 ? 92   ALA A N   1 
ATOM   684  C  CA  . ALA A 1 92  ? 1.893   -0.822  -20.155 1.00 10.44 ? 92   ALA A CA  1 
ATOM   685  C  C   . ALA A 1 92  ? 1.254   -0.767  -18.772 1.00 10.58 ? 92   ALA A C   1 
ATOM   686  O  O   . ALA A 1 92  ? 1.266   0.274   -18.114 1.00 11.23 ? 92   ALA A O   1 
ATOM   687  C  CB  . ALA A 1 92  ? 0.819   -0.749  -21.233 1.00 12.57 ? 92   ALA A CB  1 
ATOM   688  N  N   . LYS A 1 93  ? 0.701   -1.892  -18.331 1.00 10.23 ? 93   LYS A N   1 
ATOM   689  C  CA  . LYS A 1 93  ? 0.126   -1.970  -16.996 1.00 9.88  ? 93   LYS A CA  1 
ATOM   690  C  C   . LYS A 1 93  ? 1.208   -1.878  -15.926 1.00 10.70 ? 93   LYS A C   1 
ATOM   691  O  O   . LYS A 1 93  ? 0.965   -1.359  -14.836 1.00 9.93  ? 93   LYS A O   1 
ATOM   692  C  CB  . LYS A 1 93  ? -0.663  -3.272  -16.833 1.00 10.34 ? 93   LYS A CB  1 
ATOM   693  C  CG  . LYS A 1 93  ? -2.066  -3.209  -17.412 1.00 11.42 ? 93   LYS A CG  1 
ATOM   694  C  CD  . LYS A 1 93  ? -2.961  -2.305  -16.573 1.00 12.06 ? 93   LYS A CD  1 
ATOM   695  C  CE  . LYS A 1 93  ? -4.343  -2.172  -17.189 1.00 15.54 ? 93   LYS A CE  1 
ATOM   696  N  NZ  . LYS A 1 93  ? -5.178  -1.177  -16.461 1.00 15.82 ? 93   LYS A NZ  1 
ATOM   697  N  N   . LYS A 1 94  ? 2.401   -2.380  -16.238 1.00 10.70 ? 94   LYS A N   1 
ATOM   698  C  CA  . LYS A 1 94  ? 3.533   -2.268  -15.323 1.00 11.65 ? 94   LYS A CA  1 
ATOM   699  C  C   . LYS A 1 94  ? 3.872   -0.806  -15.093 1.00 12.50 ? 94   LYS A C   1 
ATOM   700  O  O   . LYS A 1 94  ? 4.131   -0.387  -13.965 1.00 11.89 ? 94   LYS A O   1 
ATOM   701  C  CB  . LYS A 1 94  ? 4.762   -2.974  -15.894 1.00 13.79 ? 94   LYS A CB  1 
ATOM   702  C  CG  . LYS A 1 94  ? 4.751   -4.482  -15.768 1.00 17.45 ? 94   LYS A CG  1 
ATOM   703  C  CD  . LYS A 1 94  ? 6.090   -5.050  -16.210 1.00 19.20 ? 94   LYS A CD  1 
ATOM   704  C  CE  . LYS A 1 94  ? 6.195   -6.536  -15.929 1.00 21.80 ? 94   LYS A CE  1 
ATOM   705  N  NZ  . LYS A 1 94  ? 7.564   -7.041  -16.230 1.00 22.98 ? 94   LYS A NZ  1 
ATOM   706  N  N   . LYS A 1 95  ? 3.876   -0.032  -16.171 1.00 11.37 ? 95   LYS A N   1 
ATOM   707  C  CA  . LYS A 1 95  ? 4.174   1.389   -16.073 1.00 12.42 ? 95   LYS A CA  1 
ATOM   708  C  C   . LYS A 1 95  ? 3.103   2.067   -15.225 1.00 11.57 ? 95   LYS A C   1 
ATOM   709  O  O   . LYS A 1 95  ? 3.414   2.806   -14.291 1.00 12.40 ? 95   LYS A O   1 
ATOM   710  C  CB  . LYS A 1 95  ? 4.219   2.013   -17.470 1.00 14.49 ? 95   LYS A CB  1 
ATOM   711  C  CG  . LYS A 1 95  ? 4.402   3.523   -17.485 1.00 15.12 ? 95   LYS A CG  1 
ATOM   712  C  CD  . LYS A 1 95  ? 5.733   3.941   -16.877 1.00 16.14 ? 95   LYS A CD  1 
ATOM   713  C  CE  . LYS A 1 95  ? 5.972   5.430   -17.087 1.00 16.65 ? 95   LYS A CE  1 
ATOM   714  N  NZ  . LYS A 1 95  ? 7.206   5.905   -16.402 1.00 17.61 ? 95   LYS A NZ  1 
ATOM   715  N  N   . GLU A 1 96  ? 1.841   1.790   -15.543 1.00 11.80 ? 96   GLU A N   1 
ATOM   716  C  CA  . GLU A 1 96  ? 0.715   2.409   -14.854 1.00 10.88 ? 96   GLU A CA  1 
ATOM   717  C  C   . GLU A 1 96  ? 0.676   2.070   -13.370 1.00 10.07 ? 96   GLU A C   1 
ATOM   718  O  O   . GLU A 1 96  ? 0.393   2.930   -12.535 1.00 8.89  ? 96   GLU A O   1 
ATOM   719  C  CB  . GLU A 1 96  ? -0.610  1.963   -15.477 1.00 14.64 ? 96   GLU A CB  1 
ATOM   720  C  CG  . GLU A 1 96  ? -0.876  2.477   -16.876 1.00 19.83 ? 96   GLU A CG  1 
ATOM   721  C  CD  . GLU A 1 96  ? -2.234  2.037   -17.394 1.00 22.61 ? 96   GLU A CD  1 
ATOM   722  O  OE1 . GLU A 1 96  ? -3.149  1.832   -16.566 1.00 24.55 ? 96   GLU A OE1 1 
ATOM   723  O  OE2 . GLU A 1 96  ? -2.385  1.892   -18.625 1.00 26.92 ? 96   GLU A OE2 1 
ATOM   724  N  N   . LEU A 1 97  ? 0.943   0.811   -13.046 1.00 8.77  ? 97   LEU A N   1 
ATOM   725  C  CA  . LEU A 1 97  ? 0.664   0.315   -11.706 1.00 8.89  ? 97   LEU A CA  1 
ATOM   726  C  C   . LEU A 1 97  ? 1.897   0.116   -10.833 1.00 9.83  ? 97   LEU A C   1 
ATOM   727  O  O   . LEU A 1 97  ? 1.781   0.050   -9.611  1.00 9.24  ? 97   LEU A O   1 
ATOM   728  C  CB  . LEU A 1 97  ? -0.125  -0.994  -11.787 1.00 9.57  ? 97   LEU A CB  1 
ATOM   729  C  CG  . LEU A 1 97  ? -1.481  -0.954  -12.501 1.00 10.22 ? 97   LEU A CG  1 
ATOM   730  C  CD1 . LEU A 1 97  ? -2.059  -2.363  -12.534 1.00 11.12 ? 97   LEU A CD1 1 
ATOM   731  C  CD2 . LEU A 1 97  ? -2.434  0.001   -11.796 1.00 11.44 ? 97   LEU A CD2 1 
ATOM   732  N  N   . THR A 1 98  ? 3.075   0.021   -11.445 1.00 9.58  ? 98   THR A N   1 
ATOM   733  C  CA  . THR A 1 98  ? 4.284   -0.215  -10.660 1.00 9.87  ? 98   THR A CA  1 
ATOM   734  C  C   . THR A 1 98  ? 5.434   0.742   -10.968 1.00 9.82  ? 98   THR A C   1 
ATOM   735  O  O   . THR A 1 98  ? 6.483   0.672   -10.328 1.00 10.10 ? 98   THR A O   1 
ATOM   736  C  CB  . THR A 1 98  ? 4.794   -1.664  -10.830 1.00 10.81 ? 98   THR A CB  1 
ATOM   737  O  OG1 . THR A 1 98  ? 5.297   -1.846  -12.159 1.00 12.18 ? 98   THR A OG1 1 
ATOM   738  C  CG2 . THR A 1 98  ? 3.665   -2.656  -10.585 1.00 10.44 ? 98   THR A CG2 1 
ATOM   739  N  N   . GLY A 1 99  ? 5.242   1.635   -11.934 1.00 9.99  ? 99   GLY A N   1 
ATOM   740  C  CA  . GLY A 1 99  ? 6.302   2.562   -12.297 1.00 9.19  ? 99   GLY A CA  1 
ATOM   741  C  C   . GLY A 1 99  ? 6.657   3.530   -11.181 1.00 9.95  ? 99   GLY A C   1 
ATOM   742  O  O   . GLY A 1 99  ? 5.787   3.956   -10.422 1.00 8.92  ? 99   GLY A O   1 
ATOM   743  N  N   . CYS A 1 100 ? 7.935   3.887   -11.083 1.00 9.65  ? 100  CYS A N   1 
ATOM   744  C  CA  . CYS A 1 100 ? 8.398   4.766   -10.008 1.00 10.14 ? 100  CYS A CA  1 
ATOM   745  C  C   . CYS A 1 100 ? 8.086   6.229   -10.292 1.00 11.68 ? 100  CYS A C   1 
ATOM   746  O  O   . CYS A 1 100 ? 8.026   7.051   -9.377  1.00 11.80 ? 100  CYS A O   1 
ATOM   747  C  CB  . CYS A 1 100 ? 9.902   4.597   -9.804  1.00 10.93 ? 100  CYS A CB  1 
ATOM   748  S  SG  . CYS A 1 100 ? 10.391  2.887   -9.432  1.00 10.04 ? 100  CYS A SG  1 
ATOM   749  N  N   . LYS A 1 101 ? 7.905   6.548   -11.568 1.00 11.62 ? 101  LYS A N   1 
ATOM   750  C  CA  . LYS A 1 101 ? 7.430   7.861   -11.972 1.00 12.33 ? 101  LYS A CA  1 
ATOM   751  C  C   . LYS A 1 101 ? 6.522   7.684   -13.180 1.00 11.17 ? 101  LYS A C   1 
ATOM   752  O  O   . LYS A 1 101 ? 6.589   6.665   -13.867 1.00 11.30 ? 101  LYS A O   1 
ATOM   753  C  CB  . LYS A 1 101 ? 8.610   8.776   -12.318 1.00 13.68 ? 101  LYS A CB  1 
ATOM   754  C  CG  . LYS A 1 101 ? 9.452   8.305   -13.491 1.00 15.61 ? 101  LYS A CG  1 
ATOM   755  C  CD  . LYS A 1 101 ? 10.660  9.209   -13.689 1.00 18.09 ? 101  LYS A CD  1 
ATOM   756  C  CE  . LYS A 1 101 ? 11.219  9.081   -15.093 1.00 17.64 ? 101  LYS A CE  1 
ATOM   757  N  NZ  . LYS A 1 101 ? 10.269  9.626   -16.099 1.00 19.75 ? 101  LYS A NZ  1 
ATOM   758  N  N   . GLY A 1 102 ? 5.660   8.665   -13.427 1.00 11.57 ? 102  GLY A N   1 
ATOM   759  C  CA  . GLY A 1 102 ? 4.743   8.560   -14.546 1.00 11.51 ? 102  GLY A CA  1 
ATOM   760  C  C   . GLY A 1 102 ? 3.752   7.423   -14.374 1.00 12.13 ? 102  GLY A C   1 
ATOM   761  O  O   . GLY A 1 102 ? 3.221   6.899   -15.353 1.00 12.15 ? 102  GLY A O   1 
ATOM   762  N  N   . SER A 1 103 ? 3.507   7.035   -13.127 1.00 10.80 ? 103  SER A N   1 
ATOM   763  C  CA  . SER A 1 103 ? 2.548   5.976   -12.835 1.00 9.21  ? 103  SER A CA  1 
ATOM   764  C  C   . SER A 1 103 ? 1.316   6.558   -12.156 1.00 8.26  ? 103  SER A C   1 
ATOM   765  O  O   . SER A 1 103 ? 1.245   7.761   -11.897 1.00 9.87  ? 103  SER A O   1 
ATOM   766  C  CB  . SER A 1 103 ? 3.180   4.917   -11.930 1.00 9.07  ? 103  SER A CB  1 
ATOM   767  O  OG  . SER A 1 103 ? 3.395   5.419   -10.620 1.00 8.29  ? 103  SER A OG  1 
ATOM   768  N  N   . LYS A 1 104 ? 0.345   5.701   -11.864 1.00 8.85  ? 104  LYS A N   1 
ATOM   769  C  CA  . LYS A 1 104 ? -0.864  6.140   -11.181 1.00 9.13  ? 104  LYS A CA  1 
ATOM   770  C  C   . LYS A 1 104 ? -0.602  6.487   -9.716  1.00 8.94  ? 104  LYS A C   1 
ATOM   771  O  O   . LYS A 1 104 ? -1.420  7.142   -9.073  1.00 9.94  ? 104  LYS A O   1 
ATOM   772  C  CB  . LYS A 1 104 ? -1.944  5.058   -11.272 1.00 12.17 ? 104  LYS A CB  1 
ATOM   773  C  CG  . LYS A 1 104 ? -2.507  4.865   -12.672 1.00 15.32 ? 104  LYS A CG  1 
ATOM   774  C  CD  . LYS A 1 104 ? -3.356  6.054   -13.090 1.00 19.62 ? 104  LYS A CD  1 
ATOM   775  C  CE  . LYS A 1 104 ? -4.191  5.735   -14.322 1.00 20.54 ? 104  LYS A CE  1 
ATOM   776  N  NZ  . LYS A 1 104 ? -3.342  5.399   -15.497 1.00 24.82 ? 104  LYS A NZ  1 
ATOM   777  N  N   . CYS A 1 105 ? 0.540   6.058   -9.188  1.00 8.37  ? 105  CYS A N   1 
ATOM   778  C  CA  . CYS A 1 105 ? 0.909   6.404   -7.818  1.00 8.53  ? 105  CYS A CA  1 
ATOM   779  C  C   . CYS A 1 105 ? 1.761   7.664   -7.754  1.00 8.54  ? 105  CYS A C   1 
ATOM   780  O  O   . CYS A 1 105 ? 1.468   8.581   -6.985  1.00 9.71  ? 105  CYS A O   1 
ATOM   781  C  CB  . CYS A 1 105 ? 1.669   5.253   -7.161  1.00 8.36  ? 105  CYS A CB  1 
ATOM   782  S  SG  . CYS A 1 105 ? 0.698   3.726   -6.996  1.00 8.26  ? 105  CYS A SG  1 
ATOM   783  N  N   . HIS A 1 106 ? 2.820   7.696   -8.560  1.00 9.28  ? 106  HIS A N   1 
ATOM   784  C  CA  . HIS A 1 106 ? 3.750   8.824   -8.580  1.00 10.17 ? 106  HIS A CA  1 
ATOM   785  C  C   . HIS A 1 106 ? 3.770   9.464   -9.969  1.00 11.65 ? 106  HIS A C   1 
ATOM   786  O  O   . HIS A 1 106 ? 4.009   8.783   -10.966 1.00 11.29 ? 106  HIS A O   1 
ATOM   787  C  CB  . HIS A 1 106 ? 5.167   8.353   -8.236  1.00 8.47  ? 106  HIS A CB  1 
ATOM   788  C  CG  . HIS A 1 106 ? 5.303   7.745   -6.872  1.00 7.85  ? 106  HIS A CG  1 
ATOM   789  N  ND1 . HIS A 1 106 ? 4.982   8.425   -5.717  1.00 8.33  ? 106  HIS A ND1 1 
ATOM   790  C  CD2 . HIS A 1 106 ? 5.781   6.540   -6.477  1.00 7.55  ? 106  HIS A CD2 1 
ATOM   791  C  CE1 . HIS A 1 106 ? 5.262   7.668   -4.669  1.00 8.23  ? 106  HIS A CE1 1 
ATOM   792  N  NE2 . HIS A 1 106 ? 5.749   6.520   -5.103  1.00 7.04  ? 106  HIS A NE2 1 
ATOM   793  N  N   . SER A 1 107 ? 3.542   10.772  -10.036 1.00 14.47 ? 107  SER A N   1 
ATOM   794  C  CA  . SER A 1 107 ? 3.547   11.474  -11.316 1.00 17.06 ? 107  SER A CA  1 
ATOM   795  C  C   . SER A 1 107 ? 4.946   11.529  -11.928 1.00 18.43 ? 107  SER A C   1 
ATOM   796  O  O   . SER A 1 107 ? 5.925   11.268  -11.198 1.00 18.53 ? 107  SER A O   1 
ATOM   797  C  CB  . SER A 1 107 ? 3.016   12.897  -11.137 1.00 17.62 ? 107  SER A CB  1 
ATOM   798  O  OG  . SER A 1 107 ? 3.828   13.626  -10.235 1.00 20.59 ? 107  SER A OG  1 
ATOM   799  O  OXT . SER A 1 107 ? 5.049   11.841  -13.134 1.00 19.96 ? 107  SER A OXT 1 
HETATM 800  FE FE  . HEC B 2 .   ? 6.424   4.960   -4.076  1.00 8.02  ? 1004 HEC A FE  1 
HETATM 801  C  CHA . HEC B 2 .   ? 6.335   6.877   -1.261  1.00 6.84  ? 1004 HEC A CHA 1 
HETATM 802  C  CHB . HEC B 2 .   ? 9.695   5.657   -4.482  1.00 7.95  ? 1004 HEC A CHB 1 
HETATM 803  C  CHC . HEC B 2 .   ? 6.456   3.122   -6.946  1.00 7.91  ? 1004 HEC A CHC 1 
HETATM 804  C  CHD . HEC B 2 .   ? 3.185   4.062   -3.548  1.00 6.94  ? 1004 HEC A CHD 1 
HETATM 805  N  NA  . HEC B 2 .   ? 7.785   6.204   -3.092  1.00 6.57  ? 1004 HEC A NA  1 
HETATM 806  C  C1A . HEC B 2 .   ? 7.550   6.893   -1.976  1.00 7.70  ? 1004 HEC A C1A 1 
HETATM 807  C  C2A . HEC B 2 .   ? 8.695   7.590   -1.643  1.00 7.53  ? 1004 HEC A C2A 1 
HETATM 808  C  C3A . HEC B 2 .   ? 9.643   7.297   -2.613  1.00 8.31  ? 1004 HEC A C3A 1 
HETATM 809  C  C4A . HEC B 2 .   ? 9.062   6.357   -3.439  1.00 7.65  ? 1004 HEC A C4A 1 
HETATM 810  C  CMA . HEC B 2 .   ? 11.045  7.879   -2.735  1.00 8.70  ? 1004 HEC A CMA 1 
HETATM 811  C  CAA . HEC B 2 .   ? 8.930   8.488   -0.452  1.00 8.45  ? 1004 HEC A CAA 1 
HETATM 812  C  CBA . HEC B 2 .   ? 9.712   7.788   0.640   1.00 9.00  ? 1004 HEC A CBA 1 
HETATM 813  C  CGA . HEC B 2 .   ? 10.174  8.738   1.718   1.00 9.07  ? 1004 HEC A CGA 1 
HETATM 814  O  O1A . HEC B 2 .   ? 10.863  9.722   1.381   1.00 10.61 ? 1004 HEC A O1A 1 
HETATM 815  O  O2A . HEC B 2 .   ? 9.846   8.503   2.899   1.00 11.70 ? 1004 HEC A O2A 1 
HETATM 816  N  NB  . HEC B 2 .   ? 7.886   4.402   -5.490  1.00 7.90  ? 1004 HEC A NB  1 
HETATM 817  C  C1B . HEC B 2 .   ? 9.165   4.730   -5.404  1.00 8.10  ? 1004 HEC A C1B 1 
HETATM 818  C  C2B . HEC B 2 .   ? 9.892   4.028   -6.342  1.00 8.92  ? 1004 HEC A C2B 1 
HETATM 819  C  C3B . HEC B 2 .   ? 8.960   3.304   -7.083  1.00 7.28  ? 1004 HEC A C3B 1 
HETATM 820  C  C4B . HEC B 2 .   ? 7.713   3.595   -6.528  1.00 6.72  ? 1004 HEC A C4B 1 
HETATM 821  C  CMB . HEC B 2 .   ? 11.408  4.076   -6.487  1.00 8.95  ? 1004 HEC A CMB 1 
HETATM 822  C  CAB . HEC B 2 .   ? 9.196   2.422   -8.130  1.00 7.06  ? 1004 HEC A CAB 1 
HETATM 823  C  CBB . HEC B 2 .   ? 9.845   1.151   -7.839  1.00 9.50  ? 1004 HEC A CBB 1 
HETATM 824  N  NC  . HEC B 2 .   ? 5.007   3.834   -5.131  1.00 6.63  ? 1004 HEC A NC  1 
HETATM 825  C  C1C . HEC B 2 .   ? 5.204   3.254   -6.316  1.00 7.38  ? 1004 HEC A C1C 1 
HETATM 826  C  C2C . HEC B 2 .   ? 3.999   2.805   -6.817  1.00 7.20  ? 1004 HEC A C2C 1 
HETATM 827  C  C3C . HEC B 2 .   ? 3.049   3.044   -5.823  1.00 7.56  ? 1004 HEC A C3C 1 
HETATM 828  C  C4C . HEC B 2 .   ? 3.731   3.660   -4.781  1.00 6.55  ? 1004 HEC A C4C 1 
HETATM 829  C  CMC . HEC B 2 .   ? 3.793   2.191   -8.190  1.00 7.54  ? 1004 HEC A CMC 1 
HETATM 830  C  CAC . HEC B 2 .   ? 1.689   2.712   -5.825  1.00 7.16  ? 1004 HEC A CAC 1 
HETATM 831  C  CBC . HEC B 2 .   ? 1.214   1.445   -6.381  1.00 10.50 ? 1004 HEC A CBC 1 
HETATM 832  N  ND  . HEC B 2 .   ? 5.006   5.312   -2.551  1.00 7.05  ? 1004 HEC A ND  1 
HETATM 833  C  C1D . HEC B 2 .   ? 3.768   4.828   -2.527  1.00 7.22  ? 1004 HEC A C1D 1 
HETATM 834  C  C2D . HEC B 2 .   ? 3.147   5.209   -1.362  1.00 6.25  ? 1004 HEC A C2D 1 
HETATM 835  C  C3D . HEC B 2 .   ? 4.021   6.089   -0.730  1.00 7.24  ? 1004 HEC A C3D 1 
HETATM 836  C  C4D . HEC B 2 .   ? 5.165   6.121   -1.511  1.00 6.50  ? 1004 HEC A C4D 1 
HETATM 837  C  CMD . HEC B 2 .   ? 1.776   4.767   -0.878  1.00 7.06  ? 1004 HEC A CMD 1 
HETATM 838  C  CAD . HEC B 2 .   ? 3.775   6.867   0.547   1.00 7.84  ? 1004 HEC A CAD 1 
HETATM 839  C  CBD . HEC B 2 .   ? 3.012   8.158   0.300   1.00 7.43  ? 1004 HEC A CBD 1 
HETATM 840  C  CGD . HEC B 2 .   ? 2.999   9.068   1.509   1.00 7.82  ? 1004 HEC A CGD 1 
HETATM 841  O  O1D . HEC B 2 .   ? 2.470   8.654   2.564   1.00 7.74  ? 1004 HEC A O1D 1 
HETATM 842  O  O2D . HEC B 2 .   ? 3.518   10.202  1.404   1.00 7.52  ? 1004 HEC A O2D 1 
HETATM 843  FE FE  . HEC C 2 .   ? 1.239   -3.657  8.658   1.00 8.25  ? 1002 HEC A FE  1 
HETATM 844  C  CHA . HEC C 2 .   ? 3.344   -6.263  8.402   1.00 8.24  ? 1002 HEC A CHA 1 
HETATM 845  C  CHB . HEC C 2 .   ? 1.230   -3.279  5.287   1.00 6.81  ? 1002 HEC A CHB 1 
HETATM 846  C  CHC . HEC C 2 .   ? -1.184  -1.299  8.925   1.00 8.59  ? 1002 HEC A CHC 1 
HETATM 847  C  CHD . HEC C 2 .   ? 1.657   -3.599  12.025  1.00 8.03  ? 1002 HEC A CHD 1 
HETATM 848  N  NA  . HEC C 2 .   ? 2.155   -4.648  7.053   1.00 7.52  ? 1002 HEC A NA  1 
HETATM 849  C  C1A . HEC C 2 .   ? 2.966   -5.689  7.176   1.00 7.52  ? 1002 HEC A C1A 1 
HETATM 850  C  C2A . HEC C 2 .   ? 3.377   -6.091  5.920   1.00 7.37  ? 1002 HEC A C2A 1 
HETATM 851  C  C3A . HEC C 2 .   ? 2.784   -5.222  5.016   1.00 7.11  ? 1002 HEC A C3A 1 
HETATM 852  C  C4A . HEC C 2 .   ? 2.030   -4.340  5.770   1.00 7.20  ? 1002 HEC A C4A 1 
HETATM 853  C  CMA . HEC C 2 .   ? 2.934   -5.250  3.506   1.00 7.95  ? 1002 HEC A CMA 1 
HETATM 854  C  CAA . HEC C 2 .   ? 4.305   -7.250  5.625   1.00 8.98  ? 1002 HEC A CAA 1 
HETATM 855  C  CBA . HEC C 2 .   ? 5.770   -6.846  5.678   1.00 9.22  ? 1002 HEC A CBA 1 
HETATM 856  C  CGA . HEC C 2 .   ? 6.708   -8.029  5.544   1.00 9.92  ? 1002 HEC A CGA 1 
HETATM 857  O  O1A . HEC C 2 .   ? 6.236   -9.183  5.648   1.00 10.50 ? 1002 HEC A O1A 1 
HETATM 858  O  O2A . HEC C 2 .   ? 7.920   -7.806  5.337   1.00 10.87 ? 1002 HEC A O2A 1 
HETATM 859  N  NB  . HEC C 2 .   ? 0.154   -2.463  7.299   1.00 6.63  ? 1002 HEC A NB  1 
HETATM 860  C  C1B . HEC C 2 .   ? 0.348   -2.426  5.982   1.00 6.43  ? 1002 HEC A C1B 1 
HETATM 861  C  C2B . HEC C 2 .   ? -0.446  -1.437  5.417   1.00 6.32  ? 1002 HEC A C2B 1 
HETATM 862  C  C3B . HEC C 2 .   ? -1.194  -0.897  6.462   1.00 7.14  ? 1002 HEC A C3B 1 
HETATM 863  C  C4B . HEC C 2 .   ? -0.759  -1.552  7.612   1.00 6.94  ? 1002 HEC A C4B 1 
HETATM 864  C  CMB . HEC C 2 .   ? -0.456  -1.049  3.945   1.00 7.29  ? 1002 HEC A CMB 1 
HETATM 865  C  CAB . HEC C 2 .   ? -2.203  0.080   6.412   1.00 5.90  ? 1002 HEC A CAB 1 
HETATM 866  C  CBB . HEC C 2 .   ? -3.271  -0.024  5.422   1.00 8.84  ? 1002 HEC A CBB 1 
HETATM 867  N  NC  . HEC C 2 .   ? 0.335   -2.639  10.253  1.00 7.23  ? 1002 HEC A NC  1 
HETATM 868  C  C1C . HEC C 2 .   ? -0.645  -1.751  10.136  1.00 8.51  ? 1002 HEC A C1C 1 
HETATM 869  C  C2C . HEC C 2 .   ? -1.032  -1.304  11.390  1.00 7.83  ? 1002 HEC A C2C 1 
HETATM 870  C  C3C . HEC C 2 .   ? -0.098  -1.828  12.271  1.00 8.19  ? 1002 HEC A C3C 1 
HETATM 871  C  C4C . HEC C 2 .   ? 0.677   -2.715  11.536  1.00 7.89  ? 1002 HEC A C4C 1 
HETATM 872  C  CMC . HEC C 2 .   ? -2.223  -0.398  11.691  1.00 8.45  ? 1002 HEC A CMC 1 
HETATM 873  C  CAC . HEC C 2 .   ? 0.018   -1.551  13.641  1.00 8.64  ? 1002 HEC A CAC 1 
HETATM 874  C  CBC . HEC C 2 .   ? -1.143  -1.649  14.520  1.00 11.52 ? 1002 HEC A CBC 1 
HETATM 875  N  ND  . HEC C 2 .   ? 2.373   -4.760  10.021  1.00 7.83  ? 1002 HEC A ND  1 
HETATM 876  C  C1D . HEC C 2 .   ? 2.374   -4.598  11.342  1.00 7.76  ? 1002 HEC A C1D 1 
HETATM 877  C  C2D . HEC C 2 .   ? 3.151   -5.585  11.913  1.00 7.17  ? 1002 HEC A C2D 1 
HETATM 878  C  C3D . HEC C 2 .   ? 3.436   -6.470  10.882  1.00 8.59  ? 1002 HEC A C3D 1 
HETATM 879  C  C4D . HEC C 2 .   ? 3.065   -5.842  9.711   1.00 6.84  ? 1002 HEC A C4D 1 
HETATM 880  C  CMD . HEC C 2 .   ? 3.566   -5.694  13.375  1.00 9.69  ? 1002 HEC A CMD 1 
HETATM 881  C  CAD . HEC C 2 .   ? 3.974   -7.879  11.005  1.00 11.56 ? 1002 HEC A CAD 1 
HETATM 882  C  CBD . HEC C 2 .   ? 2.855   -8.855  11.311  1.00 12.14 ? 1002 HEC A CBD 1 
HETATM 883  C  CGD . HEC C 2 .   ? 3.250   -10.306 11.157  1.00 15.95 ? 1002 HEC A CGD 1 
HETATM 884  O  O1D . HEC C 2 .   ? 2.394   -11.170 11.438  1.00 18.00 ? 1002 HEC A O1D 1 
HETATM 885  O  O2D . HEC C 2 .   ? 4.400   -10.587 10.761  1.00 17.35 ? 1002 HEC A O2D 1 
HETATM 886  FE FE  . HEC D 2 .   ? -8.963  0.715   3.676   1.00 8.27  ? 1001 HEC A FE  1 
HETATM 887  C  CHA . HEC D 2 .   ? -7.737  3.600   4.995   1.00 7.17  ? 1001 HEC A CHA 1 
HETATM 888  C  CHB . HEC D 2 .   ? -11.565 0.799   5.819   1.00 8.31  ? 1001 HEC A CHB 1 
HETATM 889  C  CHC . HEC D 2 .   ? -10.292 -2.016  2.165   1.00 7.67  ? 1001 HEC A CHC 1 
HETATM 890  C  CHD . HEC D 2 .   ? -6.077  0.237   1.985   1.00 7.18  ? 1001 HEC A CHD 1 
HETATM 891  N  NA  . HEC D 2 .   ? -9.580  2.045   5.160   1.00 8.21  ? 1001 HEC A NA  1 
HETATM 892  C  C1A . HEC D 2 .   ? -8.945  3.141   5.555   1.00 8.15  ? 1001 HEC A C1A 1 
HETATM 893  C  C2A . HEC D 2 .   ? -9.648  3.713   6.596   1.00 8.38  ? 1001 HEC A C2A 1 
HETATM 894  C  C3A . HEC D 2 .   ? -10.692 2.839   6.892   1.00 8.01  ? 1001 HEC A C3A 1 
HETATM 895  C  C4A . HEC D 2 .   ? -10.634 1.850   5.940   1.00 7.31  ? 1001 HEC A C4A 1 
HETATM 896  C  CMA . HEC D 2 .   ? -11.701 2.934   8.030   1.00 7.52  ? 1001 HEC A CMA 1 
HETATM 897  C  CAA . HEC D 2 .   ? -9.345  5.024   7.291   1.00 10.26 ? 1001 HEC A CAA 1 
HETATM 898  C  CBA . HEC D 2 .   ? -8.231  4.894   8.317   1.00 13.26 ? 1001 HEC A CBA 1 
HETATM 899  C  CGA . HEC D 2 .   ? -8.041  6.161   9.131   1.00 14.81 ? 1001 HEC A CGA 1 
HETATM 900  O  O1A . HEC D 2 .   ? -7.632  7.188   8.548   1.00 16.76 ? 1001 HEC A O1A 1 
HETATM 901  O  O2A . HEC D 2 .   ? -8.305  6.128   10.353  1.00 15.97 ? 1001 HEC A O2A 1 
HETATM 902  N  NB  . HEC D 2 .   ? -10.729 -0.393  3.902   1.00 7.32  ? 1001 HEC A NB  1 
HETATM 903  C  C1B . HEC D 2 .   ? -11.639 -0.216  4.852   1.00 7.93  ? 1001 HEC A C1B 1 
HETATM 904  C  C2B . HEC D 2 .   ? -12.647 -1.158  4.729   1.00 9.47  ? 1001 HEC A C2B 1 
HETATM 905  C  C3B . HEC D 2 .   ? -12.307 -1.936  3.619   1.00 9.57  ? 1001 HEC A C3B 1 
HETATM 906  C  C4B . HEC D 2 .   ? -11.078 -1.465  3.187   1.00 7.68  ? 1001 HEC A C4B 1 
HETATM 907  C  CMB . HEC D 2 .   ? -13.852 -1.287  5.645   1.00 9.01  ? 1001 HEC A CMB 1 
HETATM 908  C  CAB . HEC D 2 .   ? -13.037 -2.960  3.005   1.00 8.75  ? 1001 HEC A CAB 1 
HETATM 909  C  CBB . HEC D 2 .   ? -14.488 -2.913  2.904   1.00 13.63 ? 1001 HEC A CBB 1 
HETATM 910  N  NC  . HEC D 2 .   ? -8.282  -0.674  2.258   1.00 7.50  ? 1001 HEC A NC  1 
HETATM 911  C  C1C . HEC D 2 .   ? -8.991  -1.684  1.758   1.00 6.81  ? 1001 HEC A C1C 1 
HETATM 912  C  C2C . HEC D 2 .   ? -8.241  -2.356  0.810   1.00 8.45  ? 1001 HEC A C2C 1 
HETATM 913  C  C3C . HEC D 2 .   ? -6.962  -1.805  0.870   1.00 7.74  ? 1001 HEC A C3C 1 
HETATM 914  C  C4C . HEC D 2 .   ? -7.072  -0.716  1.723   1.00 7.20  ? 1001 HEC A C4C 1 
HETATM 915  C  CMC . HEC D 2 .   ? -8.761  -3.471  -0.071  1.00 8.13  ? 1001 HEC A CMC 1 
HETATM 916  C  CAC . HEC D 2 .   ? -5.793  -2.194  0.201   1.00 7.10  ? 1001 HEC A CAC 1 
HETATM 917  C  CBC . HEC D 2 .   ? -5.785  -2.717  -1.170  1.00 9.16  ? 1001 HEC A CBC 1 
HETATM 918  N  ND  . HEC D 2 .   ? -7.192  1.802   3.459   1.00 6.61  ? 1001 HEC A ND  1 
HETATM 919  C  C1D . HEC D 2 .   ? -6.143  1.414   2.747   1.00 6.71  ? 1001 HEC A C1D 1 
HETATM 920  C  C2D . HEC D 2 .   ? -5.137  2.347   2.867   1.00 6.72  ? 1001 HEC A C2D 1 
HETATM 921  C  C3D . HEC D 2 .   ? -5.627  3.343   3.695   1.00 6.80  ? 1001 HEC A C3D 1 
HETATM 922  C  C4D . HEC D 2 .   ? -6.896  2.948   4.077   1.00 6.14  ? 1001 HEC A C4D 1 
HETATM 923  C  CMD . HEC D 2 .   ? -3.761  2.292   2.233   1.00 6.38  ? 1001 HEC A CMD 1 
HETATM 924  C  CAD . HEC D 2 .   ? -4.878  4.587   4.128   1.00 7.75  ? 1001 HEC A CAD 1 
HETATM 925  C  CBD . HEC D 2 .   ? -4.313  4.434   5.527   1.00 8.24  ? 1001 HEC A CBD 1 
HETATM 926  C  CGD . HEC D 2 .   ? -3.132  5.339   5.800   1.00 10.00 ? 1001 HEC A CGD 1 
HETATM 927  O  O1D . HEC D 2 .   ? -2.755  6.137   4.915   1.00 12.01 ? 1001 HEC A O1D 1 
HETATM 928  O  O2D . HEC D 2 .   ? -2.581  5.241   6.911   1.00 8.81  ? 1001 HEC A O2D 1 
HETATM 929  FE FE  . HEC E 2 .   ? -3.924  -0.866  -5.963  1.00 8.09  ? 1003 HEC A FE  1 
HETATM 930  C  CHA . HEC E 2 .   ? -5.398  -0.078  -8.898  1.00 7.89  ? 1003 HEC A CHA 1 
HETATM 931  C  CHB . HEC E 2 .   ? -2.865  2.368   -5.626  1.00 6.93  ? 1003 HEC A CHB 1 
HETATM 932  C  CHC . HEC E 2 .   ? -2.485  -1.641  -3.000  1.00 7.61  ? 1003 HEC A CHC 1 
HETATM 933  C  CHD . HEC E 2 .   ? -4.826  -4.122  -6.382  1.00 7.77  ? 1003 HEC A CHD 1 
HETATM 934  N  NA  . HEC E 2 .   ? -4.130  0.903   -7.070  1.00 8.11  ? 1003 HEC A NA  1 
HETATM 935  C  C1A . HEC E 2 .   ? -4.737  0.977   -8.251  1.00 7.19  ? 1003 HEC A C1A 1 
HETATM 936  C  C2A . HEC E 2 .   ? -4.606  2.252   -8.758  1.00 8.31  ? 1003 HEC A C2A 1 
HETATM 937  C  C3A . HEC E 2 .   ? -3.861  2.964   -7.831  1.00 7.96  ? 1003 HEC A C3A 1 
HETATM 938  C  C4A . HEC E 2 .   ? -3.594  2.089   -6.795  1.00 7.56  ? 1003 HEC A C4A 1 
HETATM 939  C  CMA . HEC E 2 .   ? -3.420  4.422   -7.926  1.00 8.34  ? 1003 HEC A CMA 1 
HETATM 940  C  CAA . HEC E 2 .   ? -5.174  2.754   -10.070 1.00 9.20  ? 1003 HEC A CAA 1 
HETATM 941  C  CBA . HEC E 2 .   ? -6.634  3.155   -9.951  1.00 9.24  ? 1003 HEC A CBA 1 
HETATM 942  C  CGA . HEC E 2 .   ? -6.825  4.364   -9.058  1.00 9.01  ? 1003 HEC A CGA 1 
HETATM 943  O  O1A . HEC E 2 .   ? -6.469  5.479   -9.498  1.00 11.80 ? 1003 HEC A O1A 1 
HETATM 944  O  O2A . HEC E 2 .   ? -7.322  4.200   -7.922  1.00 9.96  ? 1003 HEC A O2A 1 
HETATM 945  N  NB  . HEC E 2 .   ? -2.837  0.213   -4.508  1.00 7.01  ? 1003 HEC A NB  1 
HETATM 946  C  C1B . HEC E 2 .   ? -2.506  1.504   -4.567  1.00 7.61  ? 1003 HEC A C1B 1 
HETATM 947  C  C2B . HEC E 2 .   ? -1.755  1.841   -3.450  1.00 6.37  ? 1003 HEC A C2B 1 
HETATM 948  C  C3B . HEC E 2 .   ? -1.675  0.685   -2.669  1.00 7.17  ? 1003 HEC A C3B 1 
HETATM 949  C  C4B . HEC E 2 .   ? -2.344  -0.299  -3.383  1.00 7.86  ? 1003 HEC A C4B 1 
HETATM 950  C  CMB . HEC E 2 .   ? -1.133  3.200   -3.174  1.00 7.93  ? 1003 HEC A CMB 1 
HETATM 951  C  CAB . HEC E 2 .   ? -1.092  0.497   -1.406  1.00 5.30  ? 1003 HEC A CAB 1 
HETATM 952  C  CBB . HEC E 2 .   ? -1.217  1.507   -0.353  1.00 8.04  ? 1003 HEC A CBB 1 
HETATM 953  N  NC  . HEC E 2 .   ? -3.722  -2.629  -4.831  1.00 7.76  ? 1003 HEC A NC  1 
HETATM 954  C  C1C . HEC E 2 .   ? -3.080  -2.724  -3.672  1.00 7.71  ? 1003 HEC A C1C 1 
HETATM 955  C  C2C . HEC E 2 .   ? -3.069  -4.035  -3.233  1.00 8.88  ? 1003 HEC A C2C 1 
HETATM 956  C  C3C . HEC E 2 .   ? -3.696  -4.775  -4.245  1.00 9.07  ? 1003 HEC A C3C 1 
HETATM 957  C  C4C . HEC E 2 .   ? -4.108  -3.853  -5.196  1.00 8.68  ? 1003 HEC A C4C 1 
HETATM 958  C  CMC . HEC E 2 .   ? -2.457  -4.479  -1.907  1.00 9.36  ? 1003 HEC A CMC 1 
HETATM 959  C  CAC . HEC E 2 .   ? -3.913  -6.151  -4.335  1.00 9.00  ? 1003 HEC A CAC 1 
HETATM 960  C  CBC . HEC E 2 .   ? -3.851  -7.068  -3.192  1.00 8.96  ? 1003 HEC A CBC 1 
HETATM 961  N  ND  . HEC E 2 .   ? -5.017  -1.932  -7.397  1.00 7.61  ? 1003 HEC A ND  1 
HETATM 962  C  C1D . HEC E 2 .   ? -5.240  -3.244  -7.398  1.00 8.40  ? 1003 HEC A C1D 1 
HETATM 963  C  C2D . HEC E 2 .   ? -5.926  -3.592  -8.547  1.00 8.99  ? 1003 HEC A C2D 1 
HETATM 964  C  C3D . HEC E 2 .   ? -6.084  -2.422  -9.269  1.00 10.12 ? 1003 HEC A C3D 1 
HETATM 965  C  C4D . HEC E 2 .   ? -5.495  -1.426  -8.521  1.00 8.33  ? 1003 HEC A C4D 1 
HETATM 966  C  CMD . HEC E 2 .   ? -6.390  -4.989  -8.926  1.00 11.05 ? 1003 HEC A CMD 1 
HETATM 967  C  CAD . HEC E 2 .   ? -6.723  -2.222  -10.627 1.00 11.64 ? 1003 HEC A CAD 1 
HETATM 968  C  CBD . HEC E 2 .   ? -5.760  -2.557  -11.756 1.00 13.54 ? 1003 HEC A CBD 1 
HETATM 969  C  CGD . HEC E 2 .   ? -6.053  -1.797  -13.032 1.00 16.94 ? 1003 HEC A CGD 1 
HETATM 970  O  O1D . HEC E 2 .   ? -5.547  -2.211  -14.095 1.00 17.68 ? 1003 HEC A O1D 1 
HETATM 971  O  O2D . HEC E 2 .   ? -6.783  -0.787  -12.974 1.00 20.95 ? 1003 HEC A O2D 1 
HETATM 972  O  O   . HOH F 3 .   ? -10.052 9.886   -6.813  1.00 16.18 ? 1005 HOH A O   1 
HETATM 973  O  O   . HOH F 3 .   ? -1.436  -5.276  4.277   1.00 8.74  ? 1006 HOH A O   1 
HETATM 974  O  O   . HOH F 3 .   ? 6.956   -0.790  -18.494 1.00 10.11 ? 1007 HOH A O   1 
HETATM 975  O  O   . HOH F 3 .   ? -10.220 5.842   -0.519  1.00 8.48  ? 1008 HOH A O   1 
HETATM 976  O  O   . HOH F 3 .   ? 7.053   -2.678  7.313   1.00 7.79  ? 1009 HOH A O   1 
HETATM 977  O  O   . HOH F 3 .   ? 10.700  1.229   5.025   1.00 8.04  ? 1010 HOH A O   1 
HETATM 978  O  O   . HOH F 3 .   ? 6.097   -11.287 -3.543  1.00 11.93 ? 1011 HOH A O   1 
HETATM 979  O  O   . HOH F 3 .   ? -0.498  6.354   7.953   1.00 8.93  ? 1012 HOH A O   1 
HETATM 980  O  O   . HOH F 3 .   ? 5.182   -2.667  13.305  1.00 11.28 ? 1013 HOH A O   1 
HETATM 981  O  O   . HOH F 3 .   ? 4.374   -7.577  -1.979  1.00 8.90  ? 1014 HOH A O   1 
HETATM 982  O  O   . HOH F 3 .   ? -5.476  -5.317  15.827  1.00 15.64 ? 1015 HOH A O   1 
HETATM 983  O  O   . HOH F 3 .   ? -5.852  4.439   -5.579  1.00 9.07  ? 1016 HOH A O   1 
HETATM 984  O  O   . HOH F 3 .   ? -4.838  -0.506  8.664   1.00 7.88  ? 1017 HOH A O   1 
HETATM 985  O  O   . HOH F 3 .   ? -1.089  9.572   -6.458  1.00 9.95  ? 1018 HOH A O   1 
HETATM 986  O  O   . HOH F 3 .   ? -15.906 8.276   -2.734  1.00 11.93 ? 1019 HOH A O   1 
HETATM 987  O  O   . HOH F 3 .   ? -3.274  7.757   -7.127  1.00 13.21 ? 1020 HOH A O   1 
HETATM 988  O  O   . HOH F 3 .   ? -11.963 -1.170  -0.942  1.00 10.64 ? 1021 HOH A O   1 
HETATM 989  O  O   . HOH F 3 .   ? 1.483   -14.711 3.436   1.00 17.24 ? 1022 HOH A O   1 
HETATM 990  O  O   . HOH F 3 .   ? 7.299   -11.255 7.300   1.00 14.58 ? 1023 HOH A O   1 
HETATM 991  O  O   . HOH F 3 .   ? 10.084  4.124   5.304   1.00 7.98  ? 1024 HOH A O   1 
HETATM 992  O  O   . HOH F 3 .   ? -14.438 4.628   -1.609  1.00 8.88  ? 1025 HOH A O   1 
HETATM 993  O  O   . HOH F 3 .   ? -11.627 -11.801 7.946   1.00 16.19 ? 1026 HOH A O   1 
HETATM 994  O  O   . HOH F 3 .   ? 10.884  7.542   11.407  1.00 18.54 ? 1027 HOH A O   1 
HETATM 995  O  O   . HOH F 3 .   ? -17.815 -2.314  5.262   1.00 19.60 ? 1028 HOH A O   1 
HETATM 996  O  O   . HOH F 3 .   ? -0.337  -10.691 12.006  1.00 13.01 ? 1029 HOH A O   1 
HETATM 997  O  O   . HOH F 3 .   ? -5.408  5.561   13.121  1.00 17.21 ? 1030 HOH A O   1 
HETATM 998  O  O   . HOH F 3 .   ? 10.500  -6.032  12.635  1.00 14.15 ? 1031 HOH A O   1 
HETATM 999  O  O   . HOH F 3 .   ? -10.941 -4.038  -7.629  1.00 12.51 ? 1032 HOH A O   1 
HETATM 1000 O  O   . HOH F 3 .   ? 9.472   9.306   -8.027  1.00 25.55 ? 1033 HOH A O   1 
HETATM 1001 O  O   . HOH F 3 .   ? -14.431 8.006   -6.943  1.00 13.20 ? 1034 HOH A O   1 
HETATM 1002 O  O   . HOH F 3 .   ? 4.233   -10.133 -1.008  1.00 9.32  ? 1035 HOH A O   1 
HETATM 1003 O  O   . HOH F 3 .   ? 10.050  -9.429  5.209   1.00 15.71 ? 1036 HOH A O   1 
HETATM 1004 O  O   . HOH F 3 .   ? -15.557 2.088   -1.928  1.00 12.92 ? 1037 HOH A O   1 
HETATM 1005 O  O   . HOH F 3 .   ? 11.253  -6.070  -2.916  1.00 18.85 ? 1038 HOH A O   1 
HETATM 1006 O  O   . HOH F 3 .   ? -12.536 -3.813  -0.357  1.00 11.48 ? 1039 HOH A O   1 
HETATM 1007 O  O   . HOH F 3 .   ? 10.539  9.611   5.157   1.00 15.72 ? 1040 HOH A O   1 
HETATM 1008 O  O   . HOH F 3 .   ? -0.227  7.096   5.237   1.00 10.47 ? 1041 HOH A O   1 
HETATM 1009 O  O   . HOH F 3 .   ? 10.643  -7.914  1.442   1.00 15.37 ? 1042 HOH A O   1 
HETATM 1010 O  O   . HOH F 3 .   ? 5.526   -1.714  17.838  1.00 25.32 ? 1043 HOH A O   1 
HETATM 1011 O  O   . HOH F 3 .   ? -5.722  -4.925  -14.898 1.00 19.78 ? 1044 HOH A O   1 
HETATM 1012 O  O   . HOH F 3 .   ? -0.431  -4.130  1.983   1.00 12.59 ? 1045 HOH A O   1 
HETATM 1013 O  O   . HOH F 3 .   ? -3.393  -6.115  -15.912 1.00 15.22 ? 1046 HOH A O   1 
HETATM 1014 O  O   . HOH F 3 .   ? 10.023  12.167  1.666   1.00 13.31 ? 1047 HOH A O   1 
HETATM 1015 O  O   . HOH F 3 .   ? 7.991   -5.730  -18.766 1.00 23.08 ? 1048 HOH A O   1 
HETATM 1016 O  O   . HOH F 3 .   ? -0.857  9.850   5.414   1.00 14.07 ? 1049 HOH A O   1 
HETATM 1017 O  O   . HOH F 3 .   ? 3.746   10.992  -5.588  1.00 12.69 ? 1050 HOH A O   1 
HETATM 1018 O  O   . HOH F 3 .   ? 12.624  -0.360  2.415   1.00 12.89 ? 1051 HOH A O   1 
HETATM 1019 O  O   . HOH F 3 .   ? -17.706 -0.184  3.492   1.00 16.94 ? 1052 HOH A O   1 
HETATM 1020 O  O   . HOH F 3 .   ? 0.606   -1.850  0.880   1.00 11.89 ? 1053 HOH A O   1 
HETATM 1021 O  O   . HOH F 3 .   ? 0.587   -9.679  15.043  1.00 15.41 ? 1054 HOH A O   1 
HETATM 1022 O  O   . HOH F 3 .   ? 12.115  -7.766  5.643   1.00 19.24 ? 1055 HOH A O   1 
HETATM 1023 O  O   . HOH F 3 .   ? -15.114 0.225   -8.586  1.00 22.79 ? 1056 HOH A O   1 
HETATM 1024 O  O   . HOH F 3 .   ? -2.147  -11.569 13.893  1.00 12.72 ? 1057 HOH A O   1 
HETATM 1025 O  O   . HOH F 3 .   ? 11.444  -0.065  -4.350  1.00 16.00 ? 1058 HOH A O   1 
HETATM 1026 O  O   . HOH F 3 .   ? 10.404  20.058  1.106   1.00 19.06 ? 1059 HOH A O   1 
HETATM 1027 O  O   . HOH F 3 .   ? -0.564  16.154  -2.835  1.00 15.00 ? 1060 HOH A O   1 
HETATM 1028 O  O   . HOH F 3 .   ? 3.478   15.185  2.822   1.00 12.21 ? 1061 HOH A O   1 
HETATM 1029 O  O   . HOH F 3 .   ? 12.600  18.020  5.004   1.00 15.97 ? 1062 HOH A O   1 
HETATM 1030 O  O   . HOH F 3 .   ? 8.132   7.313   -18.833 1.00 19.89 ? 1063 HOH A O   1 
HETATM 1031 O  O   . HOH F 3 .   ? 16.195  -3.326  7.569   1.00 19.65 ? 1064 HOH A O   1 
HETATM 1032 O  O   . HOH F 3 .   ? -7.587  12.726  2.427   1.00 18.77 ? 1065 HOH A O   1 
HETATM 1033 O  O   . HOH F 3 .   ? -5.835  -11.293 6.216   1.00 23.91 ? 1066 HOH A O   1 
HETATM 1034 O  O   . HOH F 3 .   ? 4.514   -7.415  -13.428 1.00 15.05 ? 1067 HOH A O   1 
HETATM 1035 O  O   . HOH F 3 .   ? -18.076 3.830   1.667   1.00 17.08 ? 1068 HOH A O   1 
HETATM 1036 O  O   . HOH F 3 .   ? -3.036  6.757   13.829  1.00 21.60 ? 1069 HOH A O   1 
HETATM 1037 O  O   . HOH F 3 .   ? -7.941  -11.133 7.755   1.00 14.48 ? 1070 HOH A O   1 
HETATM 1038 O  O   . HOH F 3 .   ? -14.604 3.494   -8.875  1.00 22.70 ? 1071 HOH A O   1 
HETATM 1039 O  O   . HOH F 3 .   ? -8.866  -1.447  14.117  1.00 13.08 ? 1072 HOH A O   1 
HETATM 1040 O  O   . HOH F 3 .   ? -11.290 9.769   2.198   1.00 25.88 ? 1073 HOH A O   1 
HETATM 1041 O  O   . HOH F 3 .   ? -8.137  -11.099 4.463   1.00 21.82 ? 1074 HOH A O   1 
HETATM 1042 O  O   . HOH F 3 .   ? 6.779   -7.070  -20.864 1.00 20.27 ? 1075 HOH A O   1 
HETATM 1043 O  O   . HOH F 3 .   ? -5.636  7.798   -8.390  1.00 17.27 ? 1076 HOH A O   1 
HETATM 1044 O  O   . HOH F 3 .   ? 8.839   6.479   4.292   1.00 15.37 ? 1077 HOH A O   1 
HETATM 1045 O  O   . HOH F 3 .   ? 9.872   2.598   -12.868 1.00 17.26 ? 1078 HOH A O   1 
HETATM 1046 O  O   . HOH F 3 .   ? 5.052   -13.323 10.573  1.00 23.50 ? 1079 HOH A O   1 
HETATM 1047 O  O   . HOH F 3 .   ? -2.380  -7.240  0.485   1.00 13.19 ? 1080 HOH A O   1 
HETATM 1048 O  O   . HOH F 3 .   ? -14.335 9.235   3.975   1.00 25.14 ? 1081 HOH A O   1 
HETATM 1049 O  O   . HOH F 3 .   ? 12.645  -1.613  -2.505  1.00 22.86 ? 1082 HOH A O   1 
HETATM 1050 O  O   . HOH F 3 .   ? -8.589  0.806   -11.751 1.00 20.70 ? 1083 HOH A O   1 
HETATM 1051 O  O   . HOH F 3 .   ? 13.625  3.676   -3.236  1.00 24.00 ? 1084 HOH A O   1 
HETATM 1052 O  O   . HOH F 3 .   ? 6.918   -10.760 9.952   1.00 25.57 ? 1085 HOH A O   1 
HETATM 1053 O  O   . HOH F 3 .   ? -6.776  7.585   6.010   1.00 21.45 ? 1086 HOH A O   1 
HETATM 1054 O  O   . HOH F 3 .   ? 7.166   8.456   11.790  1.00 20.14 ? 1087 HOH A O   1 
HETATM 1055 O  O   . HOH F 3 .   ? 0.619   5.845   -15.863 1.00 24.61 ? 1088 HOH A O   1 
HETATM 1056 O  O   . HOH F 3 .   ? -11.658 -8.425  5.714   1.00 14.00 ? 1089 HOH A O   1 
HETATM 1057 O  O   . HOH F 3 .   ? 0.821   0.394   17.814  1.00 20.56 ? 1090 HOH A O   1 
HETATM 1058 O  O   . HOH F 3 .   ? 14.686  -0.377  -1.064  1.00 27.98 ? 1091 HOH A O   1 
HETATM 1059 O  O   . HOH F 3 .   ? 3.120   8.144   13.044  1.00 18.31 ? 1092 HOH A O   1 
HETATM 1060 O  O   . HOH F 3 .   ? -10.359 -1.157  -10.686 1.00 17.28 ? 1093 HOH A O   1 
HETATM 1061 O  O   . HOH F 3 .   ? 1.031   -14.496 -5.720  1.00 22.67 ? 1094 HOH A O   1 
HETATM 1062 O  O   . HOH F 3 .   ? -1.719  -10.578 0.643   1.00 20.65 ? 1095 HOH A O   1 
HETATM 1063 O  O   . HOH F 3 .   ? 19.606  4.838   6.295   1.00 30.85 ? 1096 HOH A O   1 
HETATM 1064 O  O   . HOH F 3 .   ? -21.668 -2.626  11.736  1.00 29.63 ? 1097 HOH A O   1 
HETATM 1065 O  O   . HOH F 3 .   ? 7.475   9.069   -16.354 1.00 24.88 ? 1098 HOH A O   1 
HETATM 1066 O  O   . HOH F 3 .   ? 12.849  9.960   -0.352  1.00 15.55 ? 1099 HOH A O   1 
HETATM 1067 O  O   . HOH F 3 .   ? 14.434  2.609   -0.744  1.00 20.74 ? 1100 HOH A O   1 
HETATM 1068 O  O   . HOH F 3 .   ? 2.603   -3.330  15.622  1.00 16.43 ? 1101 HOH A O   1 
HETATM 1069 O  O   . HOH F 3 .   ? -3.310  -5.286  18.500  1.00 20.81 ? 1102 HOH A O   1 
HETATM 1070 O  O   . HOH F 3 .   ? -3.897  14.191  5.018   1.00 18.93 ? 1103 HOH A O   1 
HETATM 1071 O  O   . HOH F 3 .   ? -11.046 -5.726  13.490  1.00 22.17 ? 1104 HOH A O   1 
HETATM 1072 O  O   . HOH F 3 .   ? -2.443  -1.765  1.019   1.00 11.83 ? 1105 HOH A O   1 
HETATM 1073 O  O   . HOH F 3 .   ? 2.411   16.883  0.675   1.00 13.95 ? 1106 HOH A O   1 
HETATM 1074 O  O   . HOH F 3 .   ? -1.729  13.662  -3.096  1.00 13.65 ? 1107 HOH A O   1 
HETATM 1075 O  O   . HOH F 3 .   ? -16.455 9.005   -5.291  1.00 11.77 ? 1108 HOH A O   1 
HETATM 1076 O  O   . HOH F 3 .   ? -16.824 5.779   -2.117  1.00 12.85 ? 1109 HOH A O   1 
HETATM 1077 O  O   . HOH F 3 .   ? -14.571 -0.338  -0.951  1.00 13.57 ? 1110 HOH A O   1 
HETATM 1078 O  O   . HOH F 3 .   ? -0.665  -13.158 10.777  1.00 13.55 ? 1111 HOH A O   1 
HETATM 1079 O  O   . HOH F 3 .   ? -3.178  17.290  -3.505  1.00 15.41 ? 1112 HOH A O   1 
HETATM 1080 O  O   . HOH F 3 .   ? -0.168  17.062  -0.235  1.00 14.12 ? 1113 HOH A O   1 
HETATM 1081 O  O   . HOH F 3 .   ? 14.549  19.819  4.950   1.00 17.92 ? 1114 HOH A O   1 
HETATM 1082 O  O   . HOH F 3 .   ? -17.913 1.968   -0.347  1.00 16.19 ? 1115 HOH A O   1 
HETATM 1083 O  O   . HOH F 3 .   ? -0.273  8.144   10.090  1.00 16.19 ? 1116 HOH A O   1 
HETATM 1084 O  O   . HOH F 3 .   ? 6.820   -4.290  14.764  1.00 17.23 ? 1117 HOH A O   1 
HETATM 1085 O  O   . HOH F 3 .   ? 7.582   0.385   -16.051 1.00 19.12 ? 1118 HOH A O   1 
HETATM 1086 O  O   . HOH F 3 .   ? -18.126 -0.490  0.722   1.00 16.82 ? 1119 HOH A O   1 
HETATM 1087 O  O   . HOH F 3 .   ? 0.998   16.266  -5.202  1.00 20.80 ? 1120 HOH A O   1 
HETATM 1088 O  O   . HOH F 3 .   ? -9.890  -6.106  -9.332  1.00 17.21 ? 1121 HOH A O   1 
HETATM 1089 O  O   . HOH F 3 .   ? -13.406 -4.226  -8.925  1.00 20.53 ? 1122 HOH A O   1 
HETATM 1090 O  O   . HOH F 3 .   ? 0.709   8.881   14.187  1.00 17.03 ? 1123 HOH A O   1 
HETATM 1091 O  O   . HOH F 3 .   ? -14.146 -7.736  5.307   1.00 19.05 ? 1124 HOH A O   1 
HETATM 1092 O  O   . HOH F 3 .   ? -17.585 10.160  -1.516  1.00 18.61 ? 1125 HOH A O   1 
HETATM 1093 O  O   . HOH F 3 .   ? -20.201 3.737   3.321   1.00 22.59 ? 1126 HOH A O   1 
HETATM 1094 O  O   . HOH F 3 .   ? -1.306  8.269   12.497  1.00 20.03 ? 1127 HOH A O   1 
HETATM 1095 O  O   . HOH F 3 .   ? -6.501  14.759  3.789   1.00 18.68 ? 1128 HOH A O   1 
HETATM 1096 O  O   . HOH F 3 .   ? 9.405   9.862   11.091  1.00 18.16 ? 1129 HOH A O   1 
HETATM 1097 O  O   . HOH F 3 .   ? 5.857   8.564   14.067  1.00 17.78 ? 1130 HOH A O   1 
HETATM 1098 O  O   . HOH F 3 .   ? -7.299  9.760   -8.272  1.00 19.10 ? 1131 HOH A O   1 
HETATM 1099 O  O   . HOH F 3 .   ? -9.271  3.807   11.494  1.00 21.81 ? 1132 HOH A O   1 
HETATM 1100 O  O   . HOH F 3 .   ? 10.492  13.509  3.981   1.00 19.33 ? 1133 HOH A O   1 
HETATM 1101 O  O   . HOH F 3 .   ? 7.521   16.568  -3.711  1.00 20.63 ? 1134 HOH A O   1 
HETATM 1102 O  O   . HOH F 3 .   ? -3.490  -9.522  -0.947  1.00 21.01 ? 1135 HOH A O   1 
HETATM 1103 O  O   . HOH F 3 .   ? 10.473  -10.431 2.729   1.00 18.33 ? 1136 HOH A O   1 
HETATM 1104 O  O   . HOH F 3 .   ? 9.639   -3.979  14.342  1.00 19.61 ? 1137 HOH A O   1 
HETATM 1105 O  O   . HOH F 3 .   ? 6.620   -13.749 7.999   1.00 20.39 ? 1138 HOH A O   1 
HETATM 1106 O  O   . HOH F 3 .   ? 13.976  6.223   -3.643  1.00 24.79 ? 1139 HOH A O   1 
HETATM 1107 O  O   . HOH F 3 .   ? 5.690   9.879   10.011  1.00 22.77 ? 1140 HOH A O   1 
HETATM 1108 O  O   . HOH F 3 .   ? -2.832  -2.986  17.258  1.00 22.56 ? 1141 HOH A O   1 
HETATM 1109 O  O   . HOH F 3 .   ? 9.383   -1.633  -5.360  1.00 24.54 ? 1142 HOH A O   1 
HETATM 1110 O  O   . HOH F 3 .   ? -3.490  -9.045  -8.206  1.00 24.25 ? 1143 HOH A O   1 
HETATM 1111 O  O   . HOH F 3 .   ? 6.027   11.786  8.180   1.00 22.47 ? 1144 HOH A O   1 
HETATM 1112 O  O   . HOH F 3 .   ? 8.631   11.255  6.100   1.00 22.45 ? 1145 HOH A O   1 
HETATM 1113 O  O   . HOH F 3 .   ? -4.355  8.423   4.892   1.00 23.53 ? 1146 HOH A O   1 
HETATM 1114 O  O   . HOH F 3 .   ? 13.336  0.238   -6.369  1.00 21.99 ? 1147 HOH A O   1 
HETATM 1115 O  O   . HOH F 3 .   ? 6.250   6.700   16.060  1.00 24.70 ? 1148 HOH A O   1 
HETATM 1116 O  O   . HOH F 3 .   ? -1.014  -10.692 21.606  1.00 22.52 ? 1149 HOH A O   1 
HETATM 1117 O  O   . HOH F 3 .   ? 7.673   12.176  -14.896 1.00 29.92 ? 1150 HOH A O   1 
HETATM 1118 O  O   . HOH F 3 .   ? 9.903   -11.675 6.771   1.00 24.20 ? 1151 HOH A O   1 
HETATM 1119 O  O   . HOH F 3 .   ? 6.958   -3.916  17.465  1.00 27.31 ? 1152 HOH A O   1 
HETATM 1120 O  O   . HOH F 3 .   ? 8.478   -1.260  -9.990  1.00 24.62 ? 1153 HOH A O   1 
HETATM 1121 O  O   . HOH F 3 .   ? -14.174 -5.189  7.834   1.00 24.71 ? 1154 HOH A O   1 
HETATM 1122 O  O   . HOH F 3 .   ? 7.722   2.469   17.450  1.00 27.37 ? 1155 HOH A O   1 
HETATM 1123 O  O   . HOH F 3 .   ? -4.862  11.457  5.147   1.00 20.82 ? 1156 HOH A O   1 
HETATM 1124 O  O   . HOH F 3 .   ? 7.827   -2.327  -12.706 1.00 27.17 ? 1157 HOH A O   1 
HETATM 1125 O  O   . HOH F 3 .   ? 17.914  -1.866  3.219   1.00 24.82 ? 1158 HOH A O   1 
HETATM 1126 O  O   . HOH F 3 .   ? -8.705  -10.452 -1.450  1.00 27.39 ? 1159 HOH A O   1 
HETATM 1127 O  O   . HOH F 3 .   ? 11.406  12.324  -0.813  1.00 26.11 ? 1160 HOH A O   1 
HETATM 1128 O  O   . HOH F 3 .   ? -9.478  12.268  -5.890  1.00 27.57 ? 1161 HOH A O   1 
HETATM 1129 O  O   . HOH F 3 .   ? 10.847  18.985  6.678   1.00 24.93 ? 1162 HOH A O   1 
HETATM 1130 O  O   . HOH F 3 .   ? 9.490   2.241   -15.387 1.00 25.07 ? 1163 HOH A O   1 
HETATM 1131 O  O   . HOH F 3 .   ? -11.627 -1.445  13.752  1.00 27.79 ? 1164 HOH A O   1 
HETATM 1132 O  O   . HOH F 3 .   ? -8.836  1.267   15.494  1.00 30.72 ? 1165 HOH A O   1 
HETATM 1133 O  O   . HOH F 3 .   ? 1.586   -5.740  19.160  1.00 27.40 ? 1166 HOH A O   1 
HETATM 1134 O  O   . HOH F 3 .   ? 5.726   12.786  -6.040  1.00 22.79 ? 1167 HOH A O   1 
HETATM 1135 O  O   . HOH F 3 .   ? -0.417  12.520  -5.194  1.00 25.67 ? 1168 HOH A O   1 
HETATM 1136 O  O   . HOH F 3 .   ? 17.810  1.849   7.362   1.00 28.56 ? 1169 HOH A O   1 
HETATM 1137 O  O   . HOH F 3 .   ? -7.096  5.840   -12.253 1.00 26.24 ? 1170 HOH A O   1 
HETATM 1138 O  O   . HOH F 3 .   ? 3.564   10.353  11.754  1.00 26.58 ? 1171 HOH A O   1 
HETATM 1139 O  O   . HOH F 3 .   ? 6.952   -8.528  -12.814 1.00 26.76 ? 1172 HOH A O   1 
HETATM 1140 O  O   . HOH F 3 .   ? 0.900   -12.214 -12.926 1.00 27.24 ? 1173 HOH A O   1 
HETATM 1141 O  O   . HOH F 3 .   ? 1.459   2.705   -19.503 1.00 28.79 ? 1174 HOH A O   1 
HETATM 1142 O  O   . HOH F 3 .   ? 9.881   3.590   14.200  1.00 29.30 ? 1175 HOH A O   1 
HETATM 1143 O  O   . HOH F 3 .   ? -8.554  -3.964  15.381  1.00 25.79 ? 1176 HOH A O   1 
HETATM 1144 O  O   . HOH F 3 .   ? 15.057  -5.811  8.689   1.00 28.00 ? 1177 HOH A O   1 
HETATM 1145 O  O   . HOH F 3 .   ? -1.775  12.683  -0.627  1.00 12.02 ? 1178 HOH A O   1 
HETATM 1146 O  O   . HOH F 3 .   ? 1.178   13.371  10.463  1.00 27.74 ? 1179 HOH A O   1 
HETATM 1147 O  O   . HOH F 3 .   ? 3.337   -10.221 -6.291  1.00 25.79 ? 1180 HOH A O   1 
HETATM 1148 O  O   . HOH F 3 .   ? 2.412   12.523  -7.830  1.00 29.13 ? 1181 HOH A O   1 
HETATM 1149 O  O   . HOH F 3 .   ? 12.412  0.020   12.798  1.00 23.33 ? 1182 HOH A O   1 
HETATM 1150 O  O   . HOH F 3 .   ? 5.718   -9.872  -5.832  1.00 24.74 ? 1183 HOH A O   1 
HETATM 1151 O  O   . HOH F 3 .   ? -19.265 0.714   11.313  1.00 26.49 ? 1184 HOH A O   1 
HETATM 1152 O  O   . HOH F 3 .   ? -15.856 -10.177 4.571   1.00 27.14 ? 1185 HOH A O   1 
HETATM 1153 O  O   . HOH F 3 .   ? -14.485 7.254   -9.507  1.00 26.34 ? 1186 HOH A O   1 
HETATM 1154 O  O   . HOH F 3 .   ? 9.691   -2.596  -8.066  1.00 21.84 ? 1187 HOH A O   1 
HETATM 1155 O  O   . HOH F 3 .   ? -15.985 -6.142  6.277   1.00 22.81 ? 1188 HOH A O   1 
HETATM 1156 O  O   . HOH F 3 .   ? 11.796  -2.134  14.109  1.00 24.64 ? 1189 HOH A O   1 
HETATM 1157 O  O   . HOH F 3 .   ? -8.087  -8.039  -8.443  1.00 20.80 ? 1190 HOH A O   1 
HETATM 1158 O  O   . HOH F 3 .   ? -5.875  -8.019  -6.713  1.00 16.29 ? 1191 HOH A O   1 
HETATM 1159 O  O   . HOH F 3 .   ? -6.066  -9.905  -4.742  1.00 25.49 ? 1192 HOH A O   1 
HETATM 1160 O  O   . HOH F 3 .   ? -3.489  -10.649 -3.399  1.00 21.82 ? 1193 HOH A O   1 
HETATM 1161 O  O   . HOH F 3 .   ? -2.102  -10.323 -5.849  1.00 23.63 ? 1194 HOH A O   1 
HETATM 1162 O  O   . HOH F 3 .   ? -16.800 0.822   -4.159  1.00 18.44 ? 1195 HOH A O   1 
HETATM 1163 O  O   . HOH F 3 .   ? -17.336 1.042   -7.175  1.00 24.28 ? 1196 HOH A O   1 
HETATM 1164 O  O   . HOH F 3 .   ? -1.387  11.934  8.359   1.00 23.06 ? 1197 HOH A O   1 
HETATM 1165 O  O   . HOH F 3 .   ? 8.857   18.089  5.270   1.00 24.06 ? 1198 HOH A O   1 
HETATM 1166 O  O   . HOH F 3 .   ? -7.407  10.308  6.000   1.00 24.61 ? 1199 HOH A O   1 
HETATM 1167 O  O   . HOH F 3 .   ? -4.207  14.863  -3.459  1.00 24.47 ? 1200 HOH A O   1 
HETATM 1168 O  O   . HOH F 3 .   ? 7.212   15.255  4.339   1.00 24.78 ? 1201 HOH A O   1 
HETATM 1169 O  O   . HOH F 3 .   ? 9.428   6.877   16.287  1.00 26.01 ? 1202 HOH A O   1 
HETATM 1170 O  O   . HOH F 3 .   ? 11.640  -0.283  -10.950 1.00 23.09 ? 1203 HOH A O   1 
HETATM 1171 O  O   . HOH F 3 .   ? 17.503  9.220   -2.903  1.00 25.35 ? 1204 HOH A O   1 
HETATM 1172 O  O   . HOH F 3 .   ? 6.834   -9.410  -16.836 1.00 23.39 ? 1205 HOH A O   1 
HETATM 1173 O  O   . HOH F 3 .   ? -14.692 5.047   7.377   1.00 23.32 ? 1206 HOH A O   1 
HETATM 1174 O  O   . HOH F 3 .   ? 15.012  2.155   -5.230  1.00 23.57 ? 1207 HOH A O   1 
HETATM 1175 O  O   . HOH F 3 .   ? -12.994 -3.942  13.050  1.00 22.32 ? 1208 HOH A O   1 
HETATM 1176 O  O   . HOH F 3 .   ? -6.496  -7.932  -10.791 1.00 23.15 ? 1209 HOH A O   1 
HETATM 1177 O  O   . HOH F 3 .   ? -4.314  -9.480  -14.452 1.00 23.81 ? 1210 HOH A O   1 
HETATM 1178 O  O   . HOH F 3 .   ? -9.297  -5.285  -11.976 1.00 21.56 ? 1211 HOH A O   1 
HETATM 1179 O  O   . HOH F 3 .   ? 5.912   3.527   19.821  1.00 23.61 ? 1212 HOH A O   1 
# 
